data_7XBG
#
_entry.id   7XBG
#
_cell.length_a   81.127
_cell.length_b   121.435
_cell.length_c   110.488
_cell.angle_alpha   90.000
_cell.angle_beta   92.010
_cell.angle_gamma   90.000
#
_symmetry.space_group_name_H-M   'P 1 21 1'
#
loop_
_entity.id
_entity.type
_entity.pdbx_description
1 polymer 'Processed angiotensin-converting enzyme 2'
2 polymer 'RshSTT182/200 coronavirus receptor binding domain insert2 mutant'
3 branched 2-acetamido-2-deoxy-beta-D-glucopyranose-(1-4)-2-acetamido-2-deoxy-beta-D-glucopyranose
4 non-polymer 2-acetamido-2-deoxy-beta-D-glucopyranose
5 non-polymer 'ZINC ION'
#
loop_
_entity_poly.entity_id
_entity_poly.type
_entity_poly.pdbx_seq_one_letter_code
_entity_poly.pdbx_strand_id
1 'polypeptide(L)'
;QSTIEEQAKTFLDKFNHEAEDLFYQSSLASWNYNTNITEENVQNMNNAGDKWSAFLKEQSTLAQMYPLQEIQNLTVKLQL
QALQQNGSSVLSEDKSKRLNTILNTMSTIYSTGKVCNPDNPQECLLLEPGLNEIMANSLDYNERLWAWESWRSEVGKQLR
PLYEEYVVLKNEMARANHYEDYGDYWRGDYEVNGVDGYDYSRGQLIEDVEHTFEEIKPLYEHLHAYVRAKLMNAYPSYIS
PIGCLPAHLLGDMWGRFWTNLYSLTVPFGQKPNIDVTDAMVDQAWDAQRIFKEAEKFFVSVGLPNMTQGFWENSMLTDPG
NVQKAVCHPTAWDLGKGDFRILMCTKVTMDDFLTAHHEMGHIQYDMAYAAQPFLLRNGANEGFHEAVGEIMSLSAATPKH
LKSIGLLSPDFQEDNETEINFLLKQALTIVGTLPFTYMLEKWRWMVFKGEIPKDQWMKKWWEMKREIVGVVEPVPHDETY
CDPASLFHVSNDYSFIRYYTRTLYQFQFQEALCQAAKHEGPLHKCDISNSTEAGQKLFNMLRLGKSEPWTLALENVVGAK
NMNVRPLLNYFEPLFTWLKDQNKNSFVGWSTDWSPYAD
;
A,C
2 'polypeptide(L)'
;MYRMQLLSCIALSLALVTNSRTSPTTQVVRFPNITNLCPFGEVFNATRFASVYAWNRRRISNCVADYSVLYNTTSFSTFK
CYGVSPTKLNDLCFTNVYADSFVVRGDEVRQIAPGQTGKIADYNYKLPDDFMGCVIAWNSISLDAKVGGNYNYYYRLFRK
SVLKPFERDISTQLYQAGDKPCSVEGPDCYYPLQSYGFQSTNGVGYQPYRVVVLSFELLNAPATVCGPKKSTHLVVNKCV
NF
;
B,D
#
loop_
_chem_comp.id
_chem_comp.type
_chem_comp.name
_chem_comp.formula
NAG D-saccharide, beta linking 2-acetamido-2-deoxy-beta-D-glucopyranose 'C8 H15 N O6'
ZN non-polymer 'ZINC ION' 'Zn 2'
#
# COMPACT_ATOMS: atom_id res chain seq x y z
N SER A 2 -10.66 -15.40 27.97
CA SER A 2 -9.77 -14.48 28.67
C SER A 2 -10.21 -13.03 28.45
N THR A 3 -9.53 -12.10 29.11
CA THR A 3 -9.89 -10.70 29.02
C THR A 3 -9.28 -10.08 27.76
N ILE A 4 -9.83 -8.91 27.38
CA ILE A 4 -9.31 -8.18 26.23
C ILE A 4 -8.06 -7.38 26.60
N GLU A 5 -7.89 -7.01 27.87
CA GLU A 5 -6.66 -6.35 28.29
C GLU A 5 -5.47 -7.29 28.17
N GLU A 6 -5.61 -8.53 28.65
CA GLU A 6 -4.57 -9.53 28.47
C GLU A 6 -4.37 -9.85 27.00
N GLN A 7 -5.47 -9.87 26.23
CA GLN A 7 -5.38 -10.06 24.79
C GLN A 7 -4.58 -8.93 24.14
N ALA A 8 -4.55 -7.76 24.78
CA ALA A 8 -3.76 -6.64 24.27
C ALA A 8 -2.36 -6.59 24.87
N LYS A 9 -2.17 -7.14 26.07
CA LYS A 9 -0.82 -7.27 26.62
C LYS A 9 0.03 -8.18 25.75
N THR A 10 -0.52 -9.35 25.39
CA THR A 10 0.17 -10.28 24.50
C THR A 10 0.21 -9.81 23.07
N PHE A 11 -0.37 -8.65 22.76
CA PHE A 11 -0.18 -7.99 21.48
C PHE A 11 1.01 -7.04 21.52
N LEU A 12 1.13 -6.25 22.58
CA LEU A 12 2.28 -5.37 22.75
C LEU A 12 3.56 -6.17 22.93
N ASP A 13 3.48 -7.32 23.61
CA ASP A 13 4.65 -8.18 23.75
C ASP A 13 5.13 -8.68 22.40
N LYS A 14 4.19 -9.11 21.54
CA LYS A 14 4.55 -9.45 20.17
C LYS A 14 5.06 -8.23 19.43
N PHE A 15 4.49 -7.05 19.72
CA PHE A 15 4.95 -5.83 19.08
C PHE A 15 6.37 -5.47 19.51
N ASN A 16 6.61 -5.38 20.82
CA ASN A 16 7.89 -4.87 21.33
C ASN A 16 9.05 -5.70 20.80
N HIS A 17 8.97 -7.02 20.92
CA HIS A 17 10.08 -7.86 20.50
C HIS A 17 10.27 -7.83 18.99
N GLU A 18 9.18 -7.81 18.23
CA GLU A 18 9.26 -7.81 16.77
C GLU A 18 9.53 -6.43 16.19
N ALA A 19 9.41 -5.37 16.99
CA ALA A 19 9.59 -4.01 16.47
C ALA A 19 11.03 -3.51 16.56
N GLU A 20 11.78 -3.95 17.57
CA GLU A 20 13.07 -3.34 17.85
C GLU A 20 14.03 -3.49 16.67
N ASP A 21 14.16 -4.70 16.13
CA ASP A 21 15.09 -4.92 15.03
C ASP A 21 14.67 -4.12 13.80
N LEU A 22 13.39 -3.80 13.72
CA LEU A 22 12.99 -2.93 12.60
C LEU A 22 13.41 -1.51 12.91
N PHE A 23 13.07 -1.01 14.10
CA PHE A 23 13.41 0.40 14.39
C PHE A 23 14.91 0.53 14.28
N TYR A 24 15.61 -0.45 14.83
CA TYR A 24 17.08 -0.39 14.83
C TYR A 24 17.56 -0.39 13.39
N GLN A 25 16.94 -1.20 12.56
CA GLN A 25 17.42 -1.29 11.18
C GLN A 25 17.23 0.10 10.56
N SER A 26 16.08 0.72 10.85
CA SER A 26 15.90 2.11 10.37
C SER A 26 17.04 2.91 10.94
N SER A 27 17.30 2.73 12.23
CA SER A 27 18.33 3.55 12.89
C SER A 27 19.68 3.34 12.21
N LEU A 28 20.16 2.11 12.14
CA LEU A 28 21.49 1.88 11.59
C LEU A 28 21.65 2.56 10.24
N ALA A 29 20.66 2.39 9.36
CA ALA A 29 20.69 3.07 8.07
C ALA A 29 20.59 4.59 8.24
N SER A 30 19.74 5.04 9.17
CA SER A 30 19.64 6.47 9.43
C SER A 30 20.96 7.03 9.96
N TRP A 31 21.64 6.27 10.83
CA TRP A 31 22.96 6.66 11.26
C TRP A 31 23.95 6.67 10.10
N ASN A 32 23.88 5.65 9.24
CA ASN A 32 24.81 5.54 8.13
C ASN A 32 24.61 6.62 7.07
N TYR A 33 23.49 7.33 7.07
CA TYR A 33 23.35 8.48 6.19
C TYR A 33 23.84 9.77 6.86
N ASN A 34 23.40 10.03 8.08
CA ASN A 34 23.77 11.26 8.76
C ASN A 34 25.28 11.36 8.95
N THR A 35 25.95 10.22 9.08
CA THR A 35 27.41 10.19 9.16
C THR A 35 28.07 9.97 7.80
N ASN A 36 27.30 9.74 6.75
CA ASN A 36 27.87 9.43 5.44
C ASN A 36 26.80 9.77 4.40
N ILE A 37 26.95 10.93 3.75
CA ILE A 37 25.94 11.43 2.82
C ILE A 37 26.19 10.80 1.44
N THR A 38 25.35 9.86 1.05
CA THR A 38 25.42 9.24 -0.27
C THR A 38 24.01 9.00 -0.81
N GLU A 39 23.90 8.98 -2.14
CA GLU A 39 22.65 8.59 -2.77
C GLU A 39 22.33 7.11 -2.57
N GLU A 40 23.35 6.28 -2.34
CA GLU A 40 23.10 4.90 -1.96
C GLU A 40 22.48 4.81 -0.57
N ASN A 41 22.93 5.65 0.36
CA ASN A 41 22.48 5.58 1.74
C ASN A 41 21.20 6.36 2.00
N VAL A 42 20.82 7.30 1.14
CA VAL A 42 19.50 7.89 1.28
C VAL A 42 18.42 6.88 0.94
N GLN A 43 18.67 6.04 -0.07
CA GLN A 43 17.72 4.98 -0.42
C GLN A 43 17.64 3.95 0.70
N ASN A 44 18.78 3.51 1.22
CA ASN A 44 18.79 2.51 2.29
C ASN A 44 18.08 3.04 3.53
N MET A 45 18.33 4.30 3.90
CA MET A 45 17.67 4.88 5.05
C MET A 45 16.15 4.97 4.84
N ASN A 46 15.72 5.36 3.64
CA ASN A 46 14.29 5.52 3.39
C ASN A 46 13.58 4.17 3.31
N ASN A 47 14.23 3.16 2.74
CA ASN A 47 13.62 1.84 2.66
C ASN A 47 13.32 1.28 4.04
N ALA A 48 14.32 1.32 4.94
CA ALA A 48 14.11 0.86 6.30
C ALA A 48 13.13 1.77 7.05
N GLY A 49 13.09 3.06 6.69
CA GLY A 49 12.07 3.93 7.26
C GLY A 49 10.68 3.57 6.79
N ASP A 50 10.54 3.21 5.51
CA ASP A 50 9.24 2.81 4.99
C ASP A 50 8.78 1.48 5.58
N LYS A 51 9.70 0.50 5.65
CA LYS A 51 9.35 -0.78 6.26
C LYS A 51 8.98 -0.60 7.73
N TRP A 52 9.70 0.28 8.43
CA TRP A 52 9.33 0.62 9.80
C TRP A 52 7.96 1.30 9.83
N SER A 53 7.69 2.19 8.87
CA SER A 53 6.39 2.84 8.79
C SER A 53 5.30 1.82 8.47
N ALA A 54 5.58 0.87 7.58
CA ALA A 54 4.61 -0.17 7.27
C ALA A 54 4.31 -1.02 8.50
N PHE A 55 5.34 -1.33 9.29
CA PHE A 55 5.11 -2.07 10.53
C PHE A 55 4.24 -1.25 11.49
N LEU A 56 4.44 0.07 11.52
CA LEU A 56 3.57 0.92 12.33
C LEU A 56 2.13 0.86 11.85
N LYS A 57 1.92 1.02 10.54
CA LYS A 57 0.56 1.04 9.99
C LYS A 57 -0.15 -0.28 10.23
N GLU A 58 0.54 -1.40 9.97
CA GLU A 58 -0.10 -2.71 10.12
C GLU A 58 -0.35 -3.04 11.59
N GLN A 59 0.58 -2.67 12.47
CA GLN A 59 0.40 -2.92 13.89
C GLN A 59 -0.33 -1.80 14.61
N SER A 60 -0.68 -0.72 13.91
CA SER A 60 -1.60 0.26 14.45
C SER A 60 -3.05 -0.13 14.18
N THR A 61 -3.33 -0.63 12.97
CA THR A 61 -4.67 -1.11 12.66
C THR A 61 -5.04 -2.30 13.54
N LEU A 62 -4.10 -3.22 13.75
CA LEU A 62 -4.35 -4.33 14.65
C LEU A 62 -4.53 -3.88 16.09
N ALA A 63 -3.99 -2.71 16.45
CA ALA A 63 -4.18 -2.17 17.79
C ALA A 63 -5.55 -1.54 18.00
N GLN A 64 -6.23 -1.13 16.92
CA GLN A 64 -7.54 -0.51 17.08
C GLN A 64 -8.56 -1.49 17.63
N MET A 65 -8.45 -2.77 17.24
CA MET A 65 -9.43 -3.77 17.66
C MET A 65 -9.53 -3.86 19.18
N TYR A 66 -8.41 -3.67 19.88
CA TYR A 66 -8.44 -3.68 21.34
C TYR A 66 -8.92 -2.34 21.85
N PRO A 67 -10.02 -2.27 22.60
CA PRO A 67 -10.52 -0.99 23.09
C PRO A 67 -9.79 -0.54 24.34
N LEU A 68 -9.47 0.76 24.38
CA LEU A 68 -8.76 1.30 25.54
C LEU A 68 -9.65 1.32 26.78
N GLN A 69 -10.95 1.59 26.60
CA GLN A 69 -11.83 1.79 27.74
C GLN A 69 -11.92 0.54 28.62
N GLU A 70 -11.70 -0.63 28.05
CA GLU A 70 -11.70 -1.86 28.85
C GLU A 70 -10.41 -2.03 29.65
N ILE A 71 -9.29 -1.48 29.15
CA ILE A 71 -8.00 -1.68 29.81
C ILE A 71 -7.94 -0.84 31.07
N GLN A 72 -7.50 -1.45 32.17
CA GLN A 72 -7.36 -0.78 33.45
C GLN A 72 -5.93 -0.50 33.85
N ASN A 73 -5.00 -1.41 33.53
CA ASN A 73 -3.58 -1.17 33.78
C ASN A 73 -3.12 0.04 32.99
N LEU A 74 -2.79 1.12 33.70
CA LEU A 74 -2.60 2.42 33.03
C LEU A 74 -1.36 2.44 32.17
N THR A 75 -0.28 1.78 32.62
CA THR A 75 0.94 1.73 31.80
C THR A 75 0.69 1.00 30.49
N VAL A 76 -0.15 -0.03 30.51
CA VAL A 76 -0.56 -0.69 29.27
C VAL A 76 -1.38 0.27 28.41
N LYS A 77 -2.21 1.09 29.04
CA LYS A 77 -3.09 2.00 28.31
C LYS A 77 -2.28 3.00 27.49
N LEU A 78 -1.19 3.53 28.05
CA LEU A 78 -0.37 4.49 27.33
C LEU A 78 0.22 3.89 26.07
N GLN A 79 0.77 2.68 26.18
CA GLN A 79 1.40 2.03 25.04
C GLN A 79 0.38 1.71 23.94
N LEU A 80 -0.79 1.21 24.32
CA LEU A 80 -1.86 1.01 23.35
C LEU A 80 -2.32 2.33 22.75
N GLN A 81 -2.38 3.38 23.57
CA GLN A 81 -2.83 4.69 23.10
C GLN A 81 -1.92 5.22 22.01
N ALA A 82 -0.61 5.15 22.22
CA ALA A 82 0.33 5.62 21.21
C ALA A 82 0.26 4.77 19.94
N LEU A 83 0.18 3.45 20.09
CA LEU A 83 0.17 2.57 18.93
C LEU A 83 -1.15 2.62 18.17
N GLN A 84 -2.24 3.02 18.83
CA GLN A 84 -3.53 3.16 18.15
C GLN A 84 -3.67 4.48 17.41
N GLN A 85 -2.73 5.42 17.60
CA GLN A 85 -2.87 6.73 16.98
C GLN A 85 -2.64 6.65 15.49
N ASN A 86 -3.59 7.17 14.71
CA ASN A 86 -3.44 7.28 13.27
C ASN A 86 -2.56 8.48 12.97
N GLY A 87 -1.36 8.25 12.47
CA GLY A 87 -0.45 9.33 12.17
C GLY A 87 -0.70 9.87 10.78
N SER A 88 0.34 9.89 9.94
CA SER A 88 0.14 10.24 8.53
C SER A 88 -0.75 9.25 7.79
N SER A 89 -1.20 8.17 8.44
CA SER A 89 -2.12 7.23 7.80
C SER A 89 -3.43 7.89 7.38
N VAL A 90 -3.88 8.91 8.12
CA VAL A 90 -5.08 9.63 7.74
C VAL A 90 -4.90 10.38 6.42
N LEU A 91 -3.65 10.60 6.01
CA LEU A 91 -3.37 11.24 4.73
C LEU A 91 -3.38 10.20 3.62
N SER A 92 -4.03 10.54 2.51
CA SER A 92 -4.05 9.67 1.34
C SER A 92 -2.67 9.61 0.71
N GLU A 93 -2.51 8.70 -0.26
CA GLU A 93 -1.25 8.60 -0.98
C GLU A 93 -0.92 9.90 -1.70
N ASP A 94 -1.94 10.67 -2.08
CA ASP A 94 -1.71 11.98 -2.66
C ASP A 94 -1.05 12.93 -1.66
N LYS A 95 -1.52 12.90 -0.41
CA LYS A 95 -1.08 13.87 0.59
C LYS A 95 0.23 13.45 1.24
N SER A 96 0.32 12.19 1.68
CA SER A 96 1.49 11.75 2.44
C SER A 96 2.77 11.81 1.61
N LYS A 97 2.67 11.59 0.29
CA LYS A 97 3.86 11.64 -0.55
C LYS A 97 4.38 13.07 -0.66
N ARG A 98 3.51 14.03 -1.01
CA ARG A 98 3.94 15.42 -1.14
C ARG A 98 4.42 15.97 0.20
N LEU A 99 3.76 15.59 1.29
CA LEU A 99 4.21 16.01 2.62
C LEU A 99 5.63 15.53 2.90
N ASN A 100 5.88 14.24 2.66
CA ASN A 100 7.23 13.71 2.85
C ASN A 100 8.20 14.30 1.83
N THR A 101 7.74 14.49 0.59
CA THR A 101 8.59 15.10 -0.43
C THR A 101 8.97 16.52 -0.05
N ILE A 102 8.01 17.30 0.46
CA ILE A 102 8.30 18.66 0.90
C ILE A 102 9.25 18.64 2.09
N LEU A 103 9.00 17.76 3.05
CA LEU A 103 9.82 17.72 4.26
C LEU A 103 11.26 17.35 3.94
N ASN A 104 11.47 16.42 3.01
CA ASN A 104 12.82 16.09 2.57
C ASN A 104 13.45 17.26 1.81
N THR A 105 12.67 17.91 0.95
CA THR A 105 13.21 19.01 0.15
C THR A 105 13.65 20.18 1.02
N MET A 106 12.83 20.55 2.01
CA MET A 106 13.20 21.65 2.88
C MET A 106 14.41 21.30 3.74
N SER A 107 14.58 20.03 4.09
CA SER A 107 15.76 19.60 4.83
C SER A 107 17.01 19.67 3.95
N THR A 108 16.89 19.27 2.68
CA THR A 108 18.04 19.25 1.80
C THR A 108 18.48 20.66 1.41
N ILE A 109 17.52 21.56 1.19
CA ILE A 109 17.87 22.95 0.92
C ILE A 109 18.61 23.55 2.12
N TYR A 110 18.12 23.27 3.33
CA TYR A 110 18.84 23.68 4.53
C TYR A 110 20.19 22.99 4.62
N SER A 111 20.24 21.70 4.29
CA SER A 111 21.50 20.98 4.34
C SER A 111 22.49 21.48 3.29
N THR A 112 22.02 21.70 2.07
CA THR A 112 22.86 22.13 0.96
C THR A 112 22.80 23.64 0.73
N GLY A 113 22.64 24.41 1.79
CA GLY A 113 22.50 25.84 1.65
C GLY A 113 23.83 26.58 1.55
N LYS A 114 24.22 26.93 0.33
CA LYS A 114 25.41 27.71 0.08
C LYS A 114 25.05 29.13 -0.32
N VAL A 115 25.91 30.07 0.03
CA VAL A 115 25.76 31.47 -0.34
C VAL A 115 27.01 31.88 -1.10
N CYS A 116 26.83 32.35 -2.33
CA CYS A 116 27.94 32.77 -3.16
C CYS A 116 28.30 34.22 -2.86
N ASN A 117 29.59 34.49 -2.76
CA ASN A 117 30.06 35.87 -2.60
C ASN A 117 29.69 36.67 -3.84
N PRO A 118 29.07 37.85 -3.69
CA PRO A 118 28.67 38.62 -4.88
C PRO A 118 29.83 38.94 -5.81
N ASP A 119 31.04 39.08 -5.27
CA ASP A 119 32.25 39.10 -6.07
C ASP A 119 32.89 37.72 -6.02
N ASN A 120 33.33 37.22 -7.18
CA ASN A 120 33.79 35.85 -7.33
C ASN A 120 32.66 34.88 -6.96
N PRO A 121 31.65 34.74 -7.82
CA PRO A 121 30.51 33.86 -7.48
C PRO A 121 30.89 32.41 -7.29
N GLN A 122 32.01 31.95 -7.85
CA GLN A 122 32.43 30.56 -7.66
C GLN A 122 32.75 30.25 -6.20
N GLU A 123 33.04 31.28 -5.40
CA GLU A 123 33.29 31.09 -3.97
C GLU A 123 31.95 31.02 -3.25
N CYS A 124 31.62 29.85 -2.70
CA CYS A 124 30.36 29.63 -2.01
C CYS A 124 30.64 29.23 -0.56
N LEU A 125 29.97 29.90 0.37
CA LEU A 125 30.08 29.61 1.79
C LEU A 125 28.82 28.89 2.27
N LEU A 126 29.00 27.84 3.06
CA LEU A 126 27.91 27.01 3.52
C LEU A 126 27.69 27.25 5.01
N LEU A 127 26.44 27.14 5.44
CA LEU A 127 26.05 27.59 6.77
C LEU A 127 26.80 26.86 7.89
N GLU A 128 27.13 25.57 7.70
CA GLU A 128 27.74 24.83 8.79
C GLU A 128 29.22 25.19 8.97
N PRO A 129 30.13 24.94 7.99
CA PRO A 129 31.54 25.25 8.22
C PRO A 129 31.79 26.75 8.35
N GLY A 130 31.42 27.49 7.30
CA GLY A 130 31.42 28.93 7.32
C GLY A 130 30.03 29.48 7.60
N LEU A 131 29.86 30.77 7.34
CA LEU A 131 28.57 31.45 7.46
C LEU A 131 27.95 31.31 8.85
N ASN A 132 28.68 30.72 9.77
CA ASN A 132 28.40 30.58 11.20
C ASN A 132 29.55 31.10 12.03
N GLU A 133 30.79 30.89 11.58
CA GLU A 133 31.92 31.64 12.10
C GLU A 133 31.78 33.12 11.79
N ILE A 134 31.28 33.45 10.59
CA ILE A 134 31.02 34.84 10.25
C ILE A 134 29.93 35.41 11.14
N MET A 135 28.91 34.61 11.45
CA MET A 135 27.79 35.04 12.28
C MET A 135 28.01 34.80 13.76
N ALA A 136 29.24 34.47 14.17
CA ALA A 136 29.55 34.34 15.59
C ALA A 136 30.85 35.00 16.02
N ASN A 137 31.73 35.40 15.11
CA ASN A 137 33.02 35.97 15.49
C ASN A 137 33.24 37.33 14.85
N SER A 138 32.62 37.57 13.70
CA SER A 138 32.87 38.81 12.96
C SER A 138 32.30 40.01 13.69
N LEU A 139 33.06 41.10 13.66
CA LEU A 139 32.60 42.39 14.17
C LEU A 139 32.34 43.39 13.05
N ASP A 140 32.31 42.92 11.80
CA ASP A 140 32.01 43.77 10.65
C ASP A 140 30.50 43.74 10.42
N TYR A 141 29.85 44.89 10.63
CA TYR A 141 28.40 44.96 10.45
C TYR A 141 28.01 44.56 9.04
N ASN A 142 28.81 44.94 8.05
CA ASN A 142 28.50 44.60 6.66
C ASN A 142 28.70 43.12 6.39
N GLU A 143 29.76 42.53 6.95
CA GLU A 143 29.99 41.09 6.77
C GLU A 143 28.89 40.28 7.44
N ARG A 144 28.47 40.69 8.65
CA ARG A 144 27.34 40.04 9.31
C ARG A 144 26.05 40.26 8.55
N LEU A 145 25.84 41.49 8.05
CA LEU A 145 24.63 41.80 7.29
C LEU A 145 24.55 40.94 6.03
N TRP A 146 25.69 40.67 5.40
CA TRP A 146 25.70 39.87 4.18
C TRP A 146 25.49 38.39 4.47
N ALA A 147 26.00 37.89 5.61
CA ALA A 147 25.79 36.49 5.95
C ALA A 147 24.37 36.22 6.45
N TRP A 148 23.74 37.22 7.09
CA TRP A 148 22.40 37.03 7.63
C TRP A 148 21.33 37.22 6.56
N GLU A 149 21.50 38.22 5.69
CA GLU A 149 20.50 38.50 4.67
C GLU A 149 20.56 37.50 3.51
N SER A 150 21.76 37.11 3.10
CA SER A 150 21.89 36.17 1.99
C SER A 150 21.35 34.79 2.37
N TRP A 151 21.53 34.39 3.62
CA TRP A 151 21.04 33.09 4.05
C TRP A 151 19.52 33.04 4.13
N ARG A 152 18.89 34.14 4.51
CA ARG A 152 17.44 34.20 4.63
C ARG A 152 16.75 34.64 3.35
N SER A 153 17.51 34.90 2.28
CA SER A 153 16.94 35.24 0.98
C SER A 153 17.23 34.17 -0.05
N GLU A 154 18.50 33.82 -0.27
CA GLU A 154 18.83 32.78 -1.24
C GLU A 154 18.31 31.43 -0.81
N VAL A 155 18.35 31.13 0.49
CA VAL A 155 17.85 29.87 1.03
C VAL A 155 16.44 30.03 1.57
N GLY A 156 16.16 31.13 2.27
CA GLY A 156 14.86 31.30 2.91
C GLY A 156 13.72 31.42 1.92
N LYS A 157 13.91 32.21 0.86
CA LYS A 157 12.82 32.44 -0.10
C LYS A 157 12.41 31.14 -0.79
N GLN A 158 13.38 30.30 -1.14
CA GLN A 158 13.06 29.04 -1.81
C GLN A 158 12.26 28.11 -0.91
N LEU A 159 12.28 28.34 0.41
CA LEU A 159 11.47 27.56 1.34
C LEU A 159 10.09 28.15 1.56
N ARG A 160 9.83 29.37 1.10
CA ARG A 160 8.52 29.99 1.29
C ARG A 160 7.41 29.21 0.60
N PRO A 161 7.50 28.85 -0.69
CA PRO A 161 6.44 28.00 -1.27
C PRO A 161 6.34 26.63 -0.62
N LEU A 162 7.47 26.06 -0.17
CA LEU A 162 7.44 24.75 0.45
C LEU A 162 6.80 24.80 1.83
N TYR A 163 7.07 25.87 2.59
CA TYR A 163 6.48 26.00 3.91
C TYR A 163 4.98 26.24 3.84
N GLU A 164 4.51 26.96 2.81
CA GLU A 164 3.08 27.26 2.69
C GLU A 164 2.26 25.99 2.51
N GLU A 165 2.70 25.08 1.64
CA GLU A 165 2.02 23.81 1.48
C GLU A 165 2.37 22.83 2.59
N TYR A 166 3.48 23.05 3.29
CA TYR A 166 3.80 22.24 4.46
C TYR A 166 2.77 22.45 5.57
N VAL A 167 2.32 23.69 5.76
CA VAL A 167 1.37 23.98 6.83
C VAL A 167 0.02 23.32 6.56
N VAL A 168 -0.48 23.47 5.33
CA VAL A 168 -1.84 22.99 5.04
C VAL A 168 -1.89 21.46 5.04
N LEU A 169 -0.86 20.80 4.52
CA LEU A 169 -0.86 19.35 4.51
C LEU A 169 -0.65 18.78 5.91
N LYS A 170 0.12 19.47 6.76
CA LYS A 170 0.24 19.06 8.16
C LYS A 170 -1.05 19.35 8.92
N ASN A 171 -1.66 20.51 8.66
CA ASN A 171 -2.92 20.84 9.34
C ASN A 171 -4.02 19.86 8.99
N GLU A 172 -4.01 19.32 7.78
CA GLU A 172 -5.00 18.30 7.43
C GLU A 172 -4.76 17.01 8.20
N MET A 173 -3.51 16.74 8.59
CA MET A 173 -3.23 15.54 9.38
C MET A 173 -3.74 15.69 10.81
N ALA A 174 -3.38 16.79 11.48
CA ALA A 174 -3.76 16.97 12.87
C ALA A 174 -5.27 17.12 13.03
N ARG A 175 -5.90 17.90 12.16
CA ARG A 175 -7.35 18.10 12.24
C ARG A 175 -8.09 16.79 12.03
N ALA A 176 -7.59 15.94 11.14
CA ALA A 176 -8.19 14.63 10.96
C ALA A 176 -8.04 13.77 12.20
N ASN A 177 -6.89 13.82 12.86
CA ASN A 177 -6.61 12.97 14.03
C ASN A 177 -6.94 13.67 15.34
N HIS A 178 -8.15 14.19 15.44
CA HIS A 178 -8.71 14.72 16.69
C HIS A 178 -7.81 15.80 17.31
N TYR A 179 -7.52 16.83 16.52
CA TYR A 179 -6.79 18.00 16.99
C TYR A 179 -7.41 19.23 16.34
N GLU A 180 -6.97 20.42 16.81
CA GLU A 180 -7.42 21.67 16.22
C GLU A 180 -6.53 22.10 15.06
N ASP A 181 -5.22 21.97 15.21
CA ASP A 181 -4.25 22.27 14.16
C ASP A 181 -2.97 21.51 14.46
N TYR A 182 -2.00 21.65 13.56
CA TYR A 182 -0.71 20.96 13.75
C TYR A 182 -0.02 21.42 15.03
N GLY A 183 -0.27 22.66 15.47
CA GLY A 183 0.30 23.12 16.71
C GLY A 183 -0.19 22.31 17.90
N ASP A 184 -1.45 21.88 17.87
CA ASP A 184 -1.96 21.07 18.97
C ASP A 184 -1.31 19.70 19.01
N TYR A 185 -0.97 19.15 17.84
CA TYR A 185 -0.27 17.87 17.80
C TYR A 185 1.00 17.93 18.64
N TRP A 186 1.79 18.98 18.45
CA TRP A 186 2.97 19.17 19.30
C TRP A 186 2.57 19.48 20.73
N ARG A 187 1.56 20.32 20.93
CA ARG A 187 1.12 20.67 22.27
C ARG A 187 0.57 19.48 23.04
N GLY A 188 0.10 18.45 22.34
CA GLY A 188 -0.37 17.24 23.00
C GLY A 188 0.73 16.47 23.73
N ASP A 189 1.99 16.81 23.48
CA ASP A 189 3.10 16.17 24.18
C ASP A 189 2.95 16.36 25.69
N TYR A 190 2.49 17.53 26.11
CA TYR A 190 2.44 17.89 27.53
C TYR A 190 1.09 17.60 28.16
N GLU A 191 0.22 16.85 27.49
CA GLU A 191 -1.12 16.58 27.99
C GLU A 191 -1.14 15.33 28.84
N VAL A 192 -1.72 15.44 30.03
CA VAL A 192 -2.02 14.29 30.89
C VAL A 192 -3.53 14.28 31.13
N ASN A 193 -4.16 13.15 30.84
CA ASN A 193 -5.60 13.00 31.05
C ASN A 193 -5.92 11.64 31.64
N GLY A 194 -5.09 11.18 32.57
CA GLY A 194 -5.31 9.89 33.19
C GLY A 194 -5.37 9.90 34.71
N VAL A 195 -4.71 10.87 35.34
CA VAL A 195 -4.57 10.91 36.79
C VAL A 195 -5.07 12.25 37.30
N ASP A 196 -6.06 12.21 38.19
CA ASP A 196 -6.59 13.43 38.78
C ASP A 196 -5.52 14.16 39.57
N GLY A 197 -5.51 15.48 39.45
CA GLY A 197 -4.50 16.34 40.08
C GLY A 197 -3.27 16.54 39.24
N TYR A 198 -2.83 15.48 38.55
CA TYR A 198 -1.66 15.54 37.67
C TYR A 198 -2.05 15.70 36.21
N ASP A 199 -3.32 15.96 35.92
CA ASP A 199 -3.76 16.11 34.54
C ASP A 199 -3.22 17.41 33.95
N TYR A 200 -3.29 17.48 32.61
CA TYR A 200 -2.78 18.63 31.87
C TYR A 200 -3.52 18.67 30.54
N SER A 201 -3.54 19.85 29.92
CA SER A 201 -4.26 20.04 28.68
C SER A 201 -3.36 20.69 27.64
N ARG A 202 -3.82 20.65 26.39
CA ARG A 202 -3.06 21.25 25.30
C ARG A 202 -2.89 22.75 25.49
N GLY A 203 -3.96 23.42 25.92
CA GLY A 203 -3.89 24.86 26.12
C GLY A 203 -3.19 25.28 27.39
N GLN A 204 -3.21 24.43 28.42
CA GLN A 204 -2.58 24.81 29.69
C GLN A 204 -1.11 25.15 29.50
N LEU A 205 -0.45 24.52 28.52
CA LEU A 205 0.92 24.89 28.19
C LEU A 205 1.00 26.32 27.68
N ILE A 206 0.13 26.69 26.75
CA ILE A 206 0.24 28.01 26.12
C ILE A 206 -0.06 29.12 27.13
N GLU A 207 -0.85 28.82 28.16
CA GLU A 207 -1.10 29.81 29.20
C GLU A 207 0.03 29.81 30.24
N ASP A 208 0.51 28.64 30.62
CA ASP A 208 1.62 28.57 31.57
C ASP A 208 2.88 29.21 31.01
N VAL A 209 3.14 28.99 29.71
CA VAL A 209 4.32 29.58 29.08
C VAL A 209 4.25 31.10 29.16
N GLU A 210 3.10 31.68 28.77
CA GLU A 210 2.95 33.14 28.85
C GLU A 210 2.99 33.62 30.28
N HIS A 211 2.30 32.93 31.19
CA HIS A 211 2.29 33.32 32.59
C HIS A 211 3.70 33.26 33.20
N THR A 212 4.52 32.31 32.74
CA THR A 212 5.89 32.22 33.22
C THR A 212 6.86 33.06 32.41
N PHE A 213 6.55 33.35 31.14
CA PHE A 213 7.40 34.23 30.37
C PHE A 213 7.26 35.69 30.82
N GLU A 214 6.10 36.05 31.37
CA GLU A 214 5.90 37.40 31.87
C GLU A 214 6.89 37.73 32.98
N GLU A 215 7.17 36.76 33.85
CA GLU A 215 8.13 36.95 34.93
C GLU A 215 9.58 36.84 34.46
N ILE A 216 9.80 36.45 33.21
CA ILE A 216 11.14 36.50 32.62
C ILE A 216 11.42 37.86 31.97
N LYS A 217 10.37 38.52 31.47
CA LYS A 217 10.53 39.78 30.73
C LYS A 217 11.32 40.84 31.49
N PRO A 218 11.09 41.10 32.78
CA PRO A 218 11.96 42.07 33.47
C PRO A 218 13.42 41.68 33.46
N LEU A 219 13.73 40.39 33.62
CA LEU A 219 15.12 39.95 33.53
C LEU A 219 15.67 40.10 32.12
N TYR A 220 14.83 39.79 31.11
CA TYR A 220 15.29 39.91 29.72
C TYR A 220 15.57 41.35 29.35
N GLU A 221 14.73 42.28 29.80
CA GLU A 221 14.91 43.69 29.44
C GLU A 221 16.27 44.20 29.94
N HIS A 222 16.61 43.89 31.19
CA HIS A 222 17.88 44.36 31.73
C HIS A 222 19.07 43.58 31.18
N LEU A 223 18.83 42.37 30.66
CA LEU A 223 19.85 41.72 29.85
C LEU A 223 19.92 42.35 28.47
N HIS A 224 18.77 42.65 27.87
CA HIS A 224 18.74 43.32 26.56
C HIS A 224 19.40 44.69 26.64
N ALA A 225 19.06 45.48 27.66
CA ALA A 225 19.62 46.82 27.79
C ALA A 225 21.13 46.76 28.02
N TYR A 226 21.58 45.85 28.88
CA TYR A 226 23.01 45.74 29.14
C TYR A 226 23.78 45.29 27.90
N VAL A 227 23.23 44.33 27.15
CA VAL A 227 23.87 43.89 25.91
C VAL A 227 23.83 45.01 24.88
N ARG A 228 22.70 45.72 24.79
CA ARG A 228 22.58 46.80 23.81
C ARG A 228 23.65 47.87 24.02
N ALA A 229 23.85 48.27 25.28
CA ALA A 229 24.83 49.31 25.57
C ALA A 229 26.25 48.83 25.29
N LYS A 230 26.54 47.54 25.52
CA LYS A 230 27.86 47.01 25.22
C LYS A 230 28.02 46.62 23.75
N LEU A 231 26.91 46.41 23.04
CA LEU A 231 26.99 46.26 21.59
C LEU A 231 27.08 47.60 20.87
N MET A 232 26.61 48.68 21.51
CA MET A 232 26.75 50.00 20.92
C MET A 232 28.20 50.43 20.83
N ASN A 233 29.05 49.89 21.72
CA ASN A 233 30.48 50.17 21.64
C ASN A 233 31.15 49.33 20.56
N ALA A 234 30.74 48.07 20.41
CA ALA A 234 31.34 47.20 19.40
C ALA A 234 30.91 47.60 18.00
N TYR A 235 29.70 48.14 17.85
CA TYR A 235 29.15 48.57 16.56
C TYR A 235 28.65 50.00 16.69
N PRO A 236 29.55 50.98 16.75
CA PRO A 236 29.12 52.37 16.88
C PRO A 236 28.34 52.84 15.66
N SER A 237 27.39 53.73 15.91
CA SER A 237 26.54 54.31 14.87
C SER A 237 25.75 53.23 14.11
N TYR A 238 25.48 52.12 14.77
CA TYR A 238 24.75 51.01 14.16
C TYR A 238 23.62 50.45 15.02
N ILE A 239 23.52 50.86 16.28
CA ILE A 239 22.49 50.35 17.19
C ILE A 239 21.85 51.53 17.91
N SER A 240 20.52 51.58 17.89
CA SER A 240 19.81 52.66 18.56
C SER A 240 19.75 52.40 20.06
N PRO A 241 20.18 53.34 20.89
CA PRO A 241 20.12 53.12 22.35
C PRO A 241 18.71 53.01 22.89
N ILE A 242 17.70 53.47 22.16
CA ILE A 242 16.32 53.29 22.57
C ILE A 242 15.72 52.14 21.75
N GLY A 243 16.22 51.96 20.53
CA GLY A 243 15.66 51.01 19.61
C GLY A 243 16.07 49.57 19.89
N CYS A 244 15.62 48.69 19.02
CA CYS A 244 15.83 47.25 19.17
C CYS A 244 17.26 46.89 18.77
N LEU A 245 17.56 45.59 18.73
CA LEU A 245 18.88 45.06 18.39
C LEU A 245 18.88 44.54 16.95
N PRO A 246 19.87 44.89 16.14
CA PRO A 246 20.01 44.25 14.84
C PRO A 246 20.25 42.75 14.99
N ALA A 247 19.56 41.97 14.15
CA ALA A 247 19.59 40.51 14.31
C ALA A 247 20.96 39.93 14.03
N HIS A 248 21.64 40.40 12.98
CA HIS A 248 22.92 39.82 12.60
C HIS A 248 24.02 40.12 13.61
N LEU A 249 23.88 41.19 14.39
CA LEU A 249 24.85 41.52 15.42
C LEU A 249 24.76 40.62 16.64
N LEU A 250 23.74 39.77 16.72
CA LEU A 250 23.55 38.89 17.86
C LEU A 250 24.54 37.72 17.80
N GLY A 251 24.41 36.79 18.75
CA GLY A 251 25.41 35.75 18.92
C GLY A 251 25.52 34.82 17.72
N ASP A 252 24.39 34.40 17.17
CA ASP A 252 24.40 33.41 16.09
C ASP A 252 23.61 33.86 14.88
N MET A 253 23.38 32.92 13.95
CA MET A 253 22.73 33.26 12.68
C MET A 253 21.31 33.80 12.88
N TRP A 254 20.64 33.40 13.96
CA TRP A 254 19.24 33.73 14.15
C TRP A 254 18.95 34.55 15.40
N GLY A 255 19.92 34.73 16.29
CA GLY A 255 19.64 35.33 17.57
C GLY A 255 19.08 34.37 18.59
N ARG A 256 19.19 33.06 18.35
CA ARG A 256 18.71 32.07 19.30
C ARG A 256 19.56 32.08 20.57
N PHE A 257 20.88 32.19 20.43
CA PHE A 257 21.79 32.23 21.56
C PHE A 257 22.62 33.51 21.50
N TRP A 258 22.82 34.13 22.67
CA TRP A 258 23.68 35.30 22.80
C TRP A 258 25.03 34.94 23.42
N THR A 259 25.42 33.67 23.34
CA THR A 259 26.62 33.21 24.03
C THR A 259 27.88 33.90 23.52
N ASN A 260 28.00 34.04 22.19
CA ASN A 260 29.22 34.62 21.61
C ASN A 260 29.37 36.09 21.93
N LEU A 261 28.27 36.79 22.24
CA LEU A 261 28.34 38.20 22.61
C LEU A 261 29.06 38.42 23.93
N TYR A 262 29.32 37.35 24.68
CA TYR A 262 30.07 37.45 25.92
C TYR A 262 31.38 38.20 25.75
N SER A 263 32.07 37.98 24.63
CA SER A 263 33.32 38.69 24.38
C SER A 263 33.10 40.19 24.33
N LEU A 264 31.99 40.63 23.74
CA LEU A 264 31.65 42.04 23.67
C LEU A 264 30.90 42.55 24.90
N THR A 265 30.38 41.66 25.74
CA THR A 265 29.57 42.06 26.88
C THR A 265 30.12 41.61 28.22
N VAL A 266 31.30 41.00 28.26
CA VAL A 266 31.84 40.49 29.54
C VAL A 266 32.01 41.66 30.51
N PRO A 267 31.49 41.56 31.73
CA PRO A 267 31.54 42.70 32.65
C PRO A 267 32.95 43.04 33.12
N PHE A 268 33.69 42.01 33.53
CA PHE A 268 35.04 42.18 34.06
C PHE A 268 35.98 41.32 33.23
N GLY A 269 36.61 41.92 32.22
CA GLY A 269 37.48 41.16 31.35
C GLY A 269 38.73 40.66 32.03
N GLN A 270 39.32 41.47 32.91
CA GLN A 270 40.61 41.11 33.52
C GLN A 270 40.50 39.92 34.46
N LYS A 271 39.32 39.60 34.94
CA LYS A 271 39.16 38.37 35.71
C LYS A 271 39.37 37.16 34.78
N PRO A 272 39.82 36.04 35.32
CA PRO A 272 40.05 34.86 34.47
C PRO A 272 38.78 34.46 33.74
N ASN A 273 38.95 34.09 32.47
CA ASN A 273 37.81 33.90 31.57
C ASN A 273 37.04 32.64 31.94
N ILE A 274 35.75 32.80 32.22
CA ILE A 274 34.89 31.64 32.42
C ILE A 274 34.72 30.88 31.11
N ASP A 275 34.76 31.58 29.98
CA ASP A 275 34.75 30.93 28.68
C ASP A 275 36.10 30.23 28.47
N VAL A 276 36.15 28.95 28.80
CA VAL A 276 37.41 28.21 28.85
C VAL A 276 37.76 27.65 27.47
N THR A 277 37.06 28.14 26.44
CA THR A 277 37.37 27.74 25.06
C THR A 277 38.86 27.95 24.77
N ASP A 278 39.39 29.12 25.13
CA ASP A 278 40.81 29.38 24.92
C ASP A 278 41.67 28.43 25.76
N ALA A 279 41.21 28.13 26.98
CA ALA A 279 41.98 27.25 27.86
C ALA A 279 42.11 25.85 27.27
N MET A 280 41.02 25.30 26.74
CA MET A 280 41.06 23.93 26.21
C MET A 280 42.03 23.81 25.05
N VAL A 281 41.99 24.78 24.12
CA VAL A 281 42.83 24.71 22.92
C VAL A 281 44.31 24.74 23.31
N ASP A 282 44.66 25.59 24.29
CA ASP A 282 46.04 25.66 24.73
C ASP A 282 46.48 24.41 25.50
N GLN A 283 45.54 23.63 26.02
CA GLN A 283 45.85 22.39 26.72
C GLN A 283 45.71 21.16 25.85
N ALA A 284 45.52 21.34 24.54
CA ALA A 284 45.37 20.24 23.58
C ALA A 284 44.22 19.31 23.97
N TRP A 285 43.12 19.90 24.42
CA TRP A 285 41.91 19.12 24.69
C TRP A 285 41.35 18.64 23.36
N ASP A 286 41.57 17.38 23.04
CA ASP A 286 40.97 16.84 21.83
C ASP A 286 39.51 16.46 22.10
N ALA A 287 38.80 16.13 21.03
CA ALA A 287 37.37 15.85 21.14
C ALA A 287 37.10 14.69 22.09
N GLN A 288 37.99 13.70 22.12
CA GLN A 288 37.81 12.56 23.01
C GLN A 288 37.82 12.99 24.47
N ARG A 289 38.73 13.91 24.84
CA ARG A 289 38.80 14.36 26.23
C ARG A 289 37.50 15.03 26.64
N ILE A 290 36.91 15.81 25.73
CA ILE A 290 35.66 16.52 26.04
C ILE A 290 34.58 15.54 26.46
N PHE A 291 34.41 14.46 25.68
CA PHE A 291 33.42 13.45 26.04
C PHE A 291 33.91 12.56 27.17
N LYS A 292 35.22 12.29 27.24
CA LYS A 292 35.77 11.55 28.37
C LYS A 292 35.58 12.32 29.68
N GLU A 293 35.83 13.63 29.65
CA GLU A 293 35.60 14.45 30.85
C GLU A 293 34.12 14.57 31.14
N ALA A 294 33.29 14.65 30.10
CA ALA A 294 31.84 14.58 30.32
C ALA A 294 31.43 13.24 30.91
N GLU A 295 32.04 12.15 30.43
CA GLU A 295 31.73 10.83 30.96
C GLU A 295 32.09 10.72 32.43
N LYS A 296 33.26 11.24 32.82
CA LYS A 296 33.66 11.18 34.23
C LYS A 296 32.69 11.94 35.11
N PHE A 297 32.06 13.00 34.58
CA PHE A 297 31.08 13.75 35.36
C PHE A 297 29.90 12.87 35.76
N PHE A 298 29.32 12.15 34.79
CA PHE A 298 28.20 11.27 35.09
C PHE A 298 28.63 10.10 35.96
N VAL A 299 29.86 9.61 35.78
CA VAL A 299 30.38 8.56 36.65
C VAL A 299 30.47 9.04 38.09
N SER A 300 30.84 10.31 38.27
CA SER A 300 31.02 10.87 39.60
C SER A 300 29.71 10.90 40.38
N VAL A 301 28.57 11.06 39.69
CA VAL A 301 27.27 11.08 40.35
C VAL A 301 26.62 9.70 40.41
N GLY A 302 27.31 8.65 39.99
CA GLY A 302 26.75 7.30 40.03
C GLY A 302 26.20 6.78 38.71
N LEU A 303 25.99 7.65 37.73
CA LEU A 303 25.46 7.22 36.46
C LEU A 303 26.52 6.43 35.69
N PRO A 304 26.10 5.50 34.82
CA PRO A 304 27.04 4.55 34.23
C PRO A 304 28.02 5.23 33.27
N ASN A 305 29.16 4.56 33.08
CA ASN A 305 30.04 4.83 31.95
C ASN A 305 29.26 4.76 30.65
N MET A 306 29.75 5.43 29.61
CA MET A 306 29.22 5.19 28.28
C MET A 306 29.52 3.76 27.87
N THR A 307 28.59 3.15 27.14
CA THR A 307 28.79 1.77 26.70
C THR A 307 29.98 1.69 25.75
N GLN A 308 30.54 0.48 25.63
CA GLN A 308 31.66 0.28 24.70
C GLN A 308 31.23 0.57 23.27
N GLY A 309 29.99 0.28 22.92
CA GLY A 309 29.47 0.63 21.62
C GLY A 309 29.36 2.12 21.38
N PHE A 310 29.32 2.91 22.45
CA PHE A 310 29.33 4.37 22.29
C PHE A 310 30.65 4.83 21.67
N TRP A 311 31.76 4.58 22.37
CA TRP A 311 33.06 5.05 21.89
C TRP A 311 33.41 4.41 20.54
N GLU A 312 33.12 3.12 20.38
CA GLU A 312 33.44 2.45 19.13
C GLU A 312 32.64 3.01 17.96
N ASN A 313 31.34 3.25 18.17
CA ASN A 313 30.43 3.54 17.06
C ASN A 313 29.90 4.96 17.03
N SER A 314 30.24 5.81 17.99
CA SER A 314 29.80 7.20 17.89
C SER A 314 30.73 7.98 16.96
N MET A 315 30.21 9.11 16.46
CA MET A 315 30.98 10.05 15.67
C MET A 315 31.11 11.34 16.46
N LEU A 316 32.32 11.65 16.91
CA LEU A 316 32.56 12.82 17.73
C LEU A 316 33.27 13.95 17.00
N THR A 317 33.98 13.67 15.90
CA THR A 317 34.63 14.69 15.12
C THR A 317 33.98 14.81 13.75
N ASP A 318 34.45 15.76 12.98
CA ASP A 318 34.07 15.81 11.57
C ASP A 318 34.83 14.72 10.82
N PRO A 319 34.16 13.84 10.08
CA PRO A 319 34.89 12.81 9.32
C PRO A 319 35.83 13.38 8.29
N GLY A 320 35.63 14.62 7.86
CA GLY A 320 36.53 15.31 6.95
C GLY A 320 35.82 15.67 5.67
N ASN A 321 36.62 16.10 4.69
CA ASN A 321 36.11 16.38 3.35
C ASN A 321 35.87 15.11 2.55
N VAL A 322 36.53 14.00 2.92
CA VAL A 322 36.42 12.77 2.13
C VAL A 322 34.98 12.27 2.10
N GLN A 323 34.31 12.28 3.26
CA GLN A 323 32.90 11.95 3.33
C GLN A 323 32.18 13.04 4.11
N LYS A 324 31.00 13.41 3.63
CA LYS A 324 30.20 14.42 4.30
C LYS A 324 29.55 13.83 5.55
N ALA A 325 28.85 14.68 6.29
CA ALA A 325 28.14 14.24 7.50
C ALA A 325 27.13 15.30 7.89
N VAL A 326 26.07 14.85 8.58
CA VAL A 326 25.11 15.76 9.19
C VAL A 326 25.67 16.11 10.56
N CYS A 327 26.35 17.26 10.65
CA CYS A 327 27.07 17.63 11.85
C CYS A 327 26.24 18.50 12.79
N HIS A 328 24.92 18.35 12.76
CA HIS A 328 24.08 18.91 13.79
C HIS A 328 24.11 17.99 15.01
N PRO A 329 24.42 18.50 16.20
CA PRO A 329 24.60 17.62 17.37
C PRO A 329 23.35 16.78 17.63
N THR A 330 23.55 15.46 17.72
CA THR A 330 22.47 14.52 17.85
C THR A 330 22.87 13.38 18.79
N ALA A 331 21.95 13.00 19.66
CA ALA A 331 22.09 11.82 20.51
C ALA A 331 21.12 10.76 20.03
N TRP A 332 21.61 9.53 19.87
CA TRP A 332 20.86 8.47 19.20
C TRP A 332 20.59 7.33 20.18
N ASP A 333 19.32 7.03 20.40
CA ASP A 333 18.89 5.81 21.07
C ASP A 333 18.43 4.82 20.00
N LEU A 334 19.40 4.21 19.33
CA LEU A 334 19.09 3.28 18.26
C LEU A 334 18.33 2.05 18.76
N GLY A 335 18.41 1.76 20.05
CA GLY A 335 17.86 0.52 20.57
C GLY A 335 18.93 -0.55 20.64
N LYS A 336 18.48 -1.75 21.03
CA LYS A 336 19.37 -2.91 21.11
C LYS A 336 20.58 -2.63 22.00
N GLY A 337 20.41 -1.77 22.99
CA GLY A 337 21.52 -1.37 23.83
C GLY A 337 22.57 -0.52 23.15
N ASP A 338 22.28 -0.01 21.96
CA ASP A 338 23.23 0.76 21.17
C ASP A 338 22.95 2.25 21.37
N PHE A 339 23.86 2.92 22.06
CA PHE A 339 23.75 4.36 22.31
C PHE A 339 24.93 5.06 21.66
N ARG A 340 24.64 6.07 20.83
CA ARG A 340 25.67 6.80 20.12
C ARG A 340 25.35 8.29 20.15
N ILE A 341 26.41 9.10 20.05
CA ILE A 341 26.30 10.55 19.89
C ILE A 341 26.97 10.94 18.59
N LEU A 342 26.25 11.66 17.74
CA LEU A 342 26.80 12.24 16.52
C LEU A 342 26.90 13.74 16.73
N MET A 343 28.12 14.28 16.58
CA MET A 343 28.35 15.70 16.82
C MET A 343 29.67 16.09 16.17
N CYS A 344 29.67 17.26 15.52
CA CYS A 344 30.90 17.86 15.03
C CYS A 344 31.57 18.64 16.16
N THR A 345 32.17 17.89 17.09
CA THR A 345 32.79 18.50 18.25
C THR A 345 34.04 19.27 17.83
N LYS A 346 34.03 20.57 18.08
CA LYS A 346 35.22 21.39 18.02
C LYS A 346 35.71 21.65 19.43
N VAL A 347 36.95 22.13 19.55
CA VAL A 347 37.55 22.38 20.88
C VAL A 347 37.08 23.76 21.30
N THR A 348 35.86 23.81 21.82
CA THR A 348 35.25 25.03 22.33
C THR A 348 34.46 24.69 23.58
N MET A 349 34.24 25.70 24.41
CA MET A 349 33.38 25.49 25.58
C MET A 349 31.94 25.24 25.17
N ASP A 350 31.48 25.89 24.08
CA ASP A 350 30.12 25.68 23.61
C ASP A 350 29.90 24.26 23.08
N ASP A 351 30.96 23.57 22.69
CA ASP A 351 30.86 22.15 22.37
C ASP A 351 31.12 21.26 23.57
N PHE A 352 31.95 21.72 24.51
CA PHE A 352 32.17 20.98 25.75
C PHE A 352 30.89 20.90 26.57
N LEU A 353 30.13 21.99 26.62
CA LEU A 353 28.87 21.98 27.37
C LEU A 353 27.82 21.13 26.66
N THR A 354 27.76 21.20 25.33
CA THR A 354 26.78 20.39 24.60
C THR A 354 27.13 18.91 24.65
N ALA A 355 28.42 18.57 24.78
CA ALA A 355 28.80 17.19 25.00
C ALA A 355 28.20 16.67 26.29
N HIS A 356 28.21 17.49 27.34
CA HIS A 356 27.46 17.15 28.56
C HIS A 356 25.96 17.11 28.28
N HIS A 357 25.46 18.03 27.46
CA HIS A 357 24.04 18.06 27.16
C HIS A 357 23.62 16.82 26.39
N GLU A 358 24.33 16.47 25.32
CA GLU A 358 23.96 15.32 24.53
C GLU A 358 24.19 14.02 25.29
N MET A 359 25.26 13.94 26.08
CA MET A 359 25.44 12.78 26.94
C MET A 359 24.35 12.69 27.99
N GLY A 360 23.75 13.83 28.36
CA GLY A 360 22.58 13.80 29.22
C GLY A 360 21.42 13.06 28.58
N HIS A 361 21.23 13.24 27.27
CA HIS A 361 20.23 12.45 26.55
C HIS A 361 20.55 10.97 26.62
N ILE A 362 21.83 10.61 26.42
CA ILE A 362 22.22 9.21 26.46
C ILE A 362 21.96 8.63 27.84
N GLN A 363 22.33 9.37 28.88
CA GLN A 363 22.06 8.91 30.23
C GLN A 363 20.56 8.78 30.48
N TYR A 364 19.77 9.69 29.91
CA TYR A 364 18.32 9.50 29.93
C TYR A 364 17.92 8.30 29.08
N ASP A 365 18.49 8.19 27.88
CA ASP A 365 18.17 7.07 26.99
C ASP A 365 18.55 5.74 27.63
N MET A 366 19.75 5.67 28.22
CA MET A 366 20.20 4.43 28.83
C MET A 366 19.33 4.03 30.02
N ALA A 367 18.88 5.01 30.80
CA ALA A 367 18.11 4.70 32.00
C ALA A 367 16.76 4.11 31.66
N TYR A 368 16.00 4.74 30.76
CA TYR A 368 14.68 4.24 30.43
C TYR A 368 14.69 3.11 29.41
N ALA A 369 15.87 2.54 29.11
CA ALA A 369 15.91 1.38 28.23
C ALA A 369 15.18 0.19 28.83
N ALA A 370 15.13 0.11 30.17
CA ALA A 370 14.38 -0.95 30.83
C ALA A 370 12.89 -0.83 30.57
N GLN A 371 12.40 0.38 30.30
CA GLN A 371 10.99 0.57 30.00
C GLN A 371 10.64 -0.12 28.67
N PRO A 372 9.37 -0.50 28.50
CA PRO A 372 8.95 -1.04 27.21
C PRO A 372 9.15 -0.03 26.09
N PHE A 373 9.24 -0.55 24.86
CA PHE A 373 9.68 0.26 23.72
C PHE A 373 8.89 1.54 23.58
N LEU A 374 7.56 1.45 23.64
CA LEU A 374 6.73 2.63 23.48
C LEU A 374 6.88 3.61 24.64
N LEU A 375 7.32 3.13 25.80
CA LEU A 375 7.60 4.00 26.94
C LEU A 375 9.04 4.45 27.00
N ARG A 376 9.86 4.10 26.00
CA ARG A 376 11.25 4.53 25.93
C ARG A 376 11.30 5.94 25.36
N ASN A 377 11.00 6.91 26.22
CA ASN A 377 11.00 8.31 25.81
C ASN A 377 11.03 9.18 27.04
N GLY A 378 11.38 10.45 26.86
CA GLY A 378 11.38 11.39 27.95
C GLY A 378 9.98 11.68 28.45
N ALA A 379 9.90 12.13 29.71
CA ALA A 379 8.60 12.43 30.31
C ALA A 379 7.83 13.45 29.49
N ASN A 380 8.53 14.41 28.90
CA ASN A 380 7.99 15.28 27.87
C ASN A 380 9.12 15.66 26.93
N GLU A 381 8.90 16.68 26.10
CA GLU A 381 9.96 17.16 25.23
C GLU A 381 11.00 17.95 26.03
N GLY A 382 10.56 18.74 27.00
CA GLY A 382 11.49 19.53 27.79
C GLY A 382 12.38 18.67 28.68
N PHE A 383 11.84 17.57 29.20
CA PHE A 383 12.60 16.73 30.13
C PHE A 383 13.88 16.21 29.50
N HIS A 384 13.81 15.76 28.25
CA HIS A 384 15.00 15.24 27.57
C HIS A 384 16.06 16.33 27.43
N GLU A 385 15.66 17.51 26.97
CA GLU A 385 16.61 18.61 26.83
C GLU A 385 17.06 19.14 28.18
N ALA A 386 16.17 19.15 29.17
CA ALA A 386 16.53 19.67 30.49
C ALA A 386 17.60 18.83 31.15
N VAL A 387 17.52 17.50 30.99
CA VAL A 387 18.44 16.60 31.70
C VAL A 387 19.88 16.89 31.29
N GLY A 388 20.12 17.01 29.98
CA GLY A 388 21.47 17.34 29.53
C GLY A 388 21.93 18.71 29.99
N GLU A 389 20.99 19.65 30.15
CA GLU A 389 21.35 20.98 30.59
C GLU A 389 21.69 21.04 32.07
N ILE A 390 21.09 20.17 32.89
CA ILE A 390 21.42 20.12 34.31
C ILE A 390 22.92 19.86 34.49
N MET A 391 23.51 19.09 33.59
CA MET A 391 24.94 18.81 33.65
C MET A 391 25.76 20.02 33.20
N SER A 392 25.46 20.55 32.01
CA SER A 392 26.15 21.73 31.53
C SER A 392 25.92 22.94 32.42
N LEU A 393 24.81 22.95 33.17
CA LEU A 393 24.63 23.95 34.22
C LEU A 393 25.65 23.77 35.33
N SER A 394 25.87 22.53 35.76
CA SER A 394 26.88 22.24 36.78
C SER A 394 28.29 22.30 36.20
N ALA A 395 28.48 21.81 34.98
CA ALA A 395 29.82 21.71 34.40
C ALA A 395 30.39 23.08 34.04
N ALA A 396 29.55 24.10 33.85
CA ALA A 396 30.04 25.42 33.47
C ALA A 396 30.51 26.24 34.66
N THR A 397 30.30 25.76 35.89
CA THR A 397 30.71 26.53 37.07
C THR A 397 32.24 26.60 37.12
N PRO A 398 32.79 27.73 37.56
CA PRO A 398 34.25 27.84 37.67
C PRO A 398 34.86 26.79 38.61
N LYS A 399 34.13 26.40 39.65
CA LYS A 399 34.64 25.35 40.55
C LYS A 399 34.82 24.04 39.80
N HIS A 400 33.87 23.67 38.94
CA HIS A 400 34.02 22.47 38.13
C HIS A 400 35.12 22.64 37.09
N LEU A 401 35.19 23.81 36.46
CA LEU A 401 36.23 24.07 35.48
C LEU A 401 37.62 24.03 36.12
N LYS A 402 37.75 24.59 37.32
CA LYS A 402 39.00 24.49 38.05
C LYS A 402 39.30 23.05 38.44
N SER A 403 38.26 22.23 38.63
CA SER A 403 38.47 20.83 39.01
C SER A 403 38.97 19.98 37.85
N ILE A 404 38.72 20.38 36.61
CA ILE A 404 39.10 19.59 35.45
C ILE A 404 40.39 20.12 34.80
N GLY A 405 41.04 21.10 35.41
CA GLY A 405 42.27 21.64 34.87
C GLY A 405 42.09 22.71 33.82
N LEU A 406 40.86 23.17 33.56
CA LEU A 406 40.61 24.22 32.60
C LEU A 406 40.58 25.61 33.22
N LEU A 407 40.75 25.71 34.53
CA LEU A 407 40.87 26.99 35.21
C LEU A 407 42.05 26.89 36.18
N SER A 408 42.59 28.05 36.54
CA SER A 408 43.83 28.08 37.30
C SER A 408 43.66 27.32 38.62
N PRO A 409 44.64 26.50 39.01
CA PRO A 409 44.55 25.83 40.32
C PRO A 409 44.46 26.81 41.48
N ASP A 410 45.05 28.00 41.34
CA ASP A 410 44.91 29.06 42.33
C ASP A 410 43.78 30.02 41.99
N PHE A 411 42.80 29.59 41.19
CA PHE A 411 41.65 30.44 40.89
C PHE A 411 40.85 30.69 42.16
N GLN A 412 40.68 31.96 42.49
CA GLN A 412 39.88 32.36 43.64
C GLN A 412 38.60 33.00 43.15
N GLU A 413 37.47 32.56 43.69
CA GLU A 413 36.19 33.12 43.33
C GLU A 413 36.07 34.55 43.85
N ASP A 414 35.14 35.30 43.28
CA ASP A 414 35.01 36.71 43.60
C ASP A 414 33.59 37.15 43.29
N ASN A 415 33.25 38.35 43.77
CA ASN A 415 32.00 38.99 43.37
C ASN A 415 31.98 39.24 41.86
N GLU A 416 33.13 39.64 41.31
CA GLU A 416 33.18 40.00 39.89
C GLU A 416 33.12 38.79 38.98
N THR A 417 33.84 37.71 39.34
CA THR A 417 33.87 36.53 38.47
C THR A 417 32.50 35.88 38.36
N GLU A 418 31.75 35.84 39.47
CA GLU A 418 30.42 35.25 39.43
C GLU A 418 29.51 36.01 38.48
N ILE A 419 29.64 37.34 38.44
CA ILE A 419 28.88 38.13 37.45
C ILE A 419 29.31 37.75 36.04
N ASN A 420 30.62 37.56 35.83
CA ASN A 420 31.09 37.11 34.52
C ASN A 420 30.51 35.74 34.16
N PHE A 421 30.48 34.82 35.14
CA PHE A 421 29.93 33.50 34.89
C PHE A 421 28.41 33.56 34.71
N LEU A 422 27.72 34.32 35.56
CA LEU A 422 26.26 34.38 35.48
C LEU A 422 25.79 35.05 34.19
N LEU A 423 26.46 36.13 33.79
CA LEU A 423 26.07 36.82 32.56
C LEU A 423 26.22 35.91 31.35
N LYS A 424 27.34 35.17 31.27
CA LYS A 424 27.54 34.25 30.16
C LYS A 424 26.45 33.19 30.13
N GLN A 425 26.07 32.68 31.30
CA GLN A 425 24.96 31.73 31.36
C GLN A 425 23.66 32.40 30.93
N ALA A 426 23.44 33.65 31.35
CA ALA A 426 22.20 34.34 30.99
C ALA A 426 22.11 34.63 29.50
N LEU A 427 23.25 34.88 28.85
CA LEU A 427 23.24 35.08 27.41
C LEU A 427 22.74 33.83 26.69
N THR A 428 23.13 32.65 27.18
CA THR A 428 22.68 31.41 26.56
C THR A 428 21.26 31.04 26.98
N ILE A 429 20.94 31.21 28.26
CA ILE A 429 19.67 30.72 28.80
C ILE A 429 18.60 31.80 28.74
N VAL A 430 18.85 32.93 29.41
CA VAL A 430 17.85 33.99 29.45
C VAL A 430 17.62 34.58 28.06
N GLY A 431 18.67 34.66 27.24
CA GLY A 431 18.54 35.27 25.93
C GLY A 431 17.71 34.46 24.95
N THR A 432 17.62 33.15 25.16
CA THR A 432 16.92 32.30 24.22
C THR A 432 15.43 32.15 24.53
N LEU A 433 15.01 32.51 25.74
CA LEU A 433 13.60 32.34 26.11
C LEU A 433 12.66 33.19 25.26
N PRO A 434 12.89 34.51 25.07
CA PRO A 434 12.00 35.25 24.16
C PRO A 434 12.08 34.76 22.73
N PHE A 435 13.26 34.33 22.28
CA PHE A 435 13.39 33.80 20.92
C PHE A 435 12.55 32.54 20.75
N THR A 436 12.60 31.64 21.74
CA THR A 436 11.82 30.41 21.66
C THR A 436 10.34 30.69 21.81
N TYR A 437 9.97 31.56 22.75
CA TYR A 437 8.56 31.86 22.96
C TYR A 437 7.94 32.52 21.74
N MET A 438 8.66 33.46 21.12
CA MET A 438 8.14 34.12 19.92
C MET A 438 8.05 33.15 18.74
N LEU A 439 9.09 32.33 18.55
CA LEU A 439 9.15 31.46 17.38
C LEU A 439 7.99 30.47 17.36
N GLU A 440 7.73 29.83 18.50
CA GLU A 440 6.63 28.88 18.58
C GLU A 440 5.28 29.59 18.48
N LYS A 441 5.13 30.73 19.18
CA LYS A 441 3.88 31.47 19.11
C LYS A 441 3.60 31.94 17.69
N TRP A 442 4.65 32.24 16.91
CA TRP A 442 4.45 32.51 15.50
C TRP A 442 3.96 31.25 14.78
N ARG A 443 4.64 30.12 15.00
CA ARG A 443 4.23 28.88 14.36
C ARG A 443 2.87 28.42 14.87
N TRP A 444 2.61 28.56 16.17
CA TRP A 444 1.33 28.15 16.73
C TRP A 444 0.17 28.91 16.10
N MET A 445 0.33 30.23 15.96
CA MET A 445 -0.72 31.04 15.35
C MET A 445 -0.80 30.81 13.86
N VAL A 446 0.33 30.51 13.21
CA VAL A 446 0.29 30.15 11.79
C VAL A 446 -0.50 28.86 11.58
N PHE A 447 -0.28 27.88 12.45
CA PHE A 447 -1.04 26.63 12.34
C PHE A 447 -2.51 26.83 12.67
N LYS A 448 -2.80 27.66 13.69
CA LYS A 448 -4.18 28.03 13.95
C LYS A 448 -4.77 28.90 12.85
N GLY A 449 -3.92 29.53 12.04
CA GLY A 449 -4.39 30.37 10.96
C GLY A 449 -4.61 31.83 11.31
N GLU A 450 -4.41 32.20 12.57
CA GLU A 450 -4.64 33.59 12.98
C GLU A 450 -3.69 34.56 12.27
N ILE A 451 -2.60 34.06 11.70
CA ILE A 451 -1.69 34.85 10.89
C ILE A 451 -1.92 34.46 9.43
N PRO A 452 -2.55 35.31 8.62
CA PRO A 452 -2.80 34.97 7.22
C PRO A 452 -1.51 34.91 6.42
N LYS A 453 -1.60 34.29 5.23
CA LYS A 453 -0.43 34.06 4.41
C LYS A 453 0.18 35.36 3.87
N ASP A 454 -0.60 36.43 3.76
CA ASP A 454 -0.07 37.71 3.32
C ASP A 454 0.47 38.55 4.47
N GLN A 455 0.28 38.11 5.70
CA GLN A 455 0.79 38.82 6.88
C GLN A 455 1.77 37.94 7.67
N TRP A 456 2.48 37.06 6.97
CA TRP A 456 3.40 36.14 7.62
C TRP A 456 4.66 36.85 8.10
N MET A 457 5.42 37.42 7.17
CA MET A 457 6.68 38.05 7.54
C MET A 457 6.46 39.35 8.31
N LYS A 458 5.36 40.05 8.05
CA LYS A 458 5.03 41.23 8.83
C LYS A 458 4.86 40.86 10.30
N LYS A 459 4.14 39.77 10.57
CA LYS A 459 3.89 39.34 11.94
C LYS A 459 5.09 38.63 12.55
N TRP A 460 6.00 38.09 11.73
CA TRP A 460 7.18 37.45 12.29
C TRP A 460 8.11 38.47 12.94
N TRP A 461 8.29 39.63 12.30
CA TRP A 461 9.12 40.68 12.87
C TRP A 461 8.34 41.69 13.69
N GLU A 462 7.02 41.78 13.50
CA GLU A 462 6.19 42.55 14.42
C GLU A 462 6.30 42.02 15.84
N MET A 463 6.47 40.71 15.98
CA MET A 463 6.68 40.08 17.28
C MET A 463 8.14 40.04 17.68
N LYS A 464 9.05 39.88 16.71
CA LYS A 464 10.48 39.85 17.04
C LYS A 464 10.96 41.18 17.58
N ARG A 465 10.35 42.29 17.13
CA ARG A 465 10.67 43.58 17.73
C ARG A 465 10.03 43.74 19.10
N GLU A 466 8.79 43.27 19.26
CA GLU A 466 8.07 43.47 20.51
C GLU A 466 8.47 42.46 21.57
N ILE A 467 8.43 41.17 21.23
CA ILE A 467 8.69 40.13 22.23
C ILE A 467 10.18 40.01 22.50
N VAL A 468 11.00 39.99 21.45
CA VAL A 468 12.43 39.70 21.60
C VAL A 468 13.30 40.95 21.56
N GLY A 469 12.76 42.08 21.15
CA GLY A 469 13.56 43.29 21.06
C GLY A 469 14.61 43.25 19.98
N VAL A 470 14.38 42.48 18.93
CA VAL A 470 15.31 42.32 17.81
C VAL A 470 14.65 42.88 16.55
N VAL A 471 15.44 43.59 15.74
CA VAL A 471 14.91 44.30 14.58
C VAL A 471 15.51 43.70 13.31
N GLU A 472 14.79 43.88 12.21
CA GLU A 472 15.27 43.45 10.91
C GLU A 472 16.27 44.46 10.36
N PRO A 473 17.50 44.07 10.06
CA PRO A 473 18.43 45.01 9.42
C PRO A 473 17.97 45.47 8.05
N VAL A 474 17.29 44.60 7.30
CA VAL A 474 16.83 44.91 5.94
C VAL A 474 15.35 44.57 5.87
N PRO A 475 14.53 45.40 5.23
CA PRO A 475 13.10 45.05 5.08
C PRO A 475 12.95 43.77 4.27
N HIS A 476 11.92 43.00 4.62
CA HIS A 476 11.72 41.67 4.05
C HIS A 476 10.31 41.54 3.51
N ASP A 477 10.19 41.19 2.23
CA ASP A 477 8.91 40.91 1.61
C ASP A 477 8.29 39.64 2.21
N GLU A 478 7.04 39.37 1.83
CA GLU A 478 6.46 38.07 2.08
C GLU A 478 7.15 36.98 1.28
N THR A 479 7.90 37.35 0.25
CA THR A 479 8.68 36.37 -0.51
C THR A 479 9.71 35.68 0.36
N TYR A 480 10.27 36.38 1.35
CA TYR A 480 11.17 35.76 2.30
C TYR A 480 10.42 34.78 3.20
N CYS A 481 11.12 33.73 3.62
CA CYS A 481 10.65 32.83 4.68
C CYS A 481 11.79 32.73 5.68
N ASP A 482 11.87 33.71 6.57
CA ASP A 482 12.93 33.81 7.58
C ASP A 482 12.73 32.86 8.76
N PRO A 483 11.51 32.63 9.24
CA PRO A 483 11.35 31.62 10.31
C PRO A 483 11.99 30.30 9.97
N ALA A 484 11.80 29.81 8.73
CA ALA A 484 12.33 28.53 8.30
C ALA A 484 13.85 28.50 8.19
N SER A 485 14.51 29.66 8.28
CA SER A 485 15.97 29.69 8.13
C SER A 485 16.70 28.96 9.25
N LEU A 486 16.03 28.69 10.36
CA LEU A 486 16.61 27.90 11.44
C LEU A 486 16.42 26.41 11.14
N PHE A 487 17.18 25.58 11.87
CA PHE A 487 17.10 24.13 11.66
C PHE A 487 15.77 23.56 12.13
N HIS A 488 15.34 23.91 13.35
CA HIS A 488 14.19 23.29 13.98
C HIS A 488 12.88 23.63 13.30
N VAL A 489 12.92 24.42 12.23
CA VAL A 489 11.74 24.76 11.44
C VAL A 489 11.82 24.18 10.04
N SER A 490 13.03 24.14 9.46
CA SER A 490 13.20 23.40 8.20
C SER A 490 13.05 21.90 8.41
N ASN A 491 13.48 21.40 9.58
CA ASN A 491 13.42 19.97 9.88
C ASN A 491 12.27 19.63 10.82
N ASP A 492 11.31 20.54 10.99
CA ASP A 492 10.00 20.25 11.59
C ASP A 492 10.14 19.59 12.96
N TYR A 493 10.66 20.38 13.90
CA TYR A 493 10.80 19.93 15.28
C TYR A 493 10.07 20.90 16.21
N SER A 494 9.34 20.35 17.18
CA SER A 494 8.68 21.16 18.18
C SER A 494 9.71 21.96 18.95
N PHE A 495 9.61 23.29 18.89
CA PHE A 495 10.62 24.17 19.44
C PHE A 495 10.32 24.65 20.85
N ILE A 496 9.06 24.55 21.31
CA ILE A 496 8.72 24.96 22.66
C ILE A 496 9.38 24.08 23.71
N ARG A 497 9.92 22.94 23.28
CA ARG A 497 10.67 22.09 24.19
C ARG A 497 11.85 22.83 24.82
N TYR A 498 12.39 23.84 24.11
CA TYR A 498 13.54 24.56 24.62
C TYR A 498 13.16 25.64 25.63
N TYR A 499 11.97 26.22 25.50
CA TYR A 499 11.50 27.13 26.55
C TYR A 499 11.15 26.35 27.81
N THR A 500 10.41 25.24 27.66
CA THR A 500 10.05 24.43 28.81
C THR A 500 11.29 23.79 29.44
N ARG A 501 12.28 23.45 28.62
CA ARG A 501 13.53 22.88 29.12
C ARG A 501 14.15 23.77 30.20
N THR A 502 14.20 25.08 29.93
CA THR A 502 14.94 25.99 30.80
C THR A 502 14.29 26.11 32.17
N LEU A 503 12.97 26.23 32.22
CA LEU A 503 12.31 26.32 33.52
C LEU A 503 12.46 25.02 34.30
N TYR A 504 12.49 23.88 33.61
CA TYR A 504 12.77 22.62 34.27
C TYR A 504 14.19 22.58 34.83
N GLN A 505 15.17 23.04 34.05
CA GLN A 505 16.57 22.73 34.36
C GLN A 505 16.98 23.34 35.69
N PHE A 506 16.47 24.52 36.02
CA PHE A 506 16.78 25.12 37.32
C PHE A 506 15.87 24.56 38.41
N GLN A 507 14.66 24.12 38.05
CA GLN A 507 13.82 23.41 39.00
C GLN A 507 14.48 22.12 39.45
N PHE A 508 15.01 21.35 38.48
CA PHE A 508 15.73 20.12 38.81
C PHE A 508 16.98 20.42 39.62
N GLN A 509 17.79 21.37 39.16
CA GLN A 509 19.10 21.61 39.76
C GLN A 509 18.96 21.99 41.23
N GLU A 510 17.94 22.76 41.57
CA GLU A 510 17.71 23.14 42.96
C GLU A 510 17.47 21.91 43.83
N ALA A 511 16.59 21.01 43.37
CA ALA A 511 16.35 19.78 44.10
C ALA A 511 17.60 18.88 44.13
N LEU A 512 18.29 18.77 43.00
CA LEU A 512 19.52 18.01 42.97
C LEU A 512 20.60 18.66 43.82
N CYS A 513 20.52 19.97 44.05
CA CYS A 513 21.42 20.65 44.95
C CYS A 513 20.90 20.72 46.37
N GLN A 514 19.76 20.07 46.65
CA GLN A 514 19.38 19.71 48.00
C GLN A 514 19.88 18.32 48.34
N ALA A 515 19.66 17.36 47.43
CA ALA A 515 20.17 16.01 47.63
C ALA A 515 21.70 16.00 47.76
N ALA A 516 22.37 16.93 47.09
CA ALA A 516 23.76 17.23 47.37
C ALA A 516 23.79 18.37 48.38
N LYS A 517 24.41 18.14 49.53
CA LYS A 517 24.38 19.12 50.62
C LYS A 517 25.15 20.36 50.15
N HIS A 518 24.40 21.40 49.82
CA HIS A 518 24.96 22.59 49.18
C HIS A 518 24.76 23.80 50.09
N GLU A 519 25.81 24.61 50.21
CA GLU A 519 25.81 25.76 51.11
C GLU A 519 25.26 27.01 50.43
N GLY A 520 25.86 27.41 49.32
CA GLY A 520 25.61 28.71 48.74
C GLY A 520 24.41 28.78 47.81
N PRO A 521 24.44 29.73 46.87
CA PRO A 521 23.27 29.98 46.00
C PRO A 521 23.06 28.89 44.97
N LEU A 522 22.12 29.12 44.05
CA LEU A 522 21.76 28.10 43.07
C LEU A 522 22.87 27.89 42.05
N HIS A 523 23.68 28.92 41.77
CA HIS A 523 24.90 28.69 41.01
C HIS A 523 26.00 28.18 41.94
N LYS A 524 27.19 27.95 41.40
CA LYS A 524 28.26 27.26 42.13
C LYS A 524 27.77 25.92 42.64
N CYS A 525 27.04 25.19 41.79
CA CYS A 525 26.26 24.05 42.24
C CYS A 525 26.66 22.79 41.47
N ASP A 526 27.96 22.54 41.36
CA ASP A 526 28.46 21.36 40.66
C ASP A 526 28.07 20.11 41.44
N ILE A 527 27.13 19.35 40.91
CA ILE A 527 26.66 18.11 41.54
C ILE A 527 27.69 17.01 41.34
N SER A 528 28.81 17.35 40.69
CA SER A 528 29.86 16.36 40.44
C SER A 528 30.33 15.76 41.75
N ASN A 529 30.50 14.44 41.74
CA ASN A 529 30.92 13.57 42.85
C ASN A 529 29.79 13.31 43.85
N SER A 530 28.58 13.78 43.59
CA SER A 530 27.45 13.56 44.50
C SER A 530 26.61 12.41 43.95
N THR A 531 26.71 11.24 44.58
CA THR A 531 25.90 10.10 44.16
C THR A 531 24.43 10.30 44.52
N GLU A 532 24.15 11.01 45.61
CA GLU A 532 22.76 11.26 46.00
C GLU A 532 22.04 12.09 44.95
N ALA A 533 22.71 13.09 44.40
CA ALA A 533 22.11 13.89 43.32
C ALA A 533 21.88 13.04 42.07
N GLY A 534 22.84 12.17 41.73
CA GLY A 534 22.69 11.36 40.55
C GLY A 534 21.57 10.33 40.67
N GLN A 535 21.50 9.64 41.81
CA GLN A 535 20.48 8.61 41.97
C GLN A 535 19.08 9.20 42.08
N LYS A 536 18.95 10.39 42.67
CA LYS A 536 17.66 11.07 42.68
C LYS A 536 17.19 11.39 41.27
N LEU A 537 18.13 11.69 40.36
CA LEU A 537 17.78 11.85 38.96
C LEU A 537 17.56 10.50 38.28
N PHE A 538 18.37 9.50 38.64
CA PHE A 538 18.23 8.17 38.07
C PHE A 538 16.80 7.65 38.23
N ASN A 539 16.20 7.90 39.38
CA ASN A 539 14.81 7.48 39.60
C ASN A 539 13.89 8.12 38.58
N MET A 540 14.07 9.42 38.33
CA MET A 540 13.25 10.10 37.33
C MET A 540 13.54 9.58 35.92
N LEU A 541 14.82 9.37 35.61
CA LEU A 541 15.19 8.95 34.25
C LEU A 541 14.64 7.56 33.94
N ARG A 542 14.69 6.64 34.91
CA ARG A 542 14.25 5.27 34.66
C ARG A 542 12.77 5.20 34.35
N LEU A 543 11.98 6.16 34.83
CA LEU A 543 10.55 6.14 34.55
C LEU A 543 10.27 6.38 33.08
N GLY A 544 10.97 7.33 32.46
CA GLY A 544 10.68 7.68 31.09
C GLY A 544 9.30 8.28 30.90
N LYS A 545 8.48 7.62 30.07
CA LYS A 545 7.12 8.05 29.82
C LYS A 545 6.09 7.33 30.68
N SER A 546 6.49 6.30 31.42
CA SER A 546 5.53 5.48 32.15
C SER A 546 4.73 6.31 33.15
N GLU A 547 5.42 7.05 34.01
CA GLU A 547 4.63 7.88 34.90
C GLU A 547 4.46 9.28 34.31
N PRO A 548 3.32 9.93 34.58
CA PRO A 548 3.07 11.24 33.98
C PRO A 548 4.16 12.25 34.35
N TRP A 549 4.47 13.13 33.39
CA TRP A 549 5.56 14.08 33.59
C TRP A 549 5.26 15.03 34.75
N THR A 550 3.99 15.35 34.98
CA THR A 550 3.63 16.14 36.15
C THR A 550 3.99 15.41 37.43
N LEU A 551 3.67 14.12 37.51
CA LEU A 551 4.08 13.32 38.65
C LEU A 551 5.60 13.14 38.68
N ALA A 552 6.20 12.88 37.51
CA ALA A 552 7.65 12.69 37.45
C ALA A 552 8.39 13.93 37.92
N LEU A 553 7.93 15.11 37.49
CA LEU A 553 8.52 16.35 37.98
C LEU A 553 8.27 16.54 39.46
N GLU A 554 7.06 16.21 39.93
CA GLU A 554 6.71 16.45 41.34
C GLU A 554 7.57 15.60 42.27
N ASN A 555 7.82 14.34 41.90
CA ASN A 555 8.65 13.48 42.74
C ASN A 555 10.06 14.00 42.87
N VAL A 556 10.52 14.77 41.88
CA VAL A 556 11.89 15.28 41.88
C VAL A 556 11.98 16.64 42.57
N VAL A 557 11.15 17.59 42.16
CA VAL A 557 11.27 18.96 42.64
C VAL A 557 10.11 19.35 43.56
N GLY A 558 8.95 18.73 43.45
CA GLY A 558 7.82 19.05 44.29
C GLY A 558 6.74 19.91 43.67
N ALA A 559 6.80 20.19 42.38
CA ALA A 559 5.81 21.01 41.70
C ALA A 559 5.25 20.25 40.51
N LYS A 560 3.92 20.27 40.37
CA LYS A 560 3.25 19.58 39.27
C LYS A 560 3.34 20.34 37.95
N ASN A 561 4.05 21.47 37.92
CA ASN A 561 4.09 22.29 36.72
C ASN A 561 5.45 22.97 36.64
N MET A 562 5.68 23.67 35.54
CA MET A 562 6.93 24.41 35.37
C MET A 562 6.92 25.64 36.27
N ASN A 563 8.00 25.84 37.02
CA ASN A 563 8.15 26.97 37.91
C ASN A 563 9.31 27.84 37.43
N VAL A 564 9.05 29.12 37.22
CA VAL A 564 10.07 30.04 36.77
C VAL A 564 10.90 30.60 37.93
N ARG A 565 10.41 30.43 39.16
CA ARG A 565 11.11 30.99 40.32
C ARG A 565 12.54 30.47 40.49
N PRO A 566 12.83 29.16 40.36
CA PRO A 566 14.23 28.73 40.49
C PRO A 566 15.15 29.37 39.47
N LEU A 567 14.67 29.63 38.25
CA LEU A 567 15.52 30.27 37.24
C LEU A 567 15.92 31.67 37.68
N LEU A 568 14.95 32.44 38.20
CA LEU A 568 15.25 33.81 38.61
C LEU A 568 16.16 33.85 39.84
N ASN A 569 15.93 32.93 40.78
CA ASN A 569 16.81 32.87 41.95
C ASN A 569 18.23 32.50 41.57
N TYR A 570 18.40 31.71 40.49
CA TYR A 570 19.73 31.43 39.98
C TYR A 570 20.40 32.70 39.45
N PHE A 571 19.64 33.55 38.77
CA PHE A 571 20.18 34.74 38.13
C PHE A 571 19.98 36.01 38.96
N GLU A 572 19.44 35.90 40.18
CA GLU A 572 19.21 37.09 40.98
C GLU A 572 20.45 37.93 41.24
N PRO A 573 21.64 37.37 41.52
CA PRO A 573 22.83 38.21 41.61
C PRO A 573 23.14 38.96 40.33
N LEU A 574 22.66 38.51 39.18
CA LEU A 574 22.83 39.26 37.94
C LEU A 574 21.70 40.25 37.72
N PHE A 575 20.46 39.88 38.03
CA PHE A 575 19.33 40.79 37.83
C PHE A 575 19.51 42.08 38.63
N THR A 576 19.93 41.95 39.89
CA THR A 576 20.22 43.15 40.68
C THR A 576 21.41 43.91 40.11
N TRP A 577 22.42 43.19 39.62
CA TRP A 577 23.60 43.85 39.06
C TRP A 577 23.29 44.49 37.71
N LEU A 578 22.38 43.91 36.93
CA LEU A 578 22.02 44.51 35.65
C LEU A 578 21.28 45.83 35.84
N LYS A 579 20.38 45.88 36.83
CA LYS A 579 19.65 47.12 37.09
C LYS A 579 20.60 48.24 37.53
N ASP A 580 21.59 47.91 38.35
CA ASP A 580 22.57 48.90 38.77
C ASP A 580 23.53 49.28 37.64
N GLN A 581 23.60 48.47 36.59
CA GLN A 581 24.35 48.82 35.39
C GLN A 581 23.48 49.48 34.33
N ASN A 582 22.20 49.71 34.63
CA ASN A 582 21.29 50.35 33.69
C ASN A 582 20.61 51.57 34.31
N LYS A 583 21.16 52.10 35.41
CA LYS A 583 20.67 53.37 35.93
C LYS A 583 20.79 54.47 34.88
N ASN A 584 21.99 54.65 34.33
CA ASN A 584 22.21 55.59 33.24
C ASN A 584 22.19 54.84 31.89
N SER A 585 21.08 54.17 31.66
CA SER A 585 20.82 53.46 30.42
C SER A 585 19.32 53.27 30.28
N PHE A 586 18.88 53.02 29.06
CA PHE A 586 17.47 52.80 28.80
C PHE A 586 17.16 51.31 28.87
N VAL A 587 16.08 50.97 29.59
CA VAL A 587 15.63 49.60 29.74
C VAL A 587 14.36 49.43 28.92
N GLY A 588 14.35 48.44 28.02
CA GLY A 588 13.25 48.26 27.10
C GLY A 588 13.72 48.43 25.66
N TRP A 589 12.78 48.67 24.74
CA TRP A 589 13.14 48.84 23.35
C TRP A 589 11.97 49.50 22.61
N SER A 590 12.30 50.38 21.66
CA SER A 590 11.30 50.96 20.79
C SER A 590 11.04 50.02 19.61
N THR A 591 9.77 49.69 19.37
CA THR A 591 9.43 48.80 18.28
C THR A 591 9.62 49.46 16.93
N ASP A 592 9.52 50.79 16.86
CA ASP A 592 9.43 51.49 15.58
C ASP A 592 10.78 51.71 14.91
N TRP A 593 11.89 51.61 15.63
CA TRP A 593 13.18 51.90 15.02
C TRP A 593 13.69 50.73 14.19
N SER A 594 14.27 51.04 13.04
CA SER A 594 14.87 50.06 12.14
C SER A 594 16.13 50.65 11.51
N PRO A 595 17.14 49.82 11.24
CA PRO A 595 18.43 50.36 10.76
C PRO A 595 18.42 50.75 9.29
N TYR A 596 17.25 50.73 8.65
CA TYR A 596 17.15 51.14 7.25
C TYR A 596 16.27 52.34 7.02
N ALA A 597 15.56 52.83 8.04
CA ALA A 597 14.67 53.97 7.88
C ALA A 597 15.46 55.28 7.77
N THR B 35 40.14 -44.95 31.89
CA THR B 35 39.28 -43.81 32.18
C THR B 35 39.69 -42.59 31.36
N ASN B 36 39.31 -42.59 30.08
CA ASN B 36 39.65 -41.49 29.19
C ASN B 36 38.98 -40.20 29.63
N LEU B 37 39.62 -39.08 29.31
CA LEU B 37 39.14 -37.78 29.75
C LEU B 37 37.77 -37.47 29.17
N CYS B 38 36.93 -36.82 29.96
CA CYS B 38 35.59 -36.47 29.50
C CYS B 38 35.68 -35.44 28.38
N PRO B 39 34.97 -35.65 27.27
CA PRO B 39 35.06 -34.72 26.12
C PRO B 39 34.30 -33.42 26.34
N PHE B 40 34.76 -32.63 27.30
CA PHE B 40 34.13 -31.33 27.58
C PHE B 40 34.38 -30.32 26.48
N GLY B 41 35.43 -30.51 25.69
CA GLY B 41 35.71 -29.58 24.60
C GLY B 41 34.67 -29.62 23.49
N GLU B 42 34.09 -30.79 23.24
CA GLU B 42 33.14 -30.92 22.13
C GLU B 42 31.94 -30.01 22.30
N VAL B 43 31.39 -29.93 23.52
CA VAL B 43 30.15 -29.19 23.73
C VAL B 43 30.42 -27.69 23.92
N PHE B 44 31.54 -27.33 24.54
CA PHE B 44 31.85 -25.92 24.78
C PHE B 44 32.35 -25.24 23.50
N ASN B 45 33.43 -25.77 22.92
CA ASN B 45 34.08 -25.21 21.75
C ASN B 45 33.33 -25.53 20.45
N ALA B 46 32.07 -25.95 20.53
CA ALA B 46 31.33 -26.37 19.35
C ALA B 46 31.18 -25.23 18.35
N THR B 47 31.21 -25.59 17.07
CA THR B 47 31.12 -24.59 16.01
C THR B 47 29.78 -23.87 16.02
N ARG B 48 28.69 -24.62 16.17
CA ARG B 48 27.34 -24.05 16.15
C ARG B 48 26.60 -24.42 17.43
N PHE B 49 25.99 -23.41 18.05
CA PHE B 49 25.19 -23.58 19.24
C PHE B 49 23.72 -23.42 18.88
N ALA B 50 22.86 -24.24 19.48
CA ALA B 50 21.45 -24.22 19.17
C ALA B 50 20.77 -23.00 19.80
N SER B 51 19.53 -22.76 19.39
CA SER B 51 18.73 -21.68 19.95
C SER B 51 18.28 -22.08 21.36
N VAL B 52 17.45 -21.25 21.98
CA VAL B 52 17.09 -21.51 23.36
C VAL B 52 15.91 -22.46 23.44
N TYR B 53 14.91 -22.24 22.59
CA TYR B 53 13.71 -23.08 22.58
C TYR B 53 14.03 -24.54 22.32
N ALA B 54 15.16 -24.82 21.67
CA ALA B 54 15.65 -26.19 21.48
C ALA B 54 17.11 -26.19 21.92
N TRP B 55 17.34 -26.36 23.22
CA TRP B 55 18.70 -26.47 23.71
C TRP B 55 19.26 -27.86 23.44
N ASN B 56 20.58 -27.97 23.48
CA ASN B 56 21.28 -29.21 23.13
C ASN B 56 21.79 -29.86 24.42
N ARG B 57 21.32 -31.07 24.69
CA ARG B 57 21.74 -31.83 25.87
C ARG B 57 22.66 -32.96 25.44
N ARG B 58 23.82 -33.06 26.09
CA ARG B 58 24.80 -34.09 25.79
C ARG B 58 25.12 -34.84 27.08
N ARG B 59 24.89 -36.16 27.06
CA ARG B 59 25.26 -36.99 28.20
C ARG B 59 26.77 -37.11 28.32
N ILE B 60 27.27 -37.04 29.56
CA ILE B 60 28.67 -37.24 29.85
C ILE B 60 28.78 -38.33 30.91
N SER B 61 29.40 -39.44 30.56
CA SER B 61 29.55 -40.57 31.47
C SER B 61 30.72 -41.42 30.99
N ASN B 62 31.05 -42.45 31.78
CA ASN B 62 32.11 -43.40 31.44
C ASN B 62 33.44 -42.69 31.19
N CYS B 63 33.72 -41.66 31.99
CA CYS B 63 34.93 -40.87 31.82
C CYS B 63 35.21 -40.10 33.10
N VAL B 64 36.49 -39.85 33.34
CA VAL B 64 36.91 -39.04 34.49
C VAL B 64 36.96 -37.59 34.03
N ALA B 65 36.19 -36.73 34.71
CA ALA B 65 36.02 -35.35 34.29
C ALA B 65 37.09 -34.47 34.94
N ASP B 66 37.77 -33.67 34.11
CA ASP B 66 38.71 -32.66 34.59
C ASP B 66 37.96 -31.33 34.60
N TYR B 67 37.47 -30.95 35.78
CA TYR B 67 36.84 -29.64 35.93
C TYR B 67 37.86 -28.53 36.06
N SER B 68 39.11 -28.86 36.40
CA SER B 68 40.13 -27.83 36.58
C SER B 68 40.46 -27.10 35.29
N VAL B 69 40.24 -27.73 34.13
CA VAL B 69 40.45 -27.03 32.87
C VAL B 69 39.35 -26.00 32.65
N LEU B 70 38.18 -26.19 33.25
CA LEU B 70 37.11 -25.22 33.12
C LEU B 70 37.38 -23.96 33.94
N TYR B 71 38.02 -24.10 35.10
CA TYR B 71 38.35 -22.93 35.91
C TYR B 71 39.33 -22.02 35.17
N ASN B 72 40.31 -22.62 34.50
CA ASN B 72 41.41 -21.84 33.91
C ASN B 72 40.91 -20.90 32.83
N THR B 73 39.94 -21.33 32.03
CA THR B 73 39.45 -20.51 30.93
C THR B 73 38.88 -19.19 31.46
N THR B 74 39.49 -18.08 31.03
CA THR B 74 39.12 -16.76 31.51
C THR B 74 38.03 -16.10 30.67
N SER B 75 37.72 -16.65 29.49
CA SER B 75 36.71 -16.03 28.64
C SER B 75 35.29 -16.19 29.18
N PHE B 76 35.09 -17.10 30.14
CA PHE B 76 33.77 -17.29 30.73
C PHE B 76 33.39 -16.05 31.53
N SER B 77 32.50 -15.23 30.99
CA SER B 77 32.10 -14.01 31.67
C SER B 77 31.25 -14.32 32.91
N THR B 78 30.40 -15.34 32.84
CA THR B 78 29.53 -15.73 33.94
C THR B 78 29.73 -17.22 34.21
N PHE B 79 30.74 -17.54 35.03
CA PHE B 79 30.98 -18.89 35.52
C PHE B 79 30.50 -18.92 36.96
N LYS B 80 29.32 -19.50 37.18
CA LYS B 80 28.70 -19.52 38.51
C LYS B 80 28.05 -20.88 38.72
N CYS B 81 28.67 -21.70 39.57
CA CYS B 81 28.10 -22.99 39.94
C CYS B 81 27.14 -22.82 41.10
N TYR B 82 26.03 -23.56 41.04
CA TYR B 82 24.95 -23.45 42.02
C TYR B 82 24.72 -24.80 42.67
N GLY B 83 24.93 -24.88 43.99
CA GLY B 83 24.74 -26.08 44.76
C GLY B 83 26.01 -26.81 45.14
N VAL B 84 27.06 -26.67 44.32
CA VAL B 84 28.35 -27.30 44.57
C VAL B 84 29.46 -26.31 44.25
N SER B 85 30.48 -26.27 45.10
CA SER B 85 31.64 -25.44 44.83
C SER B 85 32.48 -26.06 43.73
N PRO B 86 33.03 -25.26 42.81
CA PRO B 86 33.88 -25.83 41.75
C PRO B 86 35.13 -26.51 42.29
N THR B 87 35.70 -26.03 43.38
CA THR B 87 36.96 -26.59 43.88
C THR B 87 36.81 -28.02 44.36
N LYS B 88 35.65 -28.38 44.91
CA LYS B 88 35.40 -29.73 45.37
C LYS B 88 34.72 -30.60 44.32
N LEU B 89 34.48 -30.08 43.12
CA LEU B 89 33.92 -30.91 42.04
C LEU B 89 34.87 -32.02 41.64
N ASN B 90 36.17 -31.71 41.57
CA ASN B 90 37.14 -32.72 41.17
C ASN B 90 37.23 -33.85 42.20
N ASP B 91 36.88 -33.58 43.46
CA ASP B 91 36.95 -34.59 44.49
C ASP B 91 35.68 -35.43 44.62
N LEU B 92 34.61 -35.06 43.91
CA LEU B 92 33.35 -35.78 43.97
C LEU B 92 33.03 -36.41 42.62
N CYS B 93 32.29 -37.51 42.66
CA CYS B 93 31.95 -38.28 41.47
C CYS B 93 30.44 -38.38 41.32
N PHE B 94 29.99 -38.46 40.07
CA PHE B 94 28.57 -38.55 39.74
C PHE B 94 28.34 -39.65 38.72
N THR B 95 27.16 -40.27 38.80
CA THR B 95 26.82 -41.34 37.87
C THR B 95 26.51 -40.81 36.48
N ASN B 96 26.08 -39.55 36.38
CA ASN B 96 25.79 -38.94 35.09
C ASN B 96 26.11 -37.45 35.16
N VAL B 97 26.40 -36.88 33.99
CA VAL B 97 26.67 -35.45 33.88
C VAL B 97 25.97 -34.95 32.62
N TYR B 98 24.95 -34.10 32.80
CA TYR B 98 24.24 -33.50 31.69
C TYR B 98 24.78 -32.11 31.42
N ALA B 99 25.05 -31.81 30.15
CA ALA B 99 25.56 -30.51 29.74
C ALA B 99 24.66 -29.95 28.65
N ASP B 100 24.01 -28.82 28.95
CA ASP B 100 23.04 -28.21 28.05
C ASP B 100 23.63 -26.95 27.44
N SER B 101 23.53 -26.83 26.11
CA SER B 101 24.11 -25.71 25.37
C SER B 101 23.05 -24.99 24.56
N PHE B 102 23.10 -23.66 24.57
CA PHE B 102 22.17 -22.81 23.84
C PHE B 102 22.69 -21.37 23.91
N VAL B 103 22.04 -20.48 23.14
CA VAL B 103 22.47 -19.10 22.99
C VAL B 103 21.31 -18.17 23.35
N VAL B 104 21.52 -17.33 24.37
CA VAL B 104 20.51 -16.35 24.79
C VAL B 104 21.04 -14.95 24.54
N ARG B 105 20.22 -13.95 24.88
CA ARG B 105 20.65 -12.56 24.82
C ARG B 105 21.48 -12.21 26.06
N GLY B 106 22.17 -11.06 25.99
CA GLY B 106 23.15 -10.73 27.01
C GLY B 106 22.55 -10.57 28.39
N ASP B 107 21.47 -9.81 28.50
CA ASP B 107 20.83 -9.60 29.80
C ASP B 107 19.87 -10.72 30.17
N GLU B 108 19.62 -11.67 29.28
CA GLU B 108 18.80 -12.83 29.57
C GLU B 108 19.60 -13.99 30.15
N VAL B 109 20.92 -13.81 30.30
CA VAL B 109 21.74 -14.83 30.97
C VAL B 109 21.31 -15.00 32.42
N ARG B 110 20.88 -13.91 33.06
CA ARG B 110 20.41 -13.99 34.44
C ARG B 110 19.22 -14.94 34.58
N GLN B 111 18.41 -15.09 33.52
CA GLN B 111 17.29 -16.01 33.56
C GLN B 111 17.76 -17.46 33.58
N ILE B 112 18.99 -17.73 33.17
CA ILE B 112 19.56 -19.08 33.27
C ILE B 112 20.18 -19.15 34.66
N ALA B 113 19.35 -19.42 35.65
CA ALA B 113 19.72 -19.38 37.05
C ALA B 113 18.56 -19.98 37.86
N PRO B 114 18.82 -20.46 39.07
CA PRO B 114 17.75 -21.09 39.85
C PRO B 114 16.64 -20.12 40.18
N GLY B 115 15.40 -20.59 39.99
CA GLY B 115 14.22 -19.87 40.46
C GLY B 115 14.05 -18.47 39.92
N GLN B 116 14.57 -18.20 38.72
CA GLN B 116 14.39 -16.90 38.11
C GLN B 116 13.14 -16.89 37.22
N THR B 117 12.65 -15.69 36.94
CA THR B 117 11.46 -15.50 36.13
C THR B 117 11.73 -14.50 35.02
N GLY B 118 11.06 -14.71 33.89
CA GLY B 118 11.25 -13.85 32.74
C GLY B 118 10.67 -14.52 31.49
N LYS B 119 11.16 -14.08 30.34
CA LYS B 119 10.74 -14.71 29.09
C LYS B 119 11.45 -16.04 28.85
N ILE B 120 12.78 -16.04 28.99
CA ILE B 120 13.55 -17.25 28.72
C ILE B 120 13.29 -18.30 29.79
N ALA B 121 13.36 -17.91 31.06
CA ALA B 121 13.23 -18.88 32.14
C ALA B 121 11.86 -19.53 32.16
N ASP B 122 10.82 -18.78 31.84
CA ASP B 122 9.46 -19.31 31.90
C ASP B 122 9.01 -19.98 30.61
N TYR B 123 9.60 -19.63 29.47
CA TYR B 123 9.15 -20.16 28.19
C TYR B 123 10.21 -20.93 27.42
N ASN B 124 11.48 -20.80 27.78
CA ASN B 124 12.57 -21.35 26.98
C ASN B 124 13.41 -22.38 27.71
N TYR B 125 13.95 -22.05 28.88
CA TYR B 125 14.83 -22.97 29.60
C TYR B 125 14.77 -22.64 31.09
N LYS B 126 14.10 -23.49 31.87
CA LYS B 126 13.95 -23.28 33.30
C LYS B 126 14.84 -24.25 34.06
N LEU B 127 15.65 -23.71 34.97
CA LEU B 127 16.46 -24.51 35.87
C LEU B 127 15.66 -24.84 37.14
N PRO B 128 15.89 -26.02 37.71
CA PRO B 128 15.22 -26.36 38.97
C PRO B 128 15.61 -25.41 40.09
N ASP B 129 14.66 -25.13 40.98
CA ASP B 129 14.95 -24.28 42.13
C ASP B 129 15.98 -24.93 43.05
N ASP B 130 16.00 -26.27 43.10
CA ASP B 130 16.97 -27.03 43.88
C ASP B 130 18.20 -27.41 43.06
N PHE B 131 18.57 -26.57 42.09
CA PHE B 131 19.62 -26.91 41.14
C PHE B 131 20.94 -27.18 41.84
N MET B 132 21.58 -28.28 41.45
CA MET B 132 22.90 -28.65 41.94
C MET B 132 23.80 -28.81 40.72
N GLY B 133 24.54 -27.77 40.38
CA GLY B 133 25.35 -27.78 39.17
C GLY B 133 25.95 -26.42 38.88
N CYS B 134 26.22 -26.18 37.60
CA CYS B 134 26.91 -24.97 37.17
C CYS B 134 26.17 -24.32 36.01
N VAL B 135 26.39 -23.01 35.85
CA VAL B 135 25.90 -22.24 34.71
C VAL B 135 27.07 -21.41 34.19
N ILE B 136 27.46 -21.64 32.94
CA ILE B 136 28.59 -20.97 32.31
C ILE B 136 28.11 -20.29 31.03
N ALA B 137 28.58 -19.06 30.80
CA ALA B 137 28.22 -18.34 29.60
C ALA B 137 29.33 -17.36 29.23
N TRP B 138 29.49 -17.14 27.93
CA TRP B 138 30.46 -16.21 27.39
C TRP B 138 29.87 -15.52 26.18
N ASN B 139 30.59 -14.50 25.68
CA ASN B 139 30.09 -13.70 24.58
C ASN B 139 30.40 -14.36 23.24
N SER B 140 29.42 -14.32 22.34
CA SER B 140 29.52 -14.97 21.03
C SER B 140 29.21 -14.00 19.89
N ILE B 141 29.63 -12.74 20.03
CA ILE B 141 29.54 -11.80 18.90
C ILE B 141 30.41 -12.27 17.74
N SER B 142 31.64 -12.69 18.02
CA SER B 142 32.55 -13.07 16.95
C SER B 142 31.99 -14.21 16.12
N LEU B 143 31.10 -14.97 16.74
CA LEU B 143 30.58 -16.16 16.03
C LEU B 143 29.11 -15.93 15.70
N ASP B 144 28.26 -15.89 16.71
CA ASP B 144 26.80 -15.81 16.48
C ASP B 144 26.41 -14.51 15.77
N ALA B 145 27.08 -13.40 16.08
CA ALA B 145 26.68 -12.10 15.49
C ALA B 145 27.52 -11.77 14.27
N LYS B 146 26.93 -11.11 13.29
CA LYS B 146 27.73 -10.68 12.12
C LYS B 146 27.41 -9.23 11.81
N VAL B 147 26.96 -8.98 10.59
CA VAL B 147 26.62 -7.62 10.14
C VAL B 147 25.15 -7.71 9.78
N GLY B 148 24.58 -6.67 9.18
CA GLY B 148 23.18 -6.82 8.76
C GLY B 148 22.46 -7.32 9.96
N GLY B 149 21.74 -8.44 9.85
CA GLY B 149 21.16 -9.04 11.06
C GLY B 149 21.40 -10.54 11.11
N ASN B 150 22.00 -11.06 12.18
CA ASN B 150 22.10 -12.55 12.28
C ASN B 150 20.82 -13.02 12.94
N TYR B 151 19.79 -13.23 12.14
CA TYR B 151 18.47 -13.59 12.69
C TYR B 151 18.41 -15.10 12.83
N ASN B 152 19.55 -15.75 12.67
CA ASN B 152 19.55 -17.23 12.69
C ASN B 152 19.02 -17.76 14.01
N TYR B 153 19.30 -17.10 15.12
CA TYR B 153 18.90 -17.68 16.43
C TYR B 153 17.46 -17.31 16.77
N TYR B 154 16.71 -18.23 17.39
CA TYR B 154 15.31 -17.99 17.74
C TYR B 154 15.08 -18.22 19.23
N TYR B 155 13.88 -17.85 19.67
CA TYR B 155 13.47 -18.04 21.05
C TYR B 155 11.96 -18.05 21.10
N ARG B 156 11.43 -18.64 22.17
CA ARG B 156 9.98 -18.76 22.34
C ARG B 156 9.45 -17.54 23.09
N LEU B 157 8.53 -16.82 22.46
CA LEU B 157 7.94 -15.61 23.03
C LEU B 157 6.65 -15.87 23.77
N PHE B 158 5.87 -16.88 23.37
CA PHE B 158 4.59 -17.18 23.99
C PHE B 158 4.46 -18.67 24.25
N ARG B 159 3.90 -19.02 25.41
CA ARG B 159 3.55 -20.40 25.73
C ARG B 159 2.43 -20.38 26.75
N LYS B 160 1.45 -21.26 26.58
CA LYS B 160 0.31 -21.29 27.49
C LYS B 160 0.75 -21.55 28.93
N SER B 161 1.53 -22.61 29.14
CA SER B 161 2.03 -22.95 30.46
C SER B 161 3.47 -22.47 30.61
N VAL B 162 3.89 -22.32 31.86
CA VAL B 162 5.28 -22.09 32.18
C VAL B 162 6.04 -23.39 32.03
N LEU B 163 7.29 -23.31 31.61
CA LEU B 163 8.09 -24.51 31.41
C LEU B 163 8.41 -25.15 32.75
N LYS B 164 8.04 -26.41 32.91
CA LYS B 164 8.53 -27.19 34.04
C LYS B 164 10.05 -27.32 33.91
N PRO B 165 10.77 -27.46 35.03
CA PRO B 165 12.23 -27.46 34.96
C PRO B 165 12.75 -28.56 34.03
N PHE B 166 13.81 -28.23 33.29
CA PHE B 166 14.44 -29.13 32.33
C PHE B 166 13.46 -29.60 31.26
N GLU B 167 12.66 -28.67 30.74
CA GLU B 167 11.72 -28.96 29.67
C GLU B 167 12.14 -28.26 28.39
N ARG B 168 11.77 -28.85 27.26
CA ARG B 168 12.05 -28.30 25.94
C ARG B 168 10.78 -28.34 25.11
N ASP B 169 10.35 -27.19 24.61
CA ASP B 169 9.18 -27.10 23.73
C ASP B 169 9.65 -26.68 22.35
N ILE B 170 9.49 -27.61 21.39
CA ILE B 170 9.89 -27.38 20.00
C ILE B 170 8.71 -26.94 19.15
N SER B 171 7.54 -26.80 19.77
CA SER B 171 6.31 -26.56 19.03
C SER B 171 6.40 -25.31 18.17
N THR B 172 6.01 -25.46 16.90
CA THR B 172 5.82 -24.33 16.00
C THR B 172 4.37 -23.91 15.90
N GLN B 173 3.48 -24.55 16.65
CA GLN B 173 2.06 -24.25 16.60
C GLN B 173 1.79 -22.86 17.19
N LEU B 174 0.76 -22.21 16.67
CA LEU B 174 0.49 -20.81 16.96
C LEU B 174 0.08 -20.62 18.43
N TYR B 175 -0.20 -19.37 18.78
CA TYR B 175 -0.54 -18.99 20.15
C TYR B 175 -1.87 -18.23 20.11
N GLN B 176 -2.95 -18.91 20.51
CA GLN B 176 -4.29 -18.33 20.48
C GLN B 176 -4.47 -17.46 21.72
N ALA B 177 -4.14 -16.18 21.59
CA ALA B 177 -4.38 -15.23 22.67
C ALA B 177 -5.85 -14.86 22.80
N GLY B 178 -6.58 -14.84 21.69
CA GLY B 178 -7.98 -14.48 21.69
C GLY B 178 -8.90 -15.69 21.77
N ASP B 179 -10.19 -15.43 21.54
CA ASP B 179 -11.21 -16.47 21.55
C ASP B 179 -11.63 -16.90 20.15
N LYS B 180 -10.93 -16.44 19.12
CA LYS B 180 -11.20 -16.85 17.75
C LYS B 180 -10.21 -17.92 17.32
N PRO B 181 -10.69 -18.95 16.61
CA PRO B 181 -9.79 -20.05 16.22
C PRO B 181 -8.62 -19.57 15.38
N CYS B 182 -7.49 -20.25 15.54
CA CYS B 182 -6.24 -19.88 14.90
C CYS B 182 -5.91 -20.87 13.79
N SER B 183 -6.01 -20.42 12.54
CA SER B 183 -5.53 -21.16 11.39
C SER B 183 -4.47 -20.41 10.59
N VAL B 184 -4.26 -19.13 10.89
CA VAL B 184 -3.28 -18.30 10.21
C VAL B 184 -2.83 -17.22 11.17
N GLU B 185 -1.56 -16.82 11.07
CA GLU B 185 -1.06 -15.75 11.92
C GLU B 185 -1.83 -14.47 11.61
N GLY B 186 -2.64 -14.02 12.55
CA GLY B 186 -3.49 -12.86 12.35
C GLY B 186 -3.42 -11.88 13.49
N PRO B 187 -4.53 -11.18 13.74
CA PRO B 187 -4.53 -10.16 14.81
C PRO B 187 -4.17 -10.70 16.18
N ASP B 188 -4.70 -11.85 16.56
CA ASP B 188 -4.44 -12.42 17.88
C ASP B 188 -3.86 -13.82 17.83
N CYS B 189 -3.53 -14.32 16.63
CA CYS B 189 -2.80 -15.56 16.48
C CYS B 189 -1.34 -15.23 16.17
N TYR B 190 -0.44 -15.65 17.05
CA TYR B 190 0.96 -15.29 16.95
C TYR B 190 1.81 -16.55 16.81
N TYR B 191 2.83 -16.48 15.96
CA TYR B 191 3.81 -17.54 15.88
C TYR B 191 4.60 -17.55 17.18
N PRO B 192 4.66 -18.66 17.91
CA PRO B 192 5.28 -18.63 19.24
C PRO B 192 6.76 -18.27 19.22
N LEU B 193 7.50 -18.80 18.26
CA LEU B 193 8.92 -18.50 18.16
C LEU B 193 9.13 -17.15 17.47
N GLN B 194 10.09 -16.40 17.98
CA GLN B 194 10.55 -15.17 17.34
C GLN B 194 12.07 -15.26 17.19
N SER B 195 12.64 -14.33 16.44
CA SER B 195 14.04 -14.38 16.05
C SER B 195 14.82 -13.32 16.80
N TYR B 196 15.87 -13.75 17.50
CA TYR B 196 16.85 -12.81 18.02
C TYR B 196 17.50 -12.05 16.87
N GLY B 197 17.65 -10.75 17.04
CA GLY B 197 18.45 -9.98 16.10
C GLY B 197 19.81 -9.68 16.69
N PHE B 198 20.82 -10.45 16.28
CA PHE B 198 22.17 -10.32 16.81
C PHE B 198 23.03 -9.56 15.83
N GLN B 199 23.52 -8.40 16.26
CA GLN B 199 24.35 -7.54 15.43
C GLN B 199 25.51 -7.01 16.26
N SER B 200 26.66 -6.85 15.61
CA SER B 200 27.87 -6.42 16.32
C SER B 200 27.73 -5.02 16.90
N THR B 201 26.79 -4.22 16.40
CA THR B 201 26.56 -2.89 16.95
C THR B 201 25.63 -2.90 18.15
N ASN B 202 25.02 -4.03 18.48
CA ASN B 202 24.13 -4.12 19.63
C ASN B 202 24.93 -3.96 20.93
N GLY B 203 24.25 -3.45 21.95
CA GLY B 203 24.86 -3.35 23.26
C GLY B 203 24.95 -4.69 23.95
N VAL B 204 25.65 -4.69 25.09
CA VAL B 204 25.96 -5.94 25.79
C VAL B 204 24.69 -6.73 26.09
N GLY B 205 23.61 -6.03 26.45
CA GLY B 205 22.37 -6.71 26.74
C GLY B 205 21.81 -7.46 25.55
N TYR B 206 21.96 -6.90 24.35
CA TYR B 206 21.44 -7.49 23.12
C TYR B 206 22.53 -8.18 22.31
N GLN B 207 23.59 -8.65 22.98
CA GLN B 207 24.63 -9.38 22.28
C GLN B 207 24.50 -10.87 22.54
N PRO B 208 24.79 -11.72 21.56
CA PRO B 208 24.58 -13.16 21.76
C PRO B 208 25.58 -13.75 22.76
N TYR B 209 25.07 -14.54 23.68
CA TYR B 209 25.88 -15.25 24.67
C TYR B 209 25.58 -16.74 24.59
N ARG B 210 26.61 -17.54 24.40
CA ARG B 210 26.47 -18.99 24.45
C ARG B 210 26.47 -19.45 25.91
N VAL B 211 25.52 -20.31 26.25
CA VAL B 211 25.32 -20.75 27.63
C VAL B 211 25.46 -22.26 27.68
N VAL B 212 26.32 -22.74 28.58
CA VAL B 212 26.45 -24.16 28.88
C VAL B 212 26.06 -24.38 30.33
N VAL B 213 25.13 -25.29 30.56
CA VAL B 213 24.63 -25.61 31.89
C VAL B 213 25.03 -27.05 32.21
N LEU B 214 25.87 -27.23 33.21
CA LEU B 214 26.29 -28.55 33.68
C LEU B 214 25.48 -28.92 34.91
N SER B 215 24.60 -29.90 34.76
CA SER B 215 23.89 -30.47 35.89
C SER B 215 24.56 -31.77 36.32
N PHE B 216 24.03 -32.38 37.36
CA PHE B 216 24.52 -33.66 37.84
C PHE B 216 23.34 -34.53 38.21
N GLU B 217 23.58 -35.84 38.25
CA GLU B 217 22.50 -36.81 38.49
C GLU B 217 23.08 -38.01 39.22
N LEU B 218 22.78 -38.13 40.51
CA LEU B 218 23.22 -39.27 41.30
C LEU B 218 22.13 -40.33 41.35
N LEU B 219 22.48 -41.55 40.99
CA LEU B 219 21.57 -42.68 40.98
C LEU B 219 22.22 -43.84 41.75
N ASN B 220 21.51 -44.97 41.78
CA ASN B 220 22.08 -46.21 42.30
C ASN B 220 22.83 -46.90 41.17
N ALA B 221 24.04 -46.42 40.91
CA ALA B 221 24.88 -46.89 39.82
C ALA B 221 26.32 -46.50 40.12
N PRO B 222 27.29 -47.15 39.49
CA PRO B 222 28.69 -46.78 39.72
C PRO B 222 28.97 -45.37 39.26
N ALA B 223 30.07 -44.82 39.78
CA ALA B 223 30.46 -43.45 39.46
C ALA B 223 31.03 -43.37 38.05
N THR B 224 30.15 -43.19 37.07
CA THR B 224 30.58 -43.13 35.68
C THR B 224 31.35 -41.85 35.36
N VAL B 225 31.17 -40.80 36.15
CA VAL B 225 31.96 -39.58 36.04
C VAL B 225 32.63 -39.35 37.39
N CYS B 226 33.96 -39.28 37.39
CA CYS B 226 34.71 -39.13 38.63
C CYS B 226 35.70 -37.99 38.53
N GLY B 227 36.59 -37.89 39.51
CA GLY B 227 37.67 -36.93 39.48
C GLY B 227 39.00 -37.63 39.25
N PRO B 228 40.02 -36.85 38.89
CA PRO B 228 41.32 -37.46 38.59
C PRO B 228 41.93 -38.23 39.76
N LYS B 229 41.65 -37.83 41.00
CA LYS B 229 42.22 -38.53 42.15
C LYS B 229 41.76 -39.98 42.21
N LYS B 230 40.47 -40.22 42.00
CA LYS B 230 39.92 -41.58 42.03
C LYS B 230 39.85 -42.18 40.63
N SER C 2 -30.21 -9.71 12.09
CA SER C 2 -29.33 -10.07 10.98
C SER C 2 -28.46 -8.89 10.56
N THR C 3 -27.19 -9.16 10.27
CA THR C 3 -26.28 -8.12 9.82
C THR C 3 -26.64 -7.67 8.41
N ILE C 4 -26.35 -6.40 8.11
CA ILE C 4 -26.67 -5.84 6.81
C ILE C 4 -25.93 -6.55 5.70
N GLU C 5 -24.72 -7.04 5.99
CA GLU C 5 -23.98 -7.84 5.01
C GLU C 5 -24.71 -9.14 4.70
N GLU C 6 -25.10 -9.88 5.74
CA GLU C 6 -25.86 -11.11 5.52
C GLU C 6 -27.27 -10.82 5.02
N GLN C 7 -27.83 -9.66 5.38
CA GLN C 7 -29.10 -9.24 4.80
C GLN C 7 -28.97 -9.05 3.28
N ALA C 8 -27.83 -8.53 2.84
CA ALA C 8 -27.58 -8.32 1.41
C ALA C 8 -27.05 -9.56 0.71
N LYS C 9 -26.34 -10.44 1.42
CA LYS C 9 -25.93 -11.71 0.85
C LYS C 9 -27.15 -12.51 0.38
N THR C 10 -28.15 -12.63 1.25
CA THR C 10 -29.38 -13.33 0.91
C THR C 10 -30.11 -12.64 -0.24
N PHE C 11 -30.00 -11.31 -0.31
CA PHE C 11 -30.61 -10.58 -1.42
C PHE C 11 -29.95 -10.92 -2.75
N LEU C 12 -28.62 -11.02 -2.76
CA LEU C 12 -27.91 -11.40 -3.99
C LEU C 12 -28.24 -12.84 -4.38
N ASP C 13 -28.39 -13.73 -3.40
CA ASP C 13 -28.78 -15.10 -3.69
C ASP C 13 -30.14 -15.13 -4.39
N LYS C 14 -31.10 -14.36 -3.89
CA LYS C 14 -32.39 -14.25 -4.56
C LYS C 14 -32.23 -13.62 -5.94
N PHE C 15 -31.40 -12.57 -6.03
CA PHE C 15 -31.20 -11.92 -7.32
C PHE C 15 -30.55 -12.86 -8.33
N ASN C 16 -29.43 -13.48 -7.96
CA ASN C 16 -28.67 -14.30 -8.91
C ASN C 16 -29.52 -15.42 -9.48
N HIS C 17 -30.22 -16.14 -8.60
CA HIS C 17 -31.03 -17.28 -9.06
C HIS C 17 -32.25 -16.82 -9.86
N GLU C 18 -32.84 -15.68 -9.50
CA GLU C 18 -33.95 -15.15 -10.27
C GLU C 18 -33.48 -14.48 -11.56
N ALA C 19 -32.33 -13.78 -11.51
CA ALA C 19 -31.86 -13.03 -12.67
C ALA C 19 -31.50 -13.94 -13.83
N GLU C 20 -30.90 -15.09 -13.54
CA GLU C 20 -30.34 -15.93 -14.59
C GLU C 20 -31.42 -16.40 -15.58
N ASP C 21 -32.63 -16.66 -15.12
CA ASP C 21 -33.58 -17.17 -16.12
C ASP C 21 -34.05 -15.98 -16.94
N LEU C 22 -34.29 -14.86 -16.29
CA LEU C 22 -34.86 -13.71 -17.05
C LEU C 22 -33.83 -13.28 -18.07
N PHE C 23 -32.57 -13.21 -17.66
CA PHE C 23 -31.53 -12.85 -18.64
C PHE C 23 -31.55 -13.93 -19.69
N TYR C 24 -31.69 -15.17 -19.26
CA TYR C 24 -31.61 -16.26 -20.25
C TYR C 24 -32.75 -16.08 -21.23
N GLN C 25 -33.93 -15.80 -20.72
CA GLN C 25 -35.06 -15.75 -21.65
C GLN C 25 -34.81 -14.61 -22.62
N SER C 26 -34.38 -13.47 -22.09
CA SER C 26 -34.21 -12.34 -23.02
C SER C 26 -33.12 -12.77 -23.99
N SER C 27 -32.08 -13.36 -23.43
CA SER C 27 -31.01 -13.81 -24.32
C SER C 27 -31.52 -14.84 -25.31
N LEU C 28 -32.34 -15.79 -24.86
CA LEU C 28 -32.90 -16.79 -25.77
C LEU C 28 -33.83 -16.15 -26.79
N ALA C 29 -34.63 -15.17 -26.35
CA ALA C 29 -35.48 -14.45 -27.30
C ALA C 29 -34.66 -13.55 -28.22
N SER C 30 -33.62 -12.92 -27.68
CA SER C 30 -32.72 -12.11 -28.51
C SER C 30 -32.05 -12.96 -29.57
N TRP C 31 -31.70 -14.21 -29.22
CA TRP C 31 -31.11 -15.12 -30.18
C TRP C 31 -32.08 -15.44 -31.31
N ASN C 32 -33.37 -15.53 -31.01
CA ASN C 32 -34.34 -15.97 -32.01
C ASN C 32 -34.63 -14.89 -33.05
N TYR C 33 -34.42 -13.61 -32.73
CA TYR C 33 -34.50 -12.60 -33.78
C TYR C 33 -33.24 -12.60 -34.65
N ASN C 34 -32.07 -12.68 -34.03
CA ASN C 34 -30.80 -12.61 -34.76
C ASN C 34 -30.50 -13.86 -35.56
N THR C 35 -31.26 -14.95 -35.37
CA THR C 35 -31.13 -16.13 -36.19
C THR C 35 -32.34 -16.36 -37.09
N ASN C 36 -33.45 -15.67 -36.83
CA ASN C 36 -34.70 -15.86 -37.56
C ASN C 36 -35.44 -14.52 -37.46
N ILE C 37 -35.25 -13.68 -38.46
CA ILE C 37 -35.69 -12.29 -38.37
C ILE C 37 -37.17 -12.20 -38.70
N THR C 38 -37.96 -11.72 -37.75
CA THR C 38 -39.40 -11.52 -37.93
C THR C 38 -39.85 -10.43 -36.97
N GLU C 39 -40.94 -9.75 -37.32
CA GLU C 39 -41.57 -8.85 -36.38
C GLU C 39 -42.21 -9.60 -35.22
N GLU C 40 -42.56 -10.87 -35.42
CA GLU C 40 -43.03 -11.69 -34.31
C GLU C 40 -41.90 -11.98 -33.34
N ASN C 41 -40.68 -12.20 -33.86
CA ASN C 41 -39.52 -12.42 -32.99
C ASN C 41 -39.02 -11.12 -32.37
N VAL C 42 -39.09 -10.01 -33.12
CA VAL C 42 -38.52 -8.75 -32.63
C VAL C 42 -39.26 -8.27 -31.39
N GLN C 43 -40.57 -8.53 -31.29
CA GLN C 43 -41.30 -8.13 -30.10
C GLN C 43 -40.95 -9.01 -28.91
N ASN C 44 -40.79 -10.33 -29.15
CA ASN C 44 -40.39 -11.23 -28.08
C ASN C 44 -39.06 -10.78 -27.46
N MET C 45 -38.11 -10.38 -28.30
CA MET C 45 -36.87 -9.82 -27.78
C MET C 45 -37.12 -8.50 -27.06
N ASN C 46 -37.95 -7.63 -27.63
CA ASN C 46 -38.25 -6.35 -26.98
C ASN C 46 -39.00 -6.55 -25.66
N ASN C 47 -39.99 -7.45 -25.65
CA ASN C 47 -40.74 -7.69 -24.42
C ASN C 47 -39.84 -8.24 -23.32
N ALA C 48 -39.10 -9.31 -23.61
CA ALA C 48 -38.21 -9.89 -22.62
C ALA C 48 -37.08 -8.94 -22.25
N GLY C 49 -36.56 -8.21 -23.24
CA GLY C 49 -35.54 -7.21 -22.95
C GLY C 49 -36.05 -6.13 -22.01
N ASP C 50 -37.29 -5.70 -22.21
CA ASP C 50 -37.89 -4.72 -21.30
C ASP C 50 -38.17 -5.34 -19.93
N LYS C 51 -38.64 -6.59 -19.91
CA LYS C 51 -38.85 -7.28 -18.64
C LYS C 51 -37.55 -7.43 -17.87
N TRP C 52 -36.47 -7.78 -18.57
CA TRP C 52 -35.17 -7.90 -17.91
C TRP C 52 -34.72 -6.56 -17.36
N SER C 53 -34.93 -5.48 -18.11
CA SER C 53 -34.64 -4.14 -17.60
C SER C 53 -35.53 -3.81 -16.42
N ALA C 54 -36.81 -4.18 -16.49
CA ALA C 54 -37.72 -3.93 -15.38
C ALA C 54 -37.28 -4.69 -14.12
N PHE C 55 -36.77 -5.91 -14.30
CA PHE C 55 -36.24 -6.66 -13.16
C PHE C 55 -35.03 -5.95 -12.56
N LEU C 56 -34.13 -5.45 -13.39
CA LEU C 56 -32.98 -4.72 -12.89
C LEU C 56 -33.40 -3.44 -12.17
N LYS C 57 -34.38 -2.72 -12.74
CA LYS C 57 -34.85 -1.50 -12.10
C LYS C 57 -35.50 -1.81 -10.75
N GLU C 58 -36.26 -2.90 -10.66
CA GLU C 58 -36.83 -3.30 -9.38
C GLU C 58 -35.74 -3.63 -8.37
N GLN C 59 -34.75 -4.41 -8.78
CA GLN C 59 -33.71 -4.82 -7.85
C GLN C 59 -32.73 -3.69 -7.56
N SER C 60 -32.56 -2.75 -8.49
CA SER C 60 -31.68 -1.61 -8.26
C SER C 60 -32.17 -0.79 -7.07
N THR C 61 -33.47 -0.50 -7.03
CA THR C 61 -34.04 0.22 -5.90
C THR C 61 -33.93 -0.59 -4.61
N LEU C 62 -34.23 -1.88 -4.67
CA LEU C 62 -34.17 -2.73 -3.50
C LEU C 62 -32.73 -3.01 -3.07
N ALA C 63 -31.76 -2.84 -3.96
CA ALA C 63 -30.36 -3.01 -3.57
C ALA C 63 -29.86 -1.83 -2.75
N GLN C 64 -30.33 -0.62 -3.06
CA GLN C 64 -29.91 0.57 -2.32
C GLN C 64 -30.38 0.55 -0.87
N MET C 65 -31.33 -0.32 -0.54
CA MET C 65 -31.75 -0.47 0.85
C MET C 65 -30.65 -1.09 1.72
N TYR C 66 -29.59 -1.62 1.12
CA TYR C 66 -28.41 -2.07 1.83
C TYR C 66 -27.27 -1.10 1.53
N PRO C 67 -26.95 -0.15 2.41
CA PRO C 67 -25.86 0.77 2.13
C PRO C 67 -24.53 0.05 2.02
N LEU C 68 -23.67 0.55 1.12
CA LEU C 68 -22.40 -0.12 0.84
C LEU C 68 -21.45 -0.06 2.03
N GLN C 69 -21.59 0.95 2.89
CA GLN C 69 -20.65 1.11 3.99
C GLN C 69 -20.73 -0.04 4.97
N GLU C 70 -21.94 -0.50 5.30
CA GLU C 70 -22.12 -1.56 6.28
C GLU C 70 -21.50 -2.88 5.84
N ILE C 71 -21.32 -3.07 4.54
CA ILE C 71 -20.86 -4.34 3.98
C ILE C 71 -19.34 -4.37 3.96
N GLN C 72 -18.77 -5.55 4.16
CA GLN C 72 -17.32 -5.69 4.25
C GLN C 72 -16.78 -6.74 3.28
N ASN C 73 -17.57 -7.77 2.98
CA ASN C 73 -17.17 -8.75 1.99
C ASN C 73 -17.05 -8.08 0.62
N LEU C 74 -15.86 -8.17 0.02
CA LEU C 74 -15.60 -7.45 -1.22
C LEU C 74 -16.43 -8.01 -2.37
N THR C 75 -16.48 -9.34 -2.51
CA THR C 75 -17.27 -9.93 -3.58
C THR C 75 -18.74 -9.54 -3.48
N VAL C 76 -19.25 -9.45 -2.25
CA VAL C 76 -20.60 -8.95 -2.04
C VAL C 76 -20.68 -7.47 -2.39
N LYS C 77 -19.63 -6.70 -2.06
CA LYS C 77 -19.65 -5.26 -2.30
C LYS C 77 -19.80 -4.94 -3.78
N LEU C 78 -19.01 -5.62 -4.63
CA LEU C 78 -19.03 -5.31 -6.06
C LEU C 78 -20.39 -5.59 -6.69
N GLN C 79 -21.01 -6.70 -6.32
CA GLN C 79 -22.28 -7.07 -6.94
C GLN C 79 -23.37 -6.05 -6.65
N LEU C 80 -23.49 -5.63 -5.39
CA LEU C 80 -24.49 -4.61 -5.04
C LEU C 80 -24.17 -3.30 -5.73
N GLN C 81 -22.89 -2.95 -5.83
CA GLN C 81 -22.49 -1.69 -6.45
C GLN C 81 -23.03 -1.58 -7.88
N ALA C 82 -22.84 -2.63 -8.68
CA ALA C 82 -23.40 -2.65 -10.02
C ALA C 82 -24.92 -2.64 -9.98
N LEU C 83 -25.51 -3.28 -8.97
CA LEU C 83 -26.97 -3.28 -8.85
C LEU C 83 -27.48 -1.93 -8.34
N GLN C 84 -26.78 -1.34 -7.36
CA GLN C 84 -27.20 -0.07 -6.75
C GLN C 84 -27.05 1.11 -7.68
N GLN C 85 -26.68 0.94 -8.94
CA GLN C 85 -26.48 2.07 -9.84
C GLN C 85 -27.81 2.75 -10.11
N ASN C 86 -28.00 3.93 -9.54
CA ASN C 86 -29.19 4.72 -9.85
C ASN C 86 -29.22 5.08 -11.32
N GLY C 87 -28.07 5.49 -11.87
CA GLY C 87 -27.97 5.70 -13.30
C GLY C 87 -28.83 6.84 -13.79
N SER C 88 -29.67 6.57 -14.78
CA SER C 88 -30.53 7.57 -15.38
C SER C 88 -31.85 7.76 -14.66
N SER C 89 -32.14 6.91 -13.66
CA SER C 89 -33.36 7.09 -12.88
C SER C 89 -33.25 8.25 -11.90
N VAL C 90 -32.03 8.68 -11.57
CA VAL C 90 -31.86 9.84 -10.70
C VAL C 90 -32.31 11.13 -11.40
N LEU C 91 -32.35 11.14 -12.73
CA LEU C 91 -32.82 12.28 -13.48
C LEU C 91 -34.34 12.38 -13.39
N SER C 92 -34.85 13.59 -13.64
CA SER C 92 -36.29 13.79 -13.67
C SER C 92 -36.91 12.98 -14.80
N GLU C 93 -38.12 12.46 -14.55
CA GLU C 93 -38.74 11.54 -15.49
C GLU C 93 -38.94 12.16 -16.86
N ASP C 94 -39.19 13.47 -16.93
CA ASP C 94 -39.34 14.13 -18.23
C ASP C 94 -37.99 14.32 -18.91
N LYS C 95 -36.95 14.64 -18.14
CA LYS C 95 -35.63 14.86 -18.73
C LYS C 95 -35.03 13.55 -19.26
N SER C 96 -35.20 12.45 -18.52
CA SER C 96 -34.65 11.17 -18.95
C SER C 96 -35.29 10.72 -20.26
N LYS C 97 -36.60 10.94 -20.40
CA LYS C 97 -37.28 10.62 -21.65
C LYS C 97 -36.73 11.46 -22.80
N ARG C 98 -36.31 12.69 -22.51
CA ARG C 98 -35.73 13.54 -23.55
C ARG C 98 -34.37 13.00 -24.02
N LEU C 99 -33.59 12.45 -23.09
CA LEU C 99 -32.27 11.92 -23.45
C LEU C 99 -32.40 10.76 -24.43
N ASN C 100 -33.34 9.85 -24.18
CA ASN C 100 -33.53 8.73 -25.10
C ASN C 100 -34.17 9.19 -26.41
N THR C 101 -34.94 10.28 -26.38
CA THR C 101 -35.40 10.88 -27.62
C THR C 101 -34.22 11.44 -28.42
N ILE C 102 -33.24 12.02 -27.73
CA ILE C 102 -32.06 12.53 -28.40
C ILE C 102 -31.22 11.39 -28.98
N LEU C 103 -30.99 10.35 -28.18
CA LEU C 103 -30.11 9.27 -28.61
C LEU C 103 -30.72 8.48 -29.77
N ASN C 104 -31.99 8.08 -29.64
CA ASN C 104 -32.62 7.30 -30.69
C ASN C 104 -32.71 8.08 -32.00
N THR C 105 -32.90 9.41 -31.93
CA THR C 105 -32.82 10.22 -33.13
C THR C 105 -31.41 10.22 -33.69
N MET C 106 -30.39 10.31 -32.82
CA MET C 106 -29.01 10.32 -33.28
C MET C 106 -28.66 9.03 -34.02
N SER C 107 -29.08 7.89 -33.49
CA SER C 107 -28.75 6.61 -34.11
C SER C 107 -29.37 6.49 -35.50
N THR C 108 -30.63 6.87 -35.64
CA THR C 108 -31.31 6.74 -36.93
C THR C 108 -30.77 7.74 -37.95
N ILE C 109 -30.41 8.95 -37.52
CA ILE C 109 -29.75 9.89 -38.42
C ILE C 109 -28.43 9.30 -38.91
N TYR C 110 -27.66 8.73 -38.00
CA TYR C 110 -26.46 8.00 -38.39
C TYR C 110 -26.79 6.78 -39.24
N SER C 111 -27.96 6.18 -39.02
CA SER C 111 -28.32 4.95 -39.71
C SER C 111 -28.85 5.22 -41.12
N THR C 112 -29.82 6.13 -41.24
CA THR C 112 -30.48 6.39 -42.51
C THR C 112 -30.38 7.87 -42.91
N GLY C 113 -29.23 8.48 -42.66
CA GLY C 113 -28.96 9.81 -43.18
C GLY C 113 -27.87 9.77 -44.23
N LYS C 114 -28.24 9.92 -45.49
CA LYS C 114 -27.32 9.74 -46.60
C LYS C 114 -26.90 11.09 -47.18
N VAL C 115 -26.17 11.04 -48.29
CA VAL C 115 -25.88 12.21 -49.11
C VAL C 115 -25.88 11.77 -50.57
N CYS C 116 -26.20 12.71 -51.45
CA CYS C 116 -26.38 12.43 -52.87
C CYS C 116 -25.27 13.06 -53.69
N ASN C 117 -25.04 12.49 -54.87
CA ASN C 117 -24.05 13.03 -55.79
C ASN C 117 -24.53 14.38 -56.32
N PRO C 118 -23.68 15.41 -56.32
CA PRO C 118 -24.05 16.67 -56.97
C PRO C 118 -24.12 16.59 -58.49
N ASP C 119 -23.59 15.51 -59.07
CA ASP C 119 -23.68 15.29 -60.52
C ASP C 119 -24.78 14.31 -60.89
N ASN C 120 -25.12 13.38 -60.00
CA ASN C 120 -26.18 12.41 -60.25
C ASN C 120 -26.96 12.21 -58.97
N PRO C 121 -27.94 13.06 -58.69
CA PRO C 121 -28.80 12.86 -57.51
C PRO C 121 -29.67 11.62 -57.59
N GLN C 122 -29.56 10.83 -58.67
CA GLN C 122 -30.27 9.55 -58.70
C GLN C 122 -29.82 8.68 -57.53
N GLU C 123 -28.51 8.66 -57.29
CA GLU C 123 -27.86 7.71 -56.39
C GLU C 123 -27.46 8.45 -55.11
N CYS C 124 -28.34 8.41 -54.11
CA CYS C 124 -28.03 8.88 -52.78
C CYS C 124 -27.52 7.71 -51.96
N LEU C 125 -26.26 7.78 -51.54
CA LEU C 125 -25.59 6.65 -50.89
C LEU C 125 -25.42 6.93 -49.40
N LEU C 126 -25.84 5.97 -48.58
CA LEU C 126 -25.67 6.05 -47.14
C LEU C 126 -24.22 5.75 -46.76
N LEU C 127 -23.93 5.84 -45.47
CA LEU C 127 -22.60 5.48 -44.98
C LEU C 127 -22.23 4.07 -45.37
N GLU C 128 -23.10 3.11 -45.04
CA GLU C 128 -22.88 1.71 -45.33
C GLU C 128 -23.87 1.23 -46.38
N PRO C 129 -23.39 0.63 -47.47
CA PRO C 129 -21.96 0.46 -47.75
C PRO C 129 -21.42 1.47 -48.76
N GLY C 130 -22.24 2.47 -49.11
CA GLY C 130 -21.88 3.41 -50.16
C GLY C 130 -20.68 4.27 -49.87
N LEU C 131 -20.77 5.16 -48.88
CA LEU C 131 -19.68 6.08 -48.60
C LEU C 131 -18.48 5.37 -47.98
N ASN C 132 -18.71 4.27 -47.28
CA ASN C 132 -17.59 3.52 -46.72
C ASN C 132 -16.82 2.76 -47.79
N GLU C 133 -17.44 2.47 -48.93
CA GLU C 133 -16.69 1.94 -50.06
C GLU C 133 -15.79 3.01 -50.66
N ILE C 134 -16.31 4.24 -50.80
CA ILE C 134 -15.55 5.32 -51.42
C ILE C 134 -14.31 5.64 -50.58
N MET C 135 -14.48 5.77 -49.27
CA MET C 135 -13.35 6.10 -48.40
C MET C 135 -12.33 4.98 -48.37
N ALA C 136 -12.77 3.73 -48.52
CA ALA C 136 -11.87 2.58 -48.44
C ALA C 136 -11.19 2.28 -49.77
N ASN C 137 -11.90 2.43 -50.88
CA ASN C 137 -11.41 2.00 -52.20
C ASN C 137 -10.98 3.16 -53.08
N SER C 138 -11.79 4.21 -53.17
CA SER C 138 -11.54 5.26 -54.15
C SER C 138 -10.21 5.96 -53.87
N LEU C 139 -9.55 6.37 -54.95
CA LEU C 139 -8.28 7.09 -54.87
C LEU C 139 -8.40 8.53 -55.37
N ASP C 140 -9.61 8.98 -55.74
CA ASP C 140 -9.79 10.34 -56.23
C ASP C 140 -9.95 11.28 -55.04
N TYR C 141 -8.98 12.17 -54.85
CA TYR C 141 -9.00 13.11 -53.74
C TYR C 141 -10.30 13.90 -53.72
N ASN C 142 -10.71 14.44 -54.87
CA ASN C 142 -11.91 15.26 -54.92
C ASN C 142 -13.16 14.45 -54.61
N GLU C 143 -13.26 13.23 -55.15
CA GLU C 143 -14.41 12.39 -54.84
C GLU C 143 -14.44 12.01 -53.36
N ARG C 144 -13.27 11.69 -52.79
CA ARG C 144 -13.20 11.36 -51.37
C ARG C 144 -13.43 12.59 -50.51
N LEU C 145 -12.96 13.76 -50.96
CA LEU C 145 -13.21 14.99 -50.22
C LEU C 145 -14.71 15.28 -50.15
N TRP C 146 -15.44 15.00 -51.23
CA TRP C 146 -16.89 15.19 -51.21
C TRP C 146 -17.53 14.32 -50.14
N ALA C 147 -17.24 13.02 -50.15
CA ALA C 147 -17.90 12.10 -49.22
C ALA C 147 -17.59 12.42 -47.77
N TRP C 148 -16.30 12.66 -47.47
CA TRP C 148 -15.92 12.97 -46.09
C TRP C 148 -16.58 14.25 -45.62
N GLU C 149 -16.54 15.30 -46.44
CA GLU C 149 -17.19 16.56 -46.06
C GLU C 149 -18.71 16.42 -46.05
N SER C 150 -19.29 15.75 -47.05
CA SER C 150 -20.74 15.65 -47.14
C SER C 150 -21.32 14.93 -45.93
N TRP C 151 -20.64 13.87 -45.47
CA TRP C 151 -21.13 13.17 -44.28
C TRP C 151 -21.19 14.10 -43.09
N ARG C 152 -20.12 14.84 -42.82
CA ARG C 152 -20.14 15.82 -41.74
C ARG C 152 -20.98 17.04 -42.11
N SER C 153 -21.26 17.25 -43.39
CA SER C 153 -22.05 18.41 -43.80
C SER C 153 -23.51 18.26 -43.37
N GLU C 154 -24.19 17.22 -43.84
CA GLU C 154 -25.58 17.01 -43.43
C GLU C 154 -25.64 16.30 -42.09
N VAL C 155 -25.12 15.06 -42.02
CA VAL C 155 -25.25 14.26 -40.82
C VAL C 155 -24.50 14.89 -39.65
N GLY C 156 -23.30 15.42 -39.90
CA GLY C 156 -22.53 16.01 -38.83
C GLY C 156 -23.20 17.22 -38.21
N LYS C 157 -23.75 18.11 -39.05
CA LYS C 157 -24.43 19.30 -38.53
C LYS C 157 -25.70 18.94 -37.78
N GLN C 158 -26.46 17.96 -38.29
CA GLN C 158 -27.71 17.58 -37.64
C GLN C 158 -27.49 17.11 -36.21
N LEU C 159 -26.35 16.49 -35.93
CA LEU C 159 -26.06 16.00 -34.59
C LEU C 159 -25.50 17.06 -33.66
N ARG C 160 -25.10 18.22 -34.19
CA ARG C 160 -24.52 19.26 -33.34
C ARG C 160 -25.51 19.78 -32.29
N PRO C 161 -26.73 20.20 -32.63
CA PRO C 161 -27.65 20.64 -31.57
C PRO C 161 -28.01 19.53 -30.60
N LEU C 162 -28.16 18.30 -31.09
CA LEU C 162 -28.48 17.18 -30.21
C LEU C 162 -27.34 16.90 -29.25
N TYR C 163 -26.09 16.97 -29.73
CA TYR C 163 -24.94 16.69 -28.86
C TYR C 163 -24.74 17.78 -27.82
N GLU C 164 -25.13 19.01 -28.14
CA GLU C 164 -24.97 20.11 -27.19
C GLU C 164 -25.76 19.85 -25.92
N GLU C 165 -27.01 19.42 -26.07
CA GLU C 165 -27.82 19.03 -24.92
C GLU C 165 -27.47 17.65 -24.41
N TYR C 166 -26.86 16.81 -25.25
CA TYR C 166 -26.40 15.49 -24.80
C TYR C 166 -25.35 15.63 -23.71
N VAL C 167 -24.41 16.55 -23.87
CA VAL C 167 -23.36 16.75 -22.87
C VAL C 167 -23.96 17.25 -21.56
N VAL C 168 -24.95 18.15 -21.66
CA VAL C 168 -25.52 18.75 -20.44
C VAL C 168 -26.29 17.71 -19.63
N LEU C 169 -27.26 17.05 -20.27
CA LEU C 169 -28.12 16.13 -19.53
C LEU C 169 -27.35 14.94 -19.00
N LYS C 170 -26.42 14.40 -19.78
CA LYS C 170 -25.61 13.28 -19.30
C LYS C 170 -24.75 13.69 -18.12
N ASN C 171 -24.21 14.92 -18.15
CA ASN C 171 -23.43 15.40 -17.02
C ASN C 171 -24.27 15.47 -15.75
N GLU C 172 -25.53 15.91 -15.88
CA GLU C 172 -26.42 15.95 -14.73
C GLU C 172 -26.57 14.57 -14.10
N MET C 173 -26.64 13.53 -14.93
CA MET C 173 -26.65 12.17 -14.40
C MET C 173 -25.35 11.85 -13.67
N ALA C 174 -24.21 12.24 -14.25
CA ALA C 174 -22.93 12.02 -13.59
C ALA C 174 -22.80 12.89 -12.34
N ARG C 175 -23.27 14.14 -12.41
CA ARG C 175 -23.24 15.01 -11.24
C ARG C 175 -24.18 14.51 -10.15
N ALA C 176 -25.34 13.97 -10.53
CA ALA C 176 -26.28 13.47 -9.53
C ALA C 176 -25.75 12.22 -8.84
N ASN C 177 -24.90 11.46 -9.52
CA ASN C 177 -24.11 10.43 -8.86
C ASN C 177 -22.82 11.05 -8.34
N HIS C 178 -22.03 10.24 -7.62
CA HIS C 178 -20.79 10.75 -7.02
C HIS C 178 -19.64 10.71 -8.03
N TYR C 179 -19.83 11.45 -9.11
CA TYR C 179 -18.84 11.63 -10.15
C TYR C 179 -18.66 13.11 -10.44
N GLU C 180 -17.61 13.45 -11.17
CA GLU C 180 -17.31 14.83 -11.52
C GLU C 180 -18.04 15.26 -12.80
N ASP C 181 -17.93 14.46 -13.85
CA ASP C 181 -18.66 14.70 -15.09
C ASP C 181 -18.86 13.36 -15.80
N TYR C 182 -19.45 13.42 -16.99
CA TYR C 182 -19.68 12.19 -17.75
C TYR C 182 -18.36 11.54 -18.16
N GLY C 183 -17.30 12.34 -18.33
CA GLY C 183 -15.98 11.74 -18.55
C GLY C 183 -15.51 10.97 -17.34
N ASP C 184 -15.74 11.51 -16.15
CA ASP C 184 -15.42 10.78 -14.92
C ASP C 184 -16.28 9.54 -14.77
N TYR C 185 -17.48 9.54 -15.35
CA TYR C 185 -18.35 8.37 -15.30
C TYR C 185 -17.73 7.19 -16.04
N TRP C 186 -17.27 7.42 -17.27
CA TRP C 186 -16.70 6.33 -18.07
C TRP C 186 -15.39 5.83 -17.48
N ARG C 187 -14.63 6.71 -16.80
CA ARG C 187 -13.39 6.28 -16.16
C ARG C 187 -13.63 5.38 -14.95
N GLY C 188 -14.85 5.32 -14.44
CA GLY C 188 -15.13 4.45 -13.31
C GLY C 188 -14.97 2.98 -13.61
N ASP C 189 -14.96 2.61 -14.89
CA ASP C 189 -14.79 1.21 -15.28
C ASP C 189 -13.50 0.64 -14.71
N TYR C 190 -12.44 1.44 -14.65
CA TYR C 190 -11.13 1.00 -14.19
C TYR C 190 -10.87 1.32 -12.72
N GLU C 191 -11.89 1.75 -11.99
CA GLU C 191 -11.71 2.23 -10.62
C GLU C 191 -11.70 1.05 -9.65
N VAL C 192 -10.61 0.92 -8.90
CA VAL C 192 -10.46 -0.12 -7.87
C VAL C 192 -10.22 0.58 -6.54
N ASN C 193 -11.10 0.34 -5.56
CA ASN C 193 -10.99 0.96 -4.24
C ASN C 193 -10.57 -0.02 -3.15
N GLY C 194 -11.27 -1.13 -3.00
CA GLY C 194 -11.12 -2.01 -1.85
C GLY C 194 -9.75 -2.58 -1.57
N VAL C 195 -9.23 -3.42 -2.46
CA VAL C 195 -8.03 -4.17 -2.12
C VAL C 195 -6.82 -3.26 -2.16
N ASP C 196 -6.06 -3.17 -1.05
CA ASP C 196 -4.85 -2.36 -1.02
C ASP C 196 -3.71 -3.13 -1.68
N GLY C 197 -2.85 -2.42 -2.40
CA GLY C 197 -1.83 -3.04 -3.22
C GLY C 197 -2.28 -3.37 -4.62
N TYR C 198 -3.57 -3.20 -4.92
CA TYR C 198 -4.08 -3.41 -6.25
C TYR C 198 -5.06 -2.35 -6.71
N ASP C 199 -5.24 -1.25 -5.95
CA ASP C 199 -6.12 -0.12 -6.31
C ASP C 199 -5.80 0.53 -7.65
N TYR C 200 -6.81 1.26 -8.12
CA TYR C 200 -6.72 2.06 -9.34
C TYR C 200 -7.68 3.24 -9.23
N SER C 201 -7.20 4.44 -9.55
CA SER C 201 -8.00 5.64 -9.37
C SER C 201 -8.75 6.00 -10.65
N ARG C 202 -9.79 6.82 -10.51
CA ARG C 202 -10.50 7.31 -11.68
C ARG C 202 -9.60 8.17 -12.55
N GLY C 203 -8.82 9.06 -11.93
CA GLY C 203 -7.95 9.93 -12.68
C GLY C 203 -6.68 9.23 -13.18
N GLN C 204 -6.25 8.19 -12.48
CA GLN C 204 -5.00 7.52 -12.82
C GLN C 204 -5.03 6.91 -14.21
N LEU C 205 -6.22 6.64 -14.75
CA LEU C 205 -6.32 6.15 -16.12
C LEU C 205 -5.81 7.18 -17.12
N ILE C 206 -6.17 8.46 -16.91
CA ILE C 206 -5.75 9.51 -17.83
C ILE C 206 -4.24 9.59 -17.88
N GLU C 207 -3.59 9.59 -16.72
CA GLU C 207 -2.13 9.64 -16.69
C GLU C 207 -1.53 8.39 -17.32
N ASP C 208 -2.06 7.21 -16.98
CA ASP C 208 -1.49 5.97 -17.49
C ASP C 208 -1.81 5.74 -18.97
N VAL C 209 -2.85 6.38 -19.49
CA VAL C 209 -3.05 6.37 -20.94
C VAL C 209 -2.04 7.29 -21.62
N GLU C 210 -1.85 8.49 -21.06
CA GLU C 210 -0.90 9.44 -21.63
C GLU C 210 0.54 8.94 -21.49
N HIS C 211 0.89 8.43 -20.30
CA HIS C 211 2.27 8.01 -20.06
C HIS C 211 2.70 6.91 -21.01
N THR C 212 1.78 6.00 -21.35
CA THR C 212 2.09 4.98 -22.35
C THR C 212 2.09 5.56 -23.75
N PHE C 213 1.19 6.53 -24.02
CA PHE C 213 1.09 7.09 -25.36
C PHE C 213 2.36 7.83 -25.75
N GLU C 214 3.00 8.51 -24.80
CA GLU C 214 4.26 9.19 -25.08
C GLU C 214 5.35 8.22 -25.53
N GLU C 215 5.23 6.93 -25.17
CA GLU C 215 6.14 5.90 -25.65
C GLU C 215 5.73 5.34 -27.01
N ILE C 216 4.53 5.66 -27.47
CA ILE C 216 4.07 5.27 -28.80
C ILE C 216 4.37 6.35 -29.84
N LYS C 217 4.53 7.60 -29.41
CA LYS C 217 4.76 8.70 -30.34
C LYS C 217 5.92 8.45 -31.31
N PRO C 218 7.09 7.94 -30.90
CA PRO C 218 8.11 7.57 -31.88
C PRO C 218 7.62 6.55 -32.90
N LEU C 219 6.90 5.51 -32.45
CA LEU C 219 6.40 4.51 -33.38
C LEU C 219 5.33 5.08 -34.31
N TYR C 220 4.47 5.94 -33.77
CA TYR C 220 3.43 6.55 -34.61
C TYR C 220 4.01 7.57 -35.57
N GLU C 221 4.96 8.38 -35.11
CA GLU C 221 5.55 9.41 -35.97
C GLU C 221 6.25 8.78 -37.17
N HIS C 222 6.99 7.70 -36.95
CA HIS C 222 7.68 7.05 -38.06
C HIS C 222 6.72 6.28 -38.96
N LEU C 223 5.64 5.73 -38.40
CA LEU C 223 4.58 5.19 -39.24
C LEU C 223 3.86 6.31 -39.99
N HIS C 224 3.68 7.46 -39.33
CA HIS C 224 3.09 8.62 -39.99
C HIS C 224 3.96 9.07 -41.16
N ALA C 225 5.28 9.12 -40.97
CA ALA C 225 6.16 9.58 -42.04
C ALA C 225 6.15 8.64 -43.23
N TYR C 226 6.19 7.33 -42.98
CA TYR C 226 6.21 6.38 -44.08
C TYR C 226 4.90 6.40 -44.87
N VAL C 227 3.77 6.42 -44.17
CA VAL C 227 2.48 6.48 -44.84
C VAL C 227 2.38 7.76 -45.67
N ARG C 228 2.78 8.89 -45.08
CA ARG C 228 2.78 10.15 -45.80
C ARG C 228 3.62 10.08 -47.06
N ALA C 229 4.83 9.51 -46.95
CA ALA C 229 5.69 9.38 -48.12
C ALA C 229 5.07 8.47 -49.18
N LYS C 230 4.30 7.47 -48.76
CA LYS C 230 3.62 6.58 -49.69
C LYS C 230 2.24 7.07 -50.09
N LEU C 231 1.77 8.18 -49.50
CA LEU C 231 0.52 8.80 -49.92
C LEU C 231 0.72 9.99 -50.84
N MET C 232 1.82 10.74 -50.67
CA MET C 232 2.13 11.81 -51.61
C MET C 232 2.32 11.27 -53.02
N ASN C 233 2.79 10.03 -53.14
CA ASN C 233 2.88 9.39 -54.45
C ASN C 233 1.50 9.01 -54.98
N ALA C 234 0.55 8.70 -54.08
CA ALA C 234 -0.80 8.36 -54.50
C ALA C 234 -1.63 9.60 -54.78
N TYR C 235 -1.51 10.62 -53.94
CA TYR C 235 -2.15 11.92 -54.16
C TYR C 235 -1.06 12.95 -54.38
N PRO C 236 -0.73 13.29 -55.63
CA PRO C 236 0.53 14.01 -55.92
C PRO C 236 0.65 15.37 -55.25
N SER C 237 -0.29 16.28 -55.51
CA SER C 237 -0.16 17.67 -55.12
C SER C 237 -0.87 17.99 -53.80
N TYR C 238 -1.34 16.98 -53.07
CA TYR C 238 -2.30 17.20 -52.00
C TYR C 238 -1.74 17.08 -50.60
N ILE C 239 -0.56 16.50 -50.41
CA ILE C 239 -0.04 16.22 -49.08
C ILE C 239 1.32 16.90 -48.92
N SER C 240 1.40 17.81 -47.96
CA SER C 240 2.67 18.45 -47.64
C SER C 240 3.55 17.49 -46.85
N PRO C 241 4.79 17.24 -47.30
CA PRO C 241 5.65 16.30 -46.56
C PRO C 241 5.93 16.72 -45.13
N ILE C 242 6.01 18.01 -44.86
CA ILE C 242 6.11 18.46 -43.47
C ILE C 242 4.75 18.37 -42.77
N GLY C 243 3.67 18.63 -43.50
CA GLY C 243 2.37 18.83 -42.91
C GLY C 243 1.67 17.55 -42.50
N CYS C 244 0.48 17.73 -41.92
CA CYS C 244 -0.32 16.63 -41.44
C CYS C 244 -0.97 15.88 -42.61
N LEU C 245 -1.66 14.79 -42.29
CA LEU C 245 -2.31 13.95 -43.28
C LEU C 245 -3.75 14.41 -43.50
N PRO C 246 -4.20 14.57 -44.74
CA PRO C 246 -5.62 14.87 -44.99
C PRO C 246 -6.50 13.72 -44.52
N ALA C 247 -7.56 14.07 -43.80
CA ALA C 247 -8.39 13.05 -43.15
C ALA C 247 -9.06 12.13 -44.16
N HIS C 248 -9.57 12.69 -45.25
CA HIS C 248 -10.30 11.91 -46.24
C HIS C 248 -9.42 10.99 -47.07
N LEU C 249 -8.13 10.84 -46.72
CA LEU C 249 -7.23 9.96 -47.45
C LEU C 249 -6.70 8.83 -46.57
N LEU C 250 -7.36 8.54 -45.45
CA LEU C 250 -6.83 7.64 -44.45
C LEU C 250 -7.45 6.25 -44.47
N GLY C 251 -8.43 5.99 -45.35
CA GLY C 251 -9.01 4.67 -45.51
C GLY C 251 -10.42 4.54 -44.98
N ASP C 252 -10.75 5.27 -43.91
CA ASP C 252 -12.11 5.32 -43.41
C ASP C 252 -12.46 6.77 -43.07
N MET C 253 -13.75 7.02 -42.90
CA MET C 253 -14.27 8.39 -42.84
C MET C 253 -13.87 9.13 -41.56
N TRP C 254 -13.05 8.54 -40.70
CA TRP C 254 -12.59 9.22 -39.51
C TRP C 254 -11.09 9.14 -39.31
N GLY C 255 -10.37 8.40 -40.16
CA GLY C 255 -8.98 8.14 -39.87
C GLY C 255 -8.77 7.20 -38.71
N ARG C 256 -9.80 6.44 -38.34
CA ARG C 256 -9.68 5.51 -37.23
C ARG C 256 -8.75 4.36 -37.58
N PHE C 257 -8.93 3.78 -38.76
CA PHE C 257 -8.12 2.64 -39.19
C PHE C 257 -7.50 2.97 -40.54
N TRP C 258 -6.17 2.90 -40.60
CA TRP C 258 -5.44 3.03 -41.85
C TRP C 258 -5.33 1.71 -42.59
N THR C 259 -6.21 0.75 -42.29
CA THR C 259 -6.11 -0.59 -42.83
C THR C 259 -6.22 -0.59 -44.35
N ASN C 260 -7.10 0.26 -44.89
CA ASN C 260 -7.33 0.30 -46.34
C ASN C 260 -6.19 0.97 -47.09
N LEU C 261 -5.22 1.56 -46.40
CA LEU C 261 -4.05 2.17 -47.04
C LEU C 261 -2.94 1.16 -47.30
N TYR C 262 -3.18 -0.12 -47.02
CA TYR C 262 -2.12 -1.13 -47.19
C TYR C 262 -1.65 -1.21 -48.63
N SER C 263 -2.60 -1.19 -49.58
CA SER C 263 -2.22 -1.23 -50.99
C SER C 263 -1.41 0.00 -51.39
N LEU C 264 -1.69 1.15 -50.78
CA LEU C 264 -0.92 2.36 -51.02
C LEU C 264 0.31 2.49 -50.15
N THR C 265 0.47 1.63 -49.14
CA THR C 265 1.59 1.71 -48.22
C THR C 265 2.27 0.36 -47.99
N VAL C 266 2.10 -0.58 -48.91
CA VAL C 266 2.71 -1.90 -48.74
C VAL C 266 4.22 -1.77 -48.81
N PRO C 267 4.97 -2.34 -47.85
CA PRO C 267 6.44 -2.26 -47.90
C PRO C 267 7.03 -2.87 -49.17
N PHE C 268 6.72 -4.15 -49.40
CA PHE C 268 7.22 -4.89 -50.56
C PHE C 268 6.01 -5.53 -51.24
N GLY C 269 5.47 -4.85 -52.26
CA GLY C 269 4.28 -5.35 -52.93
C GLY C 269 4.51 -6.64 -53.67
N GLN C 270 5.73 -6.86 -54.19
CA GLN C 270 6.01 -8.06 -54.96
C GLN C 270 5.86 -9.32 -54.11
N LYS C 271 6.36 -9.28 -52.88
CA LYS C 271 6.23 -10.43 -51.99
C LYS C 271 4.76 -10.62 -51.62
N PRO C 272 4.18 -11.80 -51.83
CA PRO C 272 2.73 -11.95 -51.74
C PRO C 272 2.18 -11.87 -50.33
N ASN C 273 0.85 -11.91 -50.22
CA ASN C 273 0.16 -11.93 -48.95
C ASN C 273 -0.23 -13.36 -48.60
N ILE C 274 -0.23 -13.66 -47.29
CA ILE C 274 -0.48 -15.01 -46.81
C ILE C 274 -2.01 -15.16 -46.70
N ASP C 275 -2.63 -15.60 -47.80
CA ASP C 275 -4.04 -15.94 -47.82
C ASP C 275 -4.18 -17.44 -47.99
N VAL C 276 -5.03 -18.05 -47.17
CA VAL C 276 -5.28 -19.48 -47.23
C VAL C 276 -6.73 -19.77 -47.64
N THR C 277 -7.43 -18.77 -48.17
CA THR C 277 -8.82 -18.97 -48.58
C THR C 277 -8.92 -20.03 -49.66
N ASP C 278 -8.03 -19.98 -50.65
CA ASP C 278 -8.02 -21.01 -51.69
C ASP C 278 -7.48 -22.34 -51.17
N ALA C 279 -6.66 -22.32 -50.12
CA ALA C 279 -6.18 -23.56 -49.52
C ALA C 279 -7.25 -24.25 -48.70
N MET C 280 -8.11 -23.49 -48.04
CA MET C 280 -9.23 -24.09 -47.31
C MET C 280 -10.19 -24.79 -48.24
N VAL C 281 -10.53 -24.15 -49.37
CA VAL C 281 -11.44 -24.76 -50.32
C VAL C 281 -10.80 -25.97 -50.98
N ASP C 282 -9.49 -25.90 -51.23
CA ASP C 282 -8.78 -27.04 -51.80
C ASP C 282 -8.84 -28.25 -50.88
N GLN C 283 -8.93 -28.03 -49.58
CA GLN C 283 -9.16 -29.10 -48.61
C GLN C 283 -10.63 -29.27 -48.26
N ALA C 284 -11.52 -28.56 -48.97
CA ALA C 284 -12.97 -28.70 -48.81
C ALA C 284 -13.41 -28.40 -47.38
N TRP C 285 -12.74 -27.47 -46.71
CA TRP C 285 -13.11 -27.11 -45.35
C TRP C 285 -14.46 -26.41 -45.34
N ASP C 286 -15.34 -26.84 -44.46
CA ASP C 286 -16.65 -26.24 -44.28
C ASP C 286 -16.68 -25.42 -43.00
N ALA C 287 -17.86 -24.88 -42.68
CA ALA C 287 -18.00 -24.03 -41.51
C ALA C 287 -17.67 -24.77 -40.23
N GLN C 288 -18.13 -26.02 -40.11
CA GLN C 288 -17.88 -26.79 -38.89
C GLN C 288 -16.39 -27.05 -38.71
N ARG C 289 -15.67 -27.30 -39.79
CA ARG C 289 -14.23 -27.54 -39.70
C ARG C 289 -13.50 -26.31 -39.16
N ILE C 290 -13.99 -25.11 -39.47
CA ILE C 290 -13.32 -23.89 -39.04
C ILE C 290 -13.31 -23.81 -37.51
N PHE C 291 -14.47 -24.06 -36.88
CA PHE C 291 -14.54 -24.00 -35.43
C PHE C 291 -13.96 -25.24 -34.77
N LYS C 292 -14.14 -26.41 -35.40
CA LYS C 292 -13.59 -27.64 -34.82
C LYS C 292 -12.06 -27.57 -34.75
N GLU C 293 -11.43 -27.02 -35.78
CA GLU C 293 -10.00 -26.73 -35.69
C GLU C 293 -9.72 -25.60 -34.71
N ALA C 294 -10.62 -24.61 -34.63
CA ALA C 294 -10.46 -23.55 -33.65
C ALA C 294 -10.64 -24.07 -32.23
N GLU C 295 -11.59 -24.98 -32.03
CA GLU C 295 -11.74 -25.63 -30.73
C GLU C 295 -10.48 -26.40 -30.37
N LYS C 296 -9.88 -27.06 -31.37
CA LYS C 296 -8.62 -27.77 -31.14
C LYS C 296 -7.53 -26.83 -30.65
N PHE C 297 -7.53 -25.58 -31.11
CA PHE C 297 -6.52 -24.62 -30.67
C PHE C 297 -6.62 -24.35 -29.17
N PHE C 298 -7.84 -24.19 -28.65
CA PHE C 298 -8.00 -23.97 -27.22
C PHE C 298 -7.78 -25.25 -26.43
N VAL C 299 -8.13 -26.40 -27.00
CA VAL C 299 -7.83 -27.67 -26.33
C VAL C 299 -6.32 -27.84 -26.20
N SER C 300 -5.56 -27.37 -27.19
CA SER C 300 -4.11 -27.51 -27.19
C SER C 300 -3.42 -26.58 -26.21
N VAL C 301 -4.15 -25.80 -25.43
CA VAL C 301 -3.55 -24.99 -24.37
C VAL C 301 -4.12 -25.37 -22.99
N GLY C 302 -4.76 -26.52 -22.86
CA GLY C 302 -5.34 -26.94 -21.59
C GLY C 302 -6.73 -26.42 -21.32
N LEU C 303 -7.38 -25.74 -22.29
CA LEU C 303 -8.72 -25.23 -22.08
C LEU C 303 -9.75 -26.31 -22.45
N PRO C 304 -10.94 -26.26 -21.84
CA PRO C 304 -11.98 -27.23 -22.20
C PRO C 304 -12.49 -27.02 -23.62
N ASN C 305 -12.85 -28.13 -24.26
CA ASN C 305 -13.42 -28.05 -25.59
C ASN C 305 -14.84 -27.47 -25.50
N MET C 306 -15.36 -27.07 -26.67
CA MET C 306 -16.64 -26.41 -26.71
C MET C 306 -17.75 -27.31 -26.18
N THR C 307 -18.71 -26.69 -25.48
CA THR C 307 -19.82 -27.44 -24.94
C THR C 307 -20.63 -28.09 -26.06
N GLN C 308 -21.23 -29.24 -25.76
CA GLN C 308 -22.09 -29.89 -26.73
C GLN C 308 -23.25 -28.99 -27.14
N GLY C 309 -23.69 -28.12 -26.23
CA GLY C 309 -24.72 -27.15 -26.59
C GLY C 309 -24.22 -26.09 -27.55
N PHE C 310 -22.91 -25.81 -27.53
CA PHE C 310 -22.35 -24.85 -28.49
C PHE C 310 -22.54 -25.35 -29.92
N TRP C 311 -22.28 -26.63 -30.16
CA TRP C 311 -22.50 -27.20 -31.49
C TRP C 311 -23.98 -27.29 -31.81
N GLU C 312 -24.79 -27.70 -30.83
CA GLU C 312 -26.21 -27.92 -31.09
C GLU C 312 -26.99 -26.63 -31.29
N ASN C 313 -26.46 -25.49 -30.85
CA ASN C 313 -27.22 -24.25 -30.85
C ASN C 313 -26.63 -23.13 -31.70
N SER C 314 -25.32 -23.08 -31.87
CA SER C 314 -24.69 -21.97 -32.58
C SER C 314 -25.08 -21.98 -34.05
N MET C 315 -25.21 -20.77 -34.62
CA MET C 315 -25.46 -20.59 -36.04
C MET C 315 -24.14 -20.28 -36.71
N LEU C 316 -23.63 -21.24 -37.50
CA LEU C 316 -22.33 -21.12 -38.13
C LEU C 316 -22.41 -21.01 -39.64
N THR C 317 -23.61 -20.82 -40.19
CA THR C 317 -23.78 -20.71 -41.64
C THR C 317 -25.00 -19.85 -41.93
N ASP C 318 -24.96 -19.18 -43.08
CA ASP C 318 -26.07 -18.35 -43.51
C ASP C 318 -27.30 -19.21 -43.76
N PRO C 319 -28.42 -18.97 -43.07
CA PRO C 319 -29.63 -19.77 -43.38
C PRO C 319 -30.13 -19.55 -44.80
N GLY C 320 -30.13 -18.31 -45.28
CA GLY C 320 -30.77 -18.02 -46.56
C GLY C 320 -32.26 -18.25 -46.44
N ASN C 321 -32.80 -18.99 -47.42
CA ASN C 321 -34.16 -19.53 -47.46
C ASN C 321 -35.19 -18.57 -46.87
N VAL C 322 -35.06 -17.28 -47.19
CA VAL C 322 -35.92 -16.22 -46.66
C VAL C 322 -36.01 -16.34 -45.13
N GLN C 323 -34.89 -16.66 -44.49
CA GLN C 323 -34.76 -16.63 -43.04
C GLN C 323 -33.49 -15.83 -42.75
N LYS C 324 -33.64 -14.51 -42.69
CA LYS C 324 -32.50 -13.63 -42.58
C LYS C 324 -31.99 -13.60 -41.14
N ALA C 325 -30.68 -13.42 -41.00
CA ALA C 325 -30.02 -13.39 -39.70
C ALA C 325 -28.97 -12.29 -39.69
N VAL C 326 -28.75 -11.72 -38.51
CA VAL C 326 -27.72 -10.70 -38.35
C VAL C 326 -26.37 -11.41 -38.38
N CYS C 327 -25.62 -11.24 -39.47
CA CYS C 327 -24.44 -12.04 -39.74
C CYS C 327 -23.18 -11.55 -39.05
N HIS C 328 -23.28 -10.48 -38.26
CA HIS C 328 -22.10 -9.99 -37.53
C HIS C 328 -21.63 -11.06 -36.54
N PRO C 329 -20.37 -11.46 -36.58
CA PRO C 329 -19.89 -12.49 -35.65
C PRO C 329 -20.03 -12.04 -34.20
N THR C 330 -20.83 -12.78 -33.44
CA THR C 330 -21.14 -12.45 -32.06
C THR C 330 -20.99 -13.68 -31.19
N ALA C 331 -20.33 -13.51 -30.04
CA ALA C 331 -20.25 -14.56 -29.03
C ALA C 331 -21.38 -14.38 -28.04
N TRP C 332 -22.04 -15.48 -27.68
CA TRP C 332 -23.30 -15.42 -26.94
C TRP C 332 -23.15 -16.14 -25.60
N ASP C 333 -23.19 -15.36 -24.52
CA ASP C 333 -23.35 -15.89 -23.17
C ASP C 333 -24.82 -15.70 -22.80
N LEU C 334 -25.63 -16.72 -23.06
CA LEU C 334 -27.04 -16.65 -22.70
C LEU C 334 -27.28 -16.85 -21.21
N GLY C 335 -26.28 -17.35 -20.48
CA GLY C 335 -26.48 -17.80 -19.11
C GLY C 335 -26.90 -19.26 -19.08
N LYS C 336 -27.17 -19.73 -17.86
CA LYS C 336 -27.60 -21.11 -17.62
C LYS C 336 -26.71 -22.12 -18.32
N GLY C 337 -25.41 -21.82 -18.35
CA GLY C 337 -24.45 -22.70 -18.98
C GLY C 337 -24.56 -22.80 -20.48
N ASP C 338 -25.36 -21.95 -21.11
CA ASP C 338 -25.58 -22.00 -22.56
C ASP C 338 -24.69 -20.96 -23.23
N PHE C 339 -23.79 -21.41 -24.10
CA PHE C 339 -22.89 -20.54 -24.84
C PHE C 339 -23.02 -20.83 -26.32
N ARG C 340 -23.11 -19.76 -27.13
CA ARG C 340 -23.30 -19.89 -28.56
C ARG C 340 -22.44 -18.86 -29.29
N ILE C 341 -22.31 -19.06 -30.60
CA ILE C 341 -21.69 -18.09 -31.49
C ILE C 341 -22.59 -17.94 -32.72
N LEU C 342 -23.01 -16.73 -33.01
CA LEU C 342 -23.77 -16.42 -34.21
C LEU C 342 -22.82 -15.82 -35.24
N MET C 343 -22.63 -16.51 -36.36
CA MET C 343 -21.63 -16.08 -37.35
C MET C 343 -21.95 -16.75 -38.67
N CYS C 344 -22.22 -15.95 -39.70
CA CYS C 344 -22.34 -16.48 -41.06
C CYS C 344 -20.94 -16.63 -41.62
N THR C 345 -20.37 -17.82 -41.43
CA THR C 345 -18.96 -18.07 -41.74
C THR C 345 -18.83 -18.56 -43.18
N LYS C 346 -18.25 -17.73 -44.03
CA LYS C 346 -17.77 -18.21 -45.32
C LYS C 346 -16.42 -18.90 -45.15
N VAL C 347 -16.00 -19.63 -46.17
CA VAL C 347 -14.75 -20.39 -46.10
C VAL C 347 -13.65 -19.40 -46.51
N THR C 348 -13.21 -18.60 -45.55
CA THR C 348 -12.19 -17.58 -45.77
C THR C 348 -11.22 -17.60 -44.59
N MET C 349 -10.04 -17.03 -44.82
CA MET C 349 -9.05 -16.91 -43.75
C MET C 349 -9.50 -15.90 -42.70
N ASP C 350 -10.10 -14.78 -43.13
CA ASP C 350 -10.54 -13.77 -42.18
C ASP C 350 -11.60 -14.30 -41.23
N ASP C 351 -12.55 -15.10 -41.76
CA ASP C 351 -13.53 -15.74 -40.89
C ASP C 351 -12.93 -16.88 -40.09
N PHE C 352 -11.84 -17.50 -40.59
CA PHE C 352 -11.15 -18.52 -39.80
C PHE C 352 -10.52 -17.90 -38.55
N LEU C 353 -9.89 -16.74 -38.70
CA LEU C 353 -9.29 -16.07 -37.54
C LEU C 353 -10.34 -15.47 -36.64
N THR C 354 -11.43 -14.96 -37.22
CA THR C 354 -12.52 -14.40 -36.43
C THR C 354 -13.13 -15.47 -35.53
N ALA C 355 -13.20 -16.71 -36.02
CA ALA C 355 -13.70 -17.80 -35.19
C ALA C 355 -12.83 -18.00 -33.96
N HIS C 356 -11.51 -17.94 -34.14
CA HIS C 356 -10.60 -18.01 -32.99
C HIS C 356 -10.82 -16.83 -32.05
N HIS C 357 -11.05 -15.64 -32.61
CA HIS C 357 -11.31 -14.45 -31.79
C HIS C 357 -12.58 -14.63 -30.97
N GLU C 358 -13.67 -15.06 -31.62
CA GLU C 358 -14.95 -15.13 -30.92
C GLU C 358 -15.01 -16.33 -29.98
N MET C 359 -14.35 -17.43 -30.33
CA MET C 359 -14.31 -18.56 -29.41
C MET C 359 -13.50 -18.23 -28.16
N GLY C 360 -12.51 -17.34 -28.30
CA GLY C 360 -11.83 -16.83 -27.13
C GLY C 360 -12.78 -16.07 -26.22
N HIS C 361 -13.74 -15.36 -26.80
CA HIS C 361 -14.78 -14.71 -26.00
C HIS C 361 -15.57 -15.75 -25.22
N ILE C 362 -15.94 -16.85 -25.89
CA ILE C 362 -16.64 -17.95 -25.23
C ILE C 362 -15.77 -18.55 -24.14
N GLN C 363 -14.47 -18.74 -24.42
CA GLN C 363 -13.56 -19.25 -23.40
C GLN C 363 -13.51 -18.32 -22.19
N TYR C 364 -13.48 -17.02 -22.43
CA TYR C 364 -13.64 -16.06 -21.33
C TYR C 364 -15.02 -16.20 -20.69
N ASP C 365 -16.06 -16.34 -21.51
CA ASP C 365 -17.41 -16.46 -20.98
C ASP C 365 -17.57 -17.76 -20.17
N MET C 366 -17.04 -18.86 -20.69
CA MET C 366 -17.17 -20.14 -19.98
C MET C 366 -16.40 -20.14 -18.66
N ALA C 367 -15.22 -19.51 -18.66
CA ALA C 367 -14.32 -19.65 -17.52
C ALA C 367 -14.88 -19.01 -16.25
N TYR C 368 -15.56 -17.87 -16.38
CA TYR C 368 -16.12 -17.20 -15.21
C TYR C 368 -17.59 -17.55 -14.99
N ALA C 369 -18.06 -18.68 -15.50
CA ALA C 369 -19.44 -19.10 -15.26
C ALA C 369 -19.68 -19.33 -13.78
N ALA C 370 -18.69 -19.89 -13.07
CA ALA C 370 -18.81 -20.15 -11.64
C ALA C 370 -18.84 -18.86 -10.81
N GLN C 371 -18.50 -17.72 -11.39
CA GLN C 371 -18.60 -16.46 -10.68
C GLN C 371 -20.07 -16.05 -10.56
N PRO C 372 -20.40 -15.23 -9.57
CA PRO C 372 -21.77 -14.72 -9.46
C PRO C 372 -22.16 -13.93 -10.70
N PHE C 373 -23.47 -13.91 -10.98
CA PHE C 373 -23.97 -13.42 -12.27
C PHE C 373 -23.46 -12.01 -12.57
N LEU C 374 -23.55 -11.11 -11.58
CA LEU C 374 -23.11 -9.73 -11.81
C LEU C 374 -21.62 -9.65 -12.09
N LEU C 375 -20.83 -10.55 -11.50
CA LEU C 375 -19.39 -10.59 -11.74
C LEU C 375 -19.02 -11.32 -13.01
N ARG C 376 -19.99 -11.92 -13.71
CA ARG C 376 -19.72 -12.64 -14.97
C ARG C 376 -19.48 -11.62 -16.07
N ASN C 377 -18.25 -11.10 -16.12
CA ASN C 377 -17.87 -10.14 -17.14
C ASN C 377 -16.36 -10.03 -17.16
N GLY C 378 -15.84 -9.47 -18.24
CA GLY C 378 -14.42 -9.19 -18.30
C GLY C 378 -13.99 -8.23 -17.20
N ALA C 379 -12.73 -8.35 -16.79
CA ALA C 379 -12.23 -7.59 -15.64
C ALA C 379 -12.48 -6.10 -15.82
N ASN C 380 -12.15 -5.56 -16.99
CA ASN C 380 -12.57 -4.21 -17.34
C ASN C 380 -13.16 -4.23 -18.75
N GLU C 381 -13.49 -3.05 -19.28
CA GLU C 381 -14.18 -2.97 -20.56
C GLU C 381 -13.33 -3.50 -21.70
N GLY C 382 -12.01 -3.49 -21.58
CA GLY C 382 -11.14 -3.89 -22.67
C GLY C 382 -10.59 -5.29 -22.59
N PHE C 383 -10.79 -5.97 -21.45
CA PHE C 383 -10.23 -7.31 -21.28
C PHE C 383 -10.82 -8.30 -22.26
N HIS C 384 -12.13 -8.22 -22.49
CA HIS C 384 -12.83 -9.25 -23.24
C HIS C 384 -12.37 -9.30 -24.69
N GLU C 385 -12.25 -8.12 -25.32
CA GLU C 385 -11.72 -8.05 -26.68
C GLU C 385 -10.21 -8.29 -26.73
N ALA C 386 -9.49 -7.98 -25.65
CA ALA C 386 -8.08 -8.33 -25.60
C ALA C 386 -7.89 -9.83 -25.67
N VAL C 387 -8.75 -10.59 -25.00
CA VAL C 387 -8.72 -12.05 -25.10
C VAL C 387 -9.01 -12.49 -26.52
N GLY C 388 -9.93 -11.79 -27.20
CA GLY C 388 -10.28 -12.19 -28.55
C GLY C 388 -9.14 -12.04 -29.53
N GLU C 389 -8.44 -10.91 -29.47
CA GLU C 389 -7.44 -10.61 -30.50
C GLU C 389 -6.20 -11.49 -30.37
N ILE C 390 -5.85 -11.92 -29.15
CA ILE C 390 -4.65 -12.75 -29.00
C ILE C 390 -4.84 -14.10 -29.66
N MET C 391 -6.06 -14.64 -29.65
CA MET C 391 -6.32 -15.91 -30.32
C MET C 391 -6.14 -15.78 -31.83
N SER C 392 -6.59 -14.65 -32.41
CA SER C 392 -6.44 -14.45 -33.84
C SER C 392 -4.98 -14.27 -34.23
N LEU C 393 -4.17 -13.68 -33.36
CA LEU C 393 -2.74 -13.53 -33.64
C LEU C 393 -2.06 -14.88 -33.73
N SER C 394 -2.34 -15.77 -32.76
CA SER C 394 -1.72 -17.09 -32.77
C SER C 394 -2.18 -17.92 -33.96
N ALA C 395 -3.46 -17.83 -34.31
CA ALA C 395 -4.02 -18.61 -35.40
C ALA C 395 -3.63 -18.09 -36.78
N ALA C 396 -3.01 -16.91 -36.86
CA ALA C 396 -2.67 -16.32 -38.15
C ALA C 396 -1.19 -16.47 -38.52
N THR C 397 -0.37 -16.99 -37.62
CA THR C 397 1.04 -17.11 -37.90
C THR C 397 1.29 -18.17 -38.99
N PRO C 398 2.31 -17.97 -39.83
CA PRO C 398 2.63 -18.99 -40.83
C PRO C 398 2.95 -20.34 -40.23
N LYS C 399 3.58 -20.36 -39.04
CA LYS C 399 3.87 -21.61 -38.36
C LYS C 399 2.58 -22.35 -38.00
N HIS C 400 1.56 -21.62 -37.54
CA HIS C 400 0.29 -22.25 -37.23
C HIS C 400 -0.41 -22.76 -38.48
N LEU C 401 -0.43 -21.95 -39.55
CA LEU C 401 -1.13 -22.34 -40.77
C LEU C 401 -0.45 -23.53 -41.43
N LYS C 402 0.88 -23.57 -41.43
CA LYS C 402 1.58 -24.76 -41.92
C LYS C 402 1.33 -25.96 -41.01
N SER C 403 1.12 -25.71 -39.71
CA SER C 403 0.86 -26.80 -38.77
C SER C 403 -0.50 -27.44 -39.01
N ILE C 404 -1.45 -26.70 -39.58
CA ILE C 404 -2.78 -27.23 -39.85
C ILE C 404 -2.96 -27.65 -41.30
N GLY C 405 -1.92 -27.52 -42.13
CA GLY C 405 -1.98 -27.95 -43.50
C GLY C 405 -2.59 -26.97 -44.47
N LEU C 406 -2.89 -25.74 -44.04
CA LEU C 406 -3.43 -24.73 -44.93
C LEU C 406 -2.35 -23.90 -45.63
N LEU C 407 -1.08 -24.10 -45.27
CA LEU C 407 0.01 -23.40 -45.91
C LEU C 407 1.07 -24.43 -46.28
N SER C 408 1.82 -24.15 -47.35
CA SER C 408 2.79 -25.10 -47.86
C SER C 408 3.81 -25.43 -46.78
N PRO C 409 4.09 -26.71 -46.51
CA PRO C 409 4.99 -27.05 -45.41
C PRO C 409 6.39 -26.47 -45.56
N ASP C 410 6.85 -26.25 -46.78
CA ASP C 410 8.18 -25.72 -47.04
C ASP C 410 8.17 -24.26 -47.43
N PHE C 411 7.04 -23.57 -47.30
CA PHE C 411 6.96 -22.16 -47.63
C PHE C 411 7.80 -21.35 -46.64
N GLN C 412 8.64 -20.46 -47.18
CA GLN C 412 9.56 -19.67 -46.37
C GLN C 412 9.00 -18.27 -46.15
N GLU C 413 9.55 -17.58 -45.16
CA GLU C 413 9.14 -16.22 -44.79
C GLU C 413 10.39 -15.35 -44.70
N ASP C 414 10.71 -14.66 -45.78
CA ASP C 414 11.84 -13.75 -45.78
C ASP C 414 11.53 -12.52 -44.93
N ASN C 415 12.58 -11.73 -44.67
CA ASN C 415 12.42 -10.54 -43.84
C ASN C 415 11.47 -9.52 -44.45
N GLU C 416 11.23 -9.60 -45.76
CA GLU C 416 10.37 -8.63 -46.44
C GLU C 416 8.90 -9.03 -46.42
N THR C 417 8.58 -10.28 -46.12
CA THR C 417 7.19 -10.69 -45.93
C THR C 417 6.72 -10.44 -44.51
N GLU C 418 7.60 -10.60 -43.52
CA GLU C 418 7.26 -10.22 -42.15
C GLU C 418 6.93 -8.75 -42.04
N ILE C 419 7.74 -7.90 -42.68
CA ILE C 419 7.53 -6.46 -42.60
C ILE C 419 6.21 -6.07 -43.24
N ASN C 420 5.84 -6.76 -44.32
CA ASN C 420 4.55 -6.49 -44.96
C ASN C 420 3.40 -6.71 -43.99
N PHE C 421 3.46 -7.79 -43.19
CA PHE C 421 2.40 -8.06 -42.22
C PHE C 421 2.49 -7.14 -41.01
N LEU C 422 3.70 -6.91 -40.50
CA LEU C 422 3.87 -6.06 -39.34
C LEU C 422 3.30 -4.67 -39.60
N LEU C 423 3.51 -4.14 -40.80
CA LEU C 423 2.92 -2.85 -41.15
C LEU C 423 1.41 -2.96 -41.33
N LYS C 424 0.95 -4.09 -41.89
CA LYS C 424 -0.49 -4.31 -42.05
C LYS C 424 -1.20 -4.22 -40.70
N GLN C 425 -0.59 -4.77 -39.66
CA GLN C 425 -1.12 -4.60 -38.30
C GLN C 425 -1.00 -3.15 -37.86
N ALA C 426 0.12 -2.50 -38.17
CA ALA C 426 0.38 -1.15 -37.67
C ALA C 426 -0.66 -0.15 -38.18
N LEU C 427 -1.07 -0.28 -39.44
CA LEU C 427 -2.11 0.59 -39.98
C LEU C 427 -3.43 0.39 -39.25
N THR C 428 -3.65 -0.81 -38.69
CA THR C 428 -4.87 -1.14 -37.98
C THR C 428 -4.73 -1.03 -36.47
N ILE C 429 -3.64 -1.54 -35.91
CA ILE C 429 -3.48 -1.61 -34.46
C ILE C 429 -2.81 -0.37 -33.91
N VAL C 430 -1.71 0.07 -34.53
CA VAL C 430 -1.00 1.24 -34.03
C VAL C 430 -1.70 2.53 -34.43
N GLY C 431 -2.16 2.62 -35.68
CA GLY C 431 -2.72 3.87 -36.17
C GLY C 431 -3.96 4.33 -35.43
N THR C 432 -4.75 3.38 -34.92
CA THR C 432 -5.97 3.74 -34.21
C THR C 432 -5.69 4.32 -32.83
N LEU C 433 -4.54 4.01 -32.23
CA LEU C 433 -4.28 4.44 -30.85
C LEU C 433 -4.25 5.96 -30.70
N PRO C 434 -3.47 6.72 -31.50
CA PRO C 434 -3.55 8.18 -31.37
C PRO C 434 -4.92 8.73 -31.71
N PHE C 435 -5.61 8.13 -32.68
CA PHE C 435 -6.98 8.54 -32.97
C PHE C 435 -7.89 8.28 -31.78
N THR C 436 -7.77 7.11 -31.17
CA THR C 436 -8.61 6.75 -30.03
C THR C 436 -8.34 7.67 -28.85
N TYR C 437 -7.07 7.91 -28.53
CA TYR C 437 -6.72 8.73 -27.37
C TYR C 437 -7.23 10.15 -27.54
N MET C 438 -7.09 10.72 -28.74
CA MET C 438 -7.58 12.07 -28.99
C MET C 438 -9.09 12.15 -28.84
N LEU C 439 -9.81 11.15 -29.38
CA LEU C 439 -11.26 11.20 -29.36
C LEU C 439 -11.80 11.12 -27.94
N GLU C 440 -11.15 10.32 -27.08
CA GLU C 440 -11.56 10.28 -25.69
C GLU C 440 -11.01 11.45 -24.89
N LYS C 441 -9.82 11.94 -25.25
CA LYS C 441 -9.31 13.16 -24.62
C LYS C 441 -10.22 14.34 -24.90
N TRP C 442 -10.76 14.42 -26.12
CA TRP C 442 -11.71 15.47 -26.46
C TRP C 442 -12.95 15.38 -25.59
N ARG C 443 -13.55 14.18 -25.51
CA ARG C 443 -14.77 14.03 -24.72
C ARG C 443 -14.51 14.18 -23.23
N TRP C 444 -13.36 13.72 -22.75
CA TRP C 444 -12.99 13.96 -21.35
C TRP C 444 -12.97 15.45 -21.04
N MET C 445 -12.45 16.26 -21.97
CA MET C 445 -12.37 17.70 -21.76
C MET C 445 -13.68 18.41 -22.11
N VAL C 446 -14.44 17.87 -23.06
CA VAL C 446 -15.75 18.44 -23.37
C VAL C 446 -16.72 18.20 -22.22
N PHE C 447 -16.73 16.98 -21.67
CA PHE C 447 -17.59 16.70 -20.52
C PHE C 447 -17.15 17.50 -19.31
N LYS C 448 -15.84 17.68 -19.10
CA LYS C 448 -15.35 18.56 -18.05
C LYS C 448 -15.73 20.01 -18.30
N GLY C 449 -15.97 20.39 -19.56
CA GLY C 449 -16.14 21.78 -19.91
C GLY C 449 -14.86 22.51 -20.25
N GLU C 450 -13.71 21.84 -20.16
CA GLU C 450 -12.44 22.45 -20.51
C GLU C 450 -12.34 22.76 -22.00
N ILE C 451 -13.30 22.33 -22.79
CA ILE C 451 -13.46 22.77 -24.17
C ILE C 451 -14.85 23.38 -24.31
N PRO C 452 -14.95 24.72 -24.31
CA PRO C 452 -16.27 25.35 -24.40
C PRO C 452 -16.96 25.06 -25.72
N LYS C 453 -18.29 25.17 -25.70
CA LYS C 453 -19.07 25.00 -26.92
C LYS C 453 -18.63 25.98 -28.01
N ASP C 454 -18.11 27.14 -27.60
CA ASP C 454 -17.55 28.09 -28.57
C ASP C 454 -16.37 27.49 -29.31
N GLN C 455 -15.51 26.76 -28.61
CA GLN C 455 -14.29 26.20 -29.19
C GLN C 455 -14.34 24.68 -29.28
N TRP C 456 -15.53 24.12 -29.51
CA TRP C 456 -15.67 22.66 -29.61
C TRP C 456 -14.85 22.12 -30.79
N MET C 457 -15.17 22.58 -32.00
CA MET C 457 -14.49 22.09 -33.19
C MET C 457 -13.10 22.69 -33.36
N LYS C 458 -12.83 23.84 -32.75
CA LYS C 458 -11.51 24.44 -32.85
C LYS C 458 -10.46 23.59 -32.14
N LYS C 459 -10.74 23.20 -30.89
CA LYS C 459 -9.78 22.41 -30.13
C LYS C 459 -9.71 20.98 -30.63
N TRP C 460 -10.83 20.44 -31.12
CA TRP C 460 -10.84 19.09 -31.65
C TRP C 460 -9.83 18.94 -32.79
N TRP C 461 -9.90 19.84 -33.77
CA TRP C 461 -8.96 19.80 -34.88
C TRP C 461 -7.57 20.30 -34.50
N GLU C 462 -7.47 21.16 -33.49
CA GLU C 462 -6.15 21.48 -32.95
C GLU C 462 -5.54 20.26 -32.26
N MET C 463 -6.37 19.39 -31.68
CA MET C 463 -5.88 18.13 -31.15
C MET C 463 -5.73 17.07 -32.23
N LYS C 464 -6.58 17.11 -33.26
CA LYS C 464 -6.41 16.20 -34.39
C LYS C 464 -5.08 16.47 -35.10
N ARG C 465 -4.73 17.76 -35.25
CA ARG C 465 -3.46 18.11 -35.89
C ARG C 465 -2.28 17.72 -35.01
N GLU C 466 -2.32 18.08 -33.72
CA GLU C 466 -1.15 17.91 -32.86
C GLU C 466 -0.96 16.47 -32.42
N ILE C 467 -2.05 15.75 -32.17
CA ILE C 467 -1.95 14.39 -31.62
C ILE C 467 -1.92 13.37 -32.75
N VAL C 468 -2.97 13.36 -33.57
CA VAL C 468 -3.10 12.34 -34.61
C VAL C 468 -2.31 12.68 -35.87
N GLY C 469 -1.85 13.91 -36.01
CA GLY C 469 -1.17 14.32 -37.22
C GLY C 469 -2.09 14.34 -38.44
N VAL C 470 -3.36 14.68 -38.24
CA VAL C 470 -4.36 14.69 -39.30
C VAL C 470 -4.98 16.08 -39.36
N VAL C 471 -5.25 16.55 -40.58
CA VAL C 471 -5.75 17.90 -40.81
C VAL C 471 -7.06 17.82 -41.58
N GLU C 472 -7.97 18.74 -41.26
CA GLU C 472 -9.25 18.79 -41.96
C GLU C 472 -9.06 19.38 -43.36
N PRO C 473 -9.55 18.71 -44.41
CA PRO C 473 -9.36 19.26 -45.77
C PRO C 473 -10.10 20.57 -45.98
N VAL C 474 -11.34 20.66 -45.54
CA VAL C 474 -12.11 21.91 -45.62
C VAL C 474 -12.34 22.41 -44.20
N PRO C 475 -12.20 23.72 -43.94
CA PRO C 475 -12.38 24.22 -42.58
C PRO C 475 -13.79 23.96 -42.08
N HIS C 476 -13.89 23.64 -40.79
CA HIS C 476 -15.16 23.28 -40.17
C HIS C 476 -15.42 24.21 -38.99
N ASP C 477 -16.53 24.94 -39.05
CA ASP C 477 -16.92 25.83 -37.97
C ASP C 477 -17.68 25.02 -36.92
N GLU C 478 -18.32 25.73 -35.98
CA GLU C 478 -19.05 25.06 -34.91
C GLU C 478 -20.36 24.43 -35.39
N THR C 479 -20.82 24.76 -36.59
CA THR C 479 -22.01 24.10 -37.12
C THR C 479 -21.79 22.60 -37.28
N TYR C 480 -20.62 22.22 -37.77
CA TYR C 480 -20.26 20.81 -37.87
C TYR C 480 -20.06 20.21 -36.48
N CYS C 481 -20.54 18.99 -36.30
CA CYS C 481 -20.18 18.15 -35.16
C CYS C 481 -19.57 16.88 -35.76
N ASP C 482 -18.28 16.95 -36.06
CA ASP C 482 -17.56 15.87 -36.73
C ASP C 482 -17.32 14.66 -35.84
N PRO C 483 -16.93 14.83 -34.57
CA PRO C 483 -16.81 13.63 -33.71
C PRO C 483 -18.09 12.83 -33.64
N ALA C 484 -19.25 13.49 -33.57
CA ALA C 484 -20.52 12.77 -33.54
C ALA C 484 -20.79 12.00 -34.83
N SER C 485 -20.08 12.32 -35.92
CA SER C 485 -20.23 11.56 -37.14
C SER C 485 -19.71 10.13 -37.02
N LEU C 486 -19.00 9.82 -35.94
CA LEU C 486 -18.60 8.44 -35.65
C LEU C 486 -19.68 7.75 -34.82
N PHE C 487 -19.85 6.46 -35.07
CA PHE C 487 -20.88 5.68 -34.38
C PHE C 487 -20.72 5.78 -32.87
N HIS C 488 -19.49 5.64 -32.37
CA HIS C 488 -19.28 5.54 -30.93
C HIS C 488 -19.60 6.86 -30.22
N VAL C 489 -19.34 7.99 -30.86
CA VAL C 489 -19.63 9.28 -30.23
C VAL C 489 -21.13 9.58 -30.26
N SER C 490 -21.79 9.30 -31.40
CA SER C 490 -23.21 9.61 -31.51
C SER C 490 -24.07 8.63 -30.72
N ASN C 491 -23.68 7.36 -30.69
CA ASN C 491 -24.47 6.32 -30.04
C ASN C 491 -24.10 6.13 -28.57
N ASP C 492 -23.35 7.07 -28.00
CA ASP C 492 -23.06 7.12 -26.55
C ASP C 492 -22.35 5.83 -26.09
N TYR C 493 -21.15 5.66 -26.61
CA TYR C 493 -20.26 4.58 -26.18
C TYR C 493 -18.86 5.14 -25.94
N SER C 494 -18.23 4.67 -24.85
CA SER C 494 -16.88 5.09 -24.56
C SER C 494 -15.91 4.56 -25.61
N PHE C 495 -14.79 5.27 -25.78
CA PHE C 495 -13.83 4.94 -26.83
C PHE C 495 -12.47 4.53 -26.31
N ILE C 496 -12.08 4.92 -25.09
CA ILE C 496 -10.77 4.58 -24.56
C ILE C 496 -10.61 3.08 -24.39
N ARG C 497 -11.71 2.32 -24.40
CA ARG C 497 -11.62 0.88 -24.28
C ARG C 497 -10.79 0.26 -25.41
N TYR C 498 -10.85 0.85 -26.60
CA TYR C 498 -10.05 0.35 -27.72
C TYR C 498 -8.56 0.55 -27.47
N TYR C 499 -8.19 1.69 -26.88
CA TYR C 499 -6.79 1.92 -26.56
C TYR C 499 -6.28 0.94 -25.53
N THR C 500 -7.03 0.75 -24.44
CA THR C 500 -6.62 -0.19 -23.40
C THR C 500 -6.62 -1.61 -23.91
N ARG C 501 -7.62 -1.97 -24.72
CA ARG C 501 -7.69 -3.33 -25.28
C ARG C 501 -6.45 -3.66 -26.09
N THR C 502 -5.98 -2.71 -26.90
CA THR C 502 -4.78 -2.95 -27.70
C THR C 502 -3.57 -3.20 -26.82
N LEU C 503 -3.38 -2.36 -25.80
CA LEU C 503 -2.23 -2.53 -24.91
C LEU C 503 -2.36 -3.81 -24.09
N TYR C 504 -3.59 -4.15 -23.67
CA TYR C 504 -3.80 -5.39 -22.93
C TYR C 504 -3.45 -6.62 -23.76
N GLN C 505 -3.89 -6.63 -25.02
CA GLN C 505 -3.77 -7.85 -25.83
C GLN C 505 -2.32 -8.22 -26.10
N PHE C 506 -1.43 -7.23 -26.20
CA PHE C 506 -0.03 -7.55 -26.41
C PHE C 506 0.71 -7.84 -25.12
N GLN C 507 0.24 -7.28 -23.99
CA GLN C 507 0.72 -7.76 -22.70
C GLN C 507 0.39 -9.24 -22.52
N PHE C 508 -0.84 -9.63 -22.86
CA PHE C 508 -1.23 -11.03 -22.78
C PHE C 508 -0.34 -11.90 -23.66
N GLN C 509 -0.24 -11.55 -24.94
CA GLN C 509 0.46 -12.42 -25.89
C GLN C 509 1.93 -12.57 -25.51
N GLU C 510 2.60 -11.48 -25.15
CA GLU C 510 3.99 -11.57 -24.75
C GLU C 510 4.17 -12.49 -23.55
N ALA C 511 3.27 -12.37 -22.57
CA ALA C 511 3.35 -13.23 -21.39
C ALA C 511 3.04 -14.67 -21.75
N LEU C 512 2.08 -14.90 -22.65
CA LEU C 512 1.73 -16.26 -23.04
C LEU C 512 2.85 -16.93 -23.83
N CYS C 513 3.46 -16.20 -24.78
CA CYS C 513 4.54 -16.78 -25.56
C CYS C 513 5.77 -17.05 -24.71
N GLN C 514 5.98 -16.27 -23.65
CA GLN C 514 7.05 -16.58 -22.71
C GLN C 514 6.78 -17.91 -22.01
N ALA C 515 5.57 -18.07 -21.47
CA ALA C 515 5.19 -19.36 -20.89
C ALA C 515 5.04 -20.44 -21.95
N ALA C 516 4.83 -20.06 -23.20
CA ALA C 516 4.86 -21.02 -24.30
C ALA C 516 6.27 -21.39 -24.72
N LYS C 517 7.29 -20.86 -24.03
CA LYS C 517 8.68 -21.18 -24.31
C LYS C 517 9.02 -20.95 -25.77
N HIS C 518 8.68 -19.75 -26.25
CA HIS C 518 8.78 -19.40 -27.65
C HIS C 518 10.08 -18.64 -27.92
N GLU C 519 10.78 -19.03 -28.97
CA GLU C 519 11.97 -18.35 -29.43
C GLU C 519 11.69 -17.66 -30.76
N GLY C 520 12.27 -16.48 -30.94
CA GLY C 520 12.02 -15.68 -32.12
C GLY C 520 11.23 -14.43 -31.78
N PRO C 521 10.92 -13.62 -32.79
CA PRO C 521 10.14 -12.41 -32.54
C PRO C 521 8.76 -12.74 -31.96
N LEU C 522 8.30 -11.87 -31.06
CA LEU C 522 6.95 -11.98 -30.54
C LEU C 522 5.89 -11.91 -31.64
N HIS C 523 6.24 -11.30 -32.78
CA HIS C 523 5.34 -11.19 -33.92
C HIS C 523 4.92 -12.55 -34.46
N LYS C 524 5.82 -13.53 -34.46
CA LYS C 524 5.57 -14.81 -35.10
C LYS C 524 5.01 -15.86 -34.15
N CYS C 525 4.64 -15.48 -32.93
CA CYS C 525 4.35 -16.44 -31.88
C CYS C 525 3.00 -17.13 -32.06
N ASP C 526 2.96 -18.41 -31.66
CA ASP C 526 1.75 -19.22 -31.65
C ASP C 526 1.79 -20.08 -30.39
N ILE C 527 0.73 -20.02 -29.59
CA ILE C 527 0.74 -20.59 -28.26
C ILE C 527 0.11 -21.98 -28.23
N SER C 528 -0.03 -22.59 -29.42
CA SER C 528 -0.58 -23.93 -29.50
C SER C 528 0.37 -24.95 -28.87
N ASN C 529 -0.22 -26.05 -28.38
CA ASN C 529 0.53 -27.12 -27.71
C ASN C 529 1.31 -26.58 -26.51
N SER C 530 0.69 -25.67 -25.75
CA SER C 530 1.36 -24.99 -24.66
C SER C 530 0.45 -24.93 -23.43
N THR C 531 -0.04 -26.09 -23.01
CA THR C 531 -0.93 -26.21 -21.85
C THR C 531 -0.48 -25.37 -20.66
N GLU C 532 0.83 -25.16 -20.53
CA GLU C 532 1.34 -24.29 -19.47
C GLU C 532 0.91 -22.84 -19.70
N ALA C 533 1.07 -22.34 -20.94
CA ALA C 533 0.72 -20.95 -21.22
C ALA C 533 -0.79 -20.72 -21.13
N GLY C 534 -1.59 -21.67 -21.63
CA GLY C 534 -3.03 -21.51 -21.56
C GLY C 534 -3.55 -21.44 -20.14
N GLN C 535 -2.96 -22.25 -19.25
CA GLN C 535 -3.37 -22.22 -17.85
C GLN C 535 -3.10 -20.85 -17.23
N LYS C 536 -1.98 -20.22 -17.59
CA LYS C 536 -1.69 -18.88 -17.10
C LYS C 536 -2.80 -17.91 -17.50
N LEU C 537 -3.38 -18.10 -18.69
CA LEU C 537 -4.48 -17.24 -19.10
C LEU C 537 -5.77 -17.61 -18.36
N PHE C 538 -6.05 -18.91 -18.20
CA PHE C 538 -7.28 -19.33 -17.53
C PHE C 538 -7.31 -18.85 -16.09
N ASN C 539 -6.15 -18.72 -15.44
CA ASN C 539 -6.11 -18.26 -14.06
C ASN C 539 -6.59 -16.82 -13.91
N MET C 540 -6.72 -16.08 -15.02
CA MET C 540 -7.41 -14.80 -15.03
C MET C 540 -8.83 -14.91 -15.58
N LEU C 541 -9.02 -15.76 -16.59
CA LEU C 541 -10.34 -15.91 -17.19
C LEU C 541 -11.37 -16.38 -16.16
N ARG C 542 -10.97 -17.30 -15.28
CA ARG C 542 -11.89 -17.79 -14.26
C ARG C 542 -12.26 -16.69 -13.27
N LEU C 543 -11.37 -15.71 -13.07
CA LEU C 543 -11.67 -14.62 -12.15
C LEU C 543 -12.85 -13.79 -12.64
N GLY C 544 -12.87 -13.46 -13.93
CA GLY C 544 -13.89 -12.55 -14.43
C GLY C 544 -13.75 -11.18 -13.82
N LYS C 545 -14.86 -10.65 -13.32
CA LYS C 545 -14.89 -9.34 -12.69
C LYS C 545 -14.92 -9.43 -11.16
N SER C 546 -14.62 -10.60 -10.61
CA SER C 546 -14.61 -10.76 -9.15
C SER C 546 -13.47 -9.96 -8.52
N GLU C 547 -12.24 -10.29 -8.89
CA GLU C 547 -11.07 -9.58 -8.39
C GLU C 547 -10.73 -8.41 -9.30
N PRO C 548 -10.01 -7.42 -8.79
CA PRO C 548 -9.67 -6.25 -9.62
C PRO C 548 -8.83 -6.63 -10.83
N TRP C 549 -8.99 -5.84 -11.90
CA TRP C 549 -8.32 -6.16 -13.16
C TRP C 549 -6.80 -6.07 -13.05
N THR C 550 -6.28 -5.30 -12.09
CA THR C 550 -4.83 -5.27 -11.89
C THR C 550 -4.31 -6.64 -11.48
N LEU C 551 -4.99 -7.29 -10.54
CA LEU C 551 -4.62 -8.65 -10.16
C LEU C 551 -4.87 -9.62 -11.31
N ALA C 552 -5.97 -9.44 -12.03
CA ALA C 552 -6.24 -10.27 -13.21
C ALA C 552 -5.14 -10.10 -14.25
N LEU C 553 -4.68 -8.87 -14.44
CA LEU C 553 -3.53 -8.64 -15.32
C LEU C 553 -2.29 -9.32 -14.78
N GLU C 554 -2.07 -9.26 -13.46
CA GLU C 554 -0.93 -9.93 -12.86
C GLU C 554 -1.03 -11.45 -13.02
N ASN C 555 -2.23 -12.00 -12.92
CA ASN C 555 -2.41 -13.43 -13.09
C ASN C 555 -2.18 -13.90 -14.53
N VAL C 556 -1.75 -13.00 -15.42
CA VAL C 556 -1.32 -13.37 -16.77
C VAL C 556 0.12 -12.93 -16.97
N VAL C 557 0.37 -11.63 -16.83
CA VAL C 557 1.65 -11.04 -17.22
C VAL C 557 2.54 -10.84 -16.00
N GLY C 558 1.94 -10.66 -14.83
CA GLY C 558 2.70 -10.35 -13.64
C GLY C 558 2.87 -8.88 -13.34
N ALA C 559 2.02 -8.02 -13.93
CA ALA C 559 2.06 -6.58 -13.69
C ALA C 559 0.69 -6.12 -13.19
N LYS C 560 0.64 -4.88 -12.70
CA LYS C 560 -0.58 -4.33 -12.11
C LYS C 560 -1.09 -3.11 -12.88
N ASN C 561 -0.60 -2.87 -14.09
CA ASN C 561 -1.02 -1.70 -14.84
C ASN C 561 -0.62 -1.90 -16.31
N MET C 562 -1.06 -0.96 -17.15
CA MET C 562 -0.79 -1.02 -18.58
C MET C 562 0.70 -0.81 -18.83
N ASN C 563 1.32 -1.75 -19.54
CA ASN C 563 2.69 -1.60 -20.02
C ASN C 563 2.65 -1.55 -21.54
N VAL C 564 3.14 -0.45 -22.11
CA VAL C 564 3.07 -0.28 -23.55
C VAL C 564 4.11 -1.14 -24.26
N ARG C 565 5.20 -1.48 -23.57
CA ARG C 565 6.33 -2.16 -24.21
C ARG C 565 5.96 -3.43 -24.97
N PRO C 566 5.11 -4.34 -24.46
CA PRO C 566 4.72 -5.50 -25.28
C PRO C 566 4.10 -5.12 -26.62
N LEU C 567 3.33 -4.03 -26.66
CA LEU C 567 2.83 -3.53 -27.94
C LEU C 567 3.97 -3.04 -28.82
N LEU C 568 4.88 -2.23 -28.27
CA LEU C 568 6.02 -1.77 -29.02
C LEU C 568 6.95 -2.92 -29.39
N ASN C 569 7.13 -3.87 -28.46
CA ASN C 569 7.96 -5.05 -28.75
C ASN C 569 7.37 -5.86 -29.90
N TYR C 570 6.05 -5.79 -30.10
CA TYR C 570 5.43 -6.47 -31.22
C TYR C 570 5.83 -5.84 -32.55
N PHE C 571 6.08 -4.52 -32.57
CA PHE C 571 6.44 -3.80 -33.78
C PHE C 571 7.89 -3.34 -33.78
N GLU C 572 8.70 -3.79 -32.82
CA GLU C 572 10.12 -3.44 -32.83
C GLU C 572 10.82 -3.86 -34.12
N PRO C 573 10.58 -5.05 -34.70
CA PRO C 573 11.16 -5.33 -36.02
C PRO C 573 10.69 -4.37 -37.10
N LEU C 574 9.50 -3.79 -36.94
CA LEU C 574 8.99 -2.82 -37.90
C LEU C 574 9.48 -1.40 -37.60
N PHE C 575 9.58 -1.05 -36.32
CA PHE C 575 10.07 0.27 -35.94
C PHE C 575 11.46 0.52 -36.50
N THR C 576 12.31 -0.51 -36.50
CA THR C 576 13.65 -0.37 -37.10
C THR C 576 13.56 -0.18 -38.61
N TRP C 577 12.72 -0.98 -39.27
CA TRP C 577 12.59 -0.88 -40.73
C TRP C 577 12.02 0.46 -41.13
N LEU C 578 11.07 0.99 -40.35
CA LEU C 578 10.52 2.30 -40.64
C LEU C 578 11.56 3.40 -40.44
N LYS C 579 12.42 3.25 -39.43
CA LYS C 579 13.45 4.26 -39.17
C LYS C 579 14.41 4.38 -40.35
N ASP C 580 14.85 3.25 -40.90
CA ASP C 580 15.72 3.29 -42.07
C ASP C 580 14.98 3.84 -43.29
N GLN C 581 13.71 3.45 -43.46
CA GLN C 581 12.92 3.96 -44.58
C GLN C 581 12.69 5.46 -44.48
N ASN C 582 12.82 6.05 -43.29
CA ASN C 582 12.64 7.48 -43.09
C ASN C 582 13.97 8.20 -42.90
N LYS C 583 15.07 7.63 -43.40
CA LYS C 583 16.35 8.33 -43.32
C LYS C 583 16.34 9.61 -44.12
N ASN C 584 15.52 9.66 -45.18
CA ASN C 584 15.32 10.86 -46.00
C ASN C 584 13.84 11.14 -46.16
N SER C 585 13.11 11.07 -45.06
CA SER C 585 11.71 11.47 -45.00
C SER C 585 11.48 12.17 -43.67
N PHE C 586 10.81 13.32 -43.72
CA PHE C 586 10.57 14.07 -42.49
C PHE C 586 9.68 13.28 -41.56
N VAL C 587 10.11 13.19 -40.29
CA VAL C 587 9.40 12.42 -39.27
C VAL C 587 8.77 13.42 -38.31
N GLY C 588 7.45 13.38 -38.20
CA GLY C 588 6.72 14.35 -37.41
C GLY C 588 5.79 15.16 -38.29
N TRP C 589 5.33 16.30 -37.79
CA TRP C 589 4.43 17.14 -38.56
C TRP C 589 4.41 18.54 -37.98
N SER C 590 3.89 19.47 -38.76
CA SER C 590 3.59 20.82 -38.31
C SER C 590 2.08 20.97 -38.25
N THR C 591 1.56 21.43 -37.12
CA THR C 591 0.14 21.73 -37.00
C THR C 591 -0.26 22.93 -37.86
N ASP C 592 0.72 23.66 -38.38
CA ASP C 592 0.51 24.92 -39.08
C ASP C 592 0.03 24.76 -40.52
N TRP C 593 0.02 23.53 -41.06
CA TRP C 593 -0.31 23.31 -42.46
C TRP C 593 -1.71 22.75 -42.60
N SER C 594 -2.43 23.21 -43.63
CA SER C 594 -3.75 22.72 -43.98
C SER C 594 -3.87 22.76 -45.50
N PRO C 595 -4.67 21.86 -46.08
CA PRO C 595 -4.83 21.87 -47.55
C PRO C 595 -5.40 23.15 -48.10
N TYR C 596 -6.27 23.84 -47.36
CA TYR C 596 -6.93 25.03 -47.90
C TYR C 596 -6.00 26.24 -47.87
N ALA C 597 -5.50 26.59 -46.68
CA ALA C 597 -4.64 27.76 -46.54
C ALA C 597 -3.86 27.69 -45.23
N THR D 35 -39.91 -65.23 -2.44
CA THR D 35 -39.09 -64.02 -2.41
C THR D 35 -39.11 -63.32 -3.76
N ASN D 36 -40.21 -62.60 -4.03
CA ASN D 36 -40.36 -61.90 -5.30
C ASN D 36 -39.33 -60.79 -5.43
N LEU D 37 -38.97 -60.48 -6.67
CA LEU D 37 -37.92 -59.51 -6.94
C LEU D 37 -38.32 -58.12 -6.42
N CYS D 38 -37.33 -57.38 -5.91
CA CYS D 38 -37.60 -56.06 -5.40
C CYS D 38 -37.99 -55.12 -6.54
N PRO D 39 -39.08 -54.35 -6.39
CA PRO D 39 -39.55 -53.49 -7.49
C PRO D 39 -38.70 -52.23 -7.65
N PHE D 40 -37.42 -52.41 -8.02
CA PHE D 40 -36.55 -51.28 -8.24
C PHE D 40 -36.94 -50.49 -9.48
N GLY D 41 -37.69 -51.09 -10.40
CA GLY D 41 -38.10 -50.39 -11.60
C GLY D 41 -39.09 -49.26 -11.32
N GLU D 42 -39.95 -49.44 -10.32
CA GLU D 42 -41.01 -48.47 -10.07
C GLU D 42 -40.44 -47.09 -9.73
N VAL D 43 -39.38 -47.04 -8.93
CA VAL D 43 -38.84 -45.79 -8.46
C VAL D 43 -37.87 -45.16 -9.45
N PHE D 44 -37.09 -45.98 -10.17
CA PHE D 44 -36.13 -45.45 -11.13
C PHE D 44 -36.83 -45.01 -12.42
N ASN D 45 -37.59 -45.93 -13.05
CA ASN D 45 -38.26 -45.69 -14.31
C ASN D 45 -39.57 -44.90 -14.14
N ALA D 46 -39.74 -44.21 -13.02
CA ALA D 46 -40.99 -43.50 -12.74
C ALA D 46 -41.22 -42.39 -13.75
N THR D 47 -42.50 -42.17 -14.09
CA THR D 47 -42.85 -41.15 -15.07
C THR D 47 -42.51 -39.76 -14.58
N ARG D 48 -42.84 -39.45 -13.32
CA ARG D 48 -42.62 -38.13 -12.75
C ARG D 48 -41.75 -38.25 -11.51
N PHE D 49 -40.73 -37.40 -11.43
CA PHE D 49 -39.82 -37.33 -10.30
C PHE D 49 -40.08 -36.05 -9.53
N ALA D 50 -39.86 -36.11 -8.21
CA ALA D 50 -40.20 -34.99 -7.34
C ALA D 50 -39.12 -33.91 -7.40
N SER D 51 -39.47 -32.74 -6.88
CA SER D 51 -38.49 -31.68 -6.69
C SER D 51 -37.55 -32.06 -5.55
N VAL D 52 -36.60 -31.17 -5.24
CA VAL D 52 -35.59 -31.55 -4.26
C VAL D 52 -36.11 -31.29 -2.85
N TYR D 53 -36.78 -30.16 -2.65
CA TYR D 53 -37.26 -29.78 -1.33
C TYR D 53 -38.25 -30.80 -0.76
N ALA D 54 -38.90 -31.58 -1.62
CA ALA D 54 -39.77 -32.68 -1.20
C ALA D 54 -39.37 -33.91 -2.03
N TRP D 55 -38.35 -34.63 -1.57
CA TRP D 55 -37.94 -35.84 -2.24
C TRP D 55 -38.90 -36.98 -1.91
N ASN D 56 -38.86 -38.02 -2.73
CA ASN D 56 -39.77 -39.15 -2.61
C ASN D 56 -39.02 -40.35 -2.04
N ARG D 57 -39.45 -40.82 -0.87
CA ARG D 57 -38.85 -41.97 -0.21
C ARG D 57 -39.77 -43.18 -0.35
N ARG D 58 -39.21 -44.30 -0.82
CA ARG D 58 -39.96 -45.53 -0.99
C ARG D 58 -39.27 -46.64 -0.23
N ARG D 59 -39.99 -47.25 0.71
CA ARG D 59 -39.46 -48.40 1.44
C ARG D 59 -39.35 -49.60 0.52
N ILE D 60 -38.25 -50.35 0.66
CA ILE D 60 -38.04 -51.60 -0.07
C ILE D 60 -37.72 -52.67 0.96
N SER D 61 -38.59 -53.68 1.05
CA SER D 61 -38.42 -54.76 2.01
C SER D 61 -39.22 -55.96 1.52
N ASN D 62 -39.09 -57.08 2.23
CA ASN D 62 -39.82 -58.31 1.94
C ASN D 62 -39.60 -58.77 0.50
N CYS D 63 -38.37 -58.62 0.02
CA CYS D 63 -38.04 -58.96 -1.35
C CYS D 63 -36.53 -59.15 -1.46
N VAL D 64 -36.12 -60.03 -2.38
CA VAL D 64 -34.71 -60.23 -2.69
C VAL D 64 -34.32 -59.25 -3.77
N ALA D 65 -33.33 -58.40 -3.48
CA ALA D 65 -32.94 -57.32 -4.37
C ALA D 65 -31.88 -57.78 -5.36
N ASP D 66 -32.12 -57.54 -6.64
CA ASP D 66 -31.14 -57.77 -7.69
C ASP D 66 -30.45 -56.44 -7.96
N TYR D 67 -29.27 -56.25 -7.38
CA TYR D 67 -28.48 -55.07 -7.67
C TYR D 67 -27.72 -55.20 -8.98
N SER D 68 -27.57 -56.42 -9.50
CA SER D 68 -26.80 -56.61 -10.72
C SER D 68 -27.47 -55.97 -11.92
N VAL D 69 -28.80 -55.81 -11.88
CA VAL D 69 -29.49 -55.11 -12.96
C VAL D 69 -29.19 -53.61 -12.93
N LEU D 70 -28.81 -53.08 -11.76
CA LEU D 70 -28.46 -51.67 -11.67
C LEU D 70 -27.08 -51.39 -12.25
N TYR D 71 -26.14 -52.34 -12.14
CA TYR D 71 -24.82 -52.15 -12.73
C TYR D 71 -24.91 -52.08 -14.24
N ASN D 72 -25.75 -52.92 -14.84
CA ASN D 72 -25.78 -53.07 -16.29
C ASN D 72 -26.21 -51.78 -16.97
N THR D 73 -27.16 -51.06 -16.38
CA THR D 73 -27.67 -49.83 -16.99
C THR D 73 -26.54 -48.82 -17.18
N THR D 74 -26.29 -48.45 -18.43
CA THR D 74 -25.20 -47.56 -18.78
C THR D 74 -25.60 -46.09 -18.78
N SER D 75 -26.90 -45.78 -18.73
CA SER D 75 -27.35 -44.40 -18.75
C SER D 75 -27.05 -43.65 -17.45
N PHE D 76 -26.72 -44.36 -16.38
CA PHE D 76 -26.39 -43.72 -15.10
C PHE D 76 -25.06 -42.99 -15.25
N SER D 77 -25.13 -41.66 -15.38
CA SER D 77 -23.91 -40.88 -15.55
C SER D 77 -23.08 -40.86 -14.28
N THR D 78 -23.73 -40.80 -13.12
CA THR D 78 -23.04 -40.78 -11.82
C THR D 78 -23.61 -41.91 -10.96
N PHE D 79 -23.04 -43.11 -11.11
CA PHE D 79 -23.36 -44.24 -10.25
C PHE D 79 -22.19 -44.39 -9.28
N LYS D 80 -22.38 -43.95 -8.04
CA LYS D 80 -21.32 -43.96 -7.03
C LYS D 80 -21.93 -44.30 -5.68
N CYS D 81 -21.66 -45.52 -5.20
CA CYS D 81 -22.15 -45.94 -3.89
C CYS D 81 -21.18 -45.52 -2.81
N TYR D 82 -21.69 -45.13 -1.65
CA TYR D 82 -20.83 -44.67 -0.57
C TYR D 82 -21.03 -45.53 0.66
N GLY D 83 -19.98 -46.25 1.04
CA GLY D 83 -20.03 -47.11 2.20
C GLY D 83 -19.85 -48.57 1.85
N VAL D 84 -20.40 -49.02 0.73
CA VAL D 84 -20.38 -50.43 0.32
C VAL D 84 -20.08 -50.53 -1.17
N SER D 85 -19.27 -51.54 -1.52
CA SER D 85 -19.00 -51.81 -2.92
C SER D 85 -20.24 -52.41 -3.58
N PRO D 86 -20.54 -52.02 -4.82
CA PRO D 86 -21.68 -52.61 -5.52
C PRO D 86 -21.54 -54.11 -5.73
N THR D 87 -20.32 -54.60 -5.94
CA THR D 87 -20.12 -56.02 -6.26
C THR D 87 -20.50 -56.92 -5.10
N LYS D 88 -20.28 -56.47 -3.86
CA LYS D 88 -20.63 -57.26 -2.69
C LYS D 88 -22.01 -56.93 -2.13
N LEU D 89 -22.75 -56.04 -2.78
CA LEU D 89 -24.13 -55.76 -2.36
C LEU D 89 -25.01 -56.99 -2.51
N ASN D 90 -24.86 -57.72 -3.62
CA ASN D 90 -25.69 -58.90 -3.84
C ASN D 90 -25.41 -59.99 -2.80
N ASP D 91 -24.23 -59.99 -2.19
CA ASP D 91 -23.88 -60.99 -1.20
C ASP D 91 -24.29 -60.60 0.22
N LEU D 92 -24.74 -59.37 0.43
CA LEU D 92 -25.13 -58.88 1.75
C LEU D 92 -26.62 -58.57 1.78
N CYS D 93 -27.21 -58.70 2.97
CA CYS D 93 -28.64 -58.52 3.16
C CYS D 93 -28.89 -57.43 4.20
N PHE D 94 -30.02 -56.74 4.03
CA PHE D 94 -30.41 -55.64 4.92
C PHE D 94 -31.86 -55.79 5.31
N THR D 95 -32.18 -55.32 6.53
CA THR D 95 -33.55 -55.40 7.01
C THR D 95 -34.46 -54.39 6.31
N ASN D 96 -33.90 -53.29 5.81
CA ASN D 96 -34.66 -52.29 5.11
C ASN D 96 -33.80 -51.66 4.03
N VAL D 97 -34.46 -51.13 3.00
CA VAL D 97 -33.79 -50.43 1.90
C VAL D 97 -34.61 -49.20 1.57
N TYR D 98 -34.05 -48.02 1.83
CA TYR D 98 -34.69 -46.74 1.50
C TYR D 98 -34.15 -46.23 0.18
N ALA D 99 -35.05 -45.82 -0.72
CA ALA D 99 -34.68 -45.29 -2.02
C ALA D 99 -35.34 -43.92 -2.18
N ASP D 100 -34.53 -42.88 -2.29
CA ASP D 100 -35.01 -41.51 -2.36
C ASP D 100 -34.82 -40.98 -3.79
N SER D 101 -35.89 -40.39 -4.33
CA SER D 101 -35.88 -39.90 -5.71
C SER D 101 -36.23 -38.41 -5.74
N PHE D 102 -35.51 -37.67 -6.58
CA PHE D 102 -35.71 -36.23 -6.76
C PHE D 102 -34.87 -35.77 -7.95
N VAL D 103 -35.06 -34.51 -8.34
CA VAL D 103 -34.43 -33.93 -9.52
C VAL D 103 -33.68 -32.67 -9.14
N VAL D 104 -32.37 -32.66 -9.37
CA VAL D 104 -31.53 -31.49 -9.10
C VAL D 104 -30.97 -30.95 -10.40
N ARG D 105 -30.18 -29.87 -10.31
CA ARG D 105 -29.47 -29.34 -11.46
C ARG D 105 -28.20 -30.15 -11.72
N GLY D 106 -27.63 -29.95 -12.90
CA GLY D 106 -26.54 -30.81 -13.34
C GLY D 106 -25.32 -30.75 -12.44
N ASP D 107 -24.87 -29.54 -12.12
CA ASP D 107 -23.69 -29.38 -11.27
C ASP D 107 -24.02 -29.48 -9.79
N GLU D 108 -25.30 -29.57 -9.43
CA GLU D 108 -25.71 -29.77 -8.05
C GLU D 108 -25.79 -31.23 -7.66
N VAL D 109 -25.51 -32.14 -8.59
CA VAL D 109 -25.47 -33.57 -8.27
C VAL D 109 -24.35 -33.85 -7.27
N ARG D 110 -23.24 -33.10 -7.37
CA ARG D 110 -22.15 -33.27 -6.42
C ARG D 110 -22.60 -33.02 -4.99
N GLN D 111 -23.59 -32.15 -4.79
CA GLN D 111 -24.10 -31.91 -3.44
C GLN D 111 -24.83 -33.12 -2.88
N ILE D 112 -25.27 -34.04 -3.73
CA ILE D 112 -25.88 -35.29 -3.28
C ILE D 112 -24.73 -36.26 -3.08
N ALA D 113 -24.07 -36.13 -1.93
CA ALA D 113 -22.84 -36.86 -1.61
C ALA D 113 -22.53 -36.62 -0.13
N PRO D 114 -21.75 -37.51 0.48
CA PRO D 114 -21.48 -37.37 1.92
C PRO D 114 -20.74 -36.09 2.24
N GLY D 115 -21.21 -35.41 3.30
CA GLY D 115 -20.49 -34.28 3.87
C GLY D 115 -20.21 -33.14 2.91
N GLN D 116 -21.04 -32.96 1.89
CA GLN D 116 -20.87 -31.85 0.97
C GLN D 116 -21.67 -30.64 1.45
N THR D 117 -21.29 -29.46 0.94
CA THR D 117 -21.93 -28.21 1.31
C THR D 117 -22.33 -27.44 0.06
N GLY D 118 -23.43 -26.70 0.18
CA GLY D 118 -23.93 -25.93 -0.94
C GLY D 118 -25.35 -25.49 -0.67
N LYS D 119 -26.08 -25.18 -1.75
CA LYS D 119 -27.48 -24.81 -1.60
C LYS D 119 -28.36 -26.05 -1.40
N ILE D 120 -28.18 -27.06 -2.24
CA ILE D 120 -29.02 -28.25 -2.17
C ILE D 120 -28.70 -29.06 -0.91
N ALA D 121 -27.41 -29.32 -0.67
CA ALA D 121 -27.04 -30.19 0.45
C ALA D 121 -27.42 -29.58 1.79
N ASP D 122 -27.34 -28.26 1.92
CA ASP D 122 -27.63 -27.61 3.18
C ASP D 122 -29.10 -27.25 3.36
N TYR D 123 -29.85 -27.07 2.27
CA TYR D 123 -31.23 -26.63 2.36
C TYR D 123 -32.24 -27.61 1.77
N ASN D 124 -31.80 -28.58 0.98
CA ASN D 124 -32.74 -29.43 0.24
C ASN D 124 -32.63 -30.91 0.58
N TYR D 125 -31.44 -31.49 0.52
CA TYR D 125 -31.28 -32.94 0.77
C TYR D 125 -29.85 -33.18 1.22
N LYS D 126 -29.67 -33.45 2.51
CA LYS D 126 -28.35 -33.70 3.09
C LYS D 126 -28.18 -35.19 3.37
N LEU D 127 -27.10 -35.76 2.86
CA LEU D 127 -26.72 -37.13 3.17
C LEU D 127 -25.87 -37.19 4.44
N PRO D 128 -26.00 -38.25 5.23
CA PRO D 128 -25.15 -38.38 6.41
C PRO D 128 -23.68 -38.49 6.05
N ASP D 129 -22.83 -37.93 6.91
CA ASP D 129 -21.39 -38.02 6.69
C ASP D 129 -20.92 -39.47 6.76
N ASP D 130 -21.58 -40.29 7.56
CA ASP D 130 -21.29 -41.72 7.68
C ASP D 130 -22.11 -42.56 6.72
N PHE D 131 -22.46 -42.01 5.57
CA PHE D 131 -23.40 -42.65 4.65
C PHE D 131 -22.91 -44.02 4.21
N MET D 132 -23.79 -45.01 4.27
CA MET D 132 -23.54 -46.36 3.79
C MET D 132 -24.63 -46.69 2.79
N GLY D 133 -24.35 -46.48 1.50
CA GLY D 133 -25.36 -46.67 0.48
C GLY D 133 -24.86 -46.22 -0.88
N CYS D 134 -25.80 -45.80 -1.72
CA CYS D 134 -25.51 -45.44 -3.10
C CYS D 134 -26.13 -44.11 -3.48
N VAL D 135 -25.54 -43.48 -4.50
CA VAL D 135 -26.07 -42.27 -5.12
C VAL D 135 -26.00 -42.46 -6.63
N ILE D 136 -27.16 -42.45 -7.29
CA ILE D 136 -27.27 -42.66 -8.72
C ILE D 136 -28.00 -41.48 -9.34
N ALA D 137 -27.52 -41.02 -10.49
CA ALA D 137 -28.17 -39.91 -11.18
C ALA D 137 -27.91 -40.02 -12.68
N TRP D 138 -28.88 -39.54 -13.46
CA TRP D 138 -28.80 -39.52 -14.92
C TRP D 138 -29.49 -38.26 -15.42
N ASN D 139 -29.34 -38.02 -16.73
CA ASN D 139 -29.86 -36.79 -17.34
C ASN D 139 -31.33 -36.97 -17.69
N SER D 140 -32.14 -35.95 -17.37
CA SER D 140 -33.57 -35.97 -17.63
C SER D 140 -34.02 -34.78 -18.50
N ILE D 141 -33.17 -34.37 -19.45
CA ILE D 141 -33.58 -33.37 -20.44
C ILE D 141 -34.79 -33.86 -21.24
N SER D 142 -34.74 -35.10 -21.72
CA SER D 142 -35.83 -35.60 -22.55
C SER D 142 -37.16 -35.60 -21.81
N LEU D 143 -37.13 -35.81 -20.50
CA LEU D 143 -38.36 -35.98 -19.74
C LEU D 143 -38.85 -34.69 -19.08
N ASP D 144 -37.88 -33.95 -18.51
CA ASP D 144 -38.25 -32.80 -17.67
C ASP D 144 -38.28 -31.47 -18.43
N ALA D 145 -37.42 -31.27 -19.42
CA ALA D 145 -37.45 -29.94 -20.05
C ALA D 145 -37.45 -30.04 -21.58
N LYS D 146 -38.40 -29.39 -22.25
CA LYS D 146 -38.35 -29.39 -23.74
C LYS D 146 -38.38 -27.97 -24.30
N VAL D 147 -38.73 -26.98 -23.48
CA VAL D 147 -38.90 -25.61 -24.04
C VAL D 147 -38.52 -24.56 -23.00
N GLY D 148 -38.47 -23.29 -23.41
CA GLY D 148 -38.08 -22.21 -22.50
C GLY D 148 -38.99 -22.13 -21.30
N GLY D 149 -40.24 -22.56 -21.44
CA GLY D 149 -41.16 -22.42 -20.30
C GLY D 149 -41.29 -23.70 -19.49
N ASN D 150 -40.33 -24.61 -19.56
CA ASN D 150 -40.53 -25.90 -18.83
C ASN D 150 -40.03 -25.82 -17.39
N TYR D 151 -40.53 -24.86 -16.61
CA TYR D 151 -40.14 -24.78 -15.19
C TYR D 151 -41.27 -25.34 -14.35
N ASN D 152 -41.16 -26.59 -13.93
CA ASN D 152 -42.18 -27.15 -13.02
C ASN D 152 -41.46 -27.73 -11.81
N TYR D 153 -40.14 -27.67 -11.81
CA TYR D 153 -39.35 -28.27 -10.71
C TYR D 153 -38.86 -27.15 -9.80
N TYR D 154 -38.95 -27.33 -8.48
CA TYR D 154 -38.61 -26.30 -7.52
C TYR D 154 -37.47 -26.76 -6.62
N TYR D 155 -36.97 -25.83 -5.82
CA TYR D 155 -35.93 -26.11 -4.85
C TYR D 155 -35.96 -25.03 -3.77
N ARG D 156 -35.40 -25.36 -2.61
CA ARG D 156 -35.38 -24.45 -1.48
C ARG D 156 -34.14 -23.59 -1.53
N LEU D 157 -34.33 -22.27 -1.60
CA LEU D 157 -33.22 -21.33 -1.69
C LEU D 157 -32.78 -20.77 -0.35
N PHE D 158 -33.69 -20.67 0.62
CA PHE D 158 -33.38 -20.12 1.94
C PHE D 158 -33.97 -20.99 3.02
N ARG D 159 -33.21 -21.18 4.11
CA ARG D 159 -33.69 -21.86 5.30
C ARG D 159 -32.86 -21.39 6.48
N LYS D 160 -33.53 -21.14 7.62
CA LYS D 160 -32.84 -20.63 8.79
C LYS D 160 -31.75 -21.60 9.25
N SER D 161 -32.11 -22.86 9.45
CA SER D 161 -31.17 -23.89 9.86
C SER D 161 -30.70 -24.69 8.66
N VAL D 162 -29.55 -25.34 8.81
CA VAL D 162 -29.10 -26.32 7.84
C VAL D 162 -29.88 -27.60 8.04
N LEU D 163 -30.13 -28.32 6.95
CA LEU D 163 -30.91 -29.55 7.04
C LEU D 163 -30.10 -30.63 7.76
N LYS D 164 -30.65 -31.15 8.85
CA LYS D 164 -30.09 -32.34 9.44
C LYS D 164 -30.20 -33.49 8.44
N PRO D 165 -29.30 -34.48 8.51
CA PRO D 165 -29.29 -35.53 7.48
C PRO D 165 -30.64 -36.25 7.40
N PHE D 166 -31.02 -36.56 6.16
CA PHE D 166 -32.29 -37.23 5.86
C PHE D 166 -33.50 -36.45 6.36
N GLU D 167 -33.48 -35.13 6.14
CA GLU D 167 -34.58 -34.26 6.52
C GLU D 167 -35.28 -33.73 5.27
N ARG D 168 -36.55 -33.42 5.41
CA ARG D 168 -37.35 -32.85 4.34
C ARG D 168 -38.15 -31.68 4.89
N ASP D 169 -38.00 -30.52 4.27
CA ASP D 169 -38.73 -29.32 4.67
C ASP D 169 -39.67 -28.93 3.53
N ILE D 170 -40.97 -29.17 3.74
CA ILE D 170 -41.99 -28.83 2.76
C ILE D 170 -42.57 -27.44 3.01
N SER D 171 -41.94 -26.66 3.88
CA SER D 171 -42.53 -25.38 4.27
C SER D 171 -42.59 -24.40 3.11
N THR D 172 -43.74 -23.72 2.98
CA THR D 172 -43.90 -22.61 2.05
C THR D 172 -43.80 -21.25 2.74
N GLN D 173 -43.55 -21.24 4.05
CA GLN D 173 -43.50 -20.00 4.81
C GLN D 173 -42.27 -19.18 4.41
N LEU D 174 -42.42 -17.86 4.50
CA LEU D 174 -41.43 -16.94 3.97
C LEU D 174 -40.12 -17.01 4.75
N TYR D 175 -39.17 -16.18 4.34
CA TYR D 175 -37.82 -16.15 4.91
C TYR D 175 -37.53 -14.72 5.35
N GLN D 176 -37.60 -14.48 6.66
CA GLN D 176 -37.38 -13.14 7.22
C GLN D 176 -35.88 -12.88 7.32
N ALA D 177 -35.33 -12.28 6.27
CA ALA D 177 -33.91 -11.91 6.30
C ALA D 177 -33.66 -10.67 7.15
N GLY D 178 -34.59 -9.72 7.13
CA GLY D 178 -34.47 -8.50 7.89
C GLY D 178 -35.08 -8.60 9.27
N ASP D 179 -35.19 -7.44 9.91
CA ASP D 179 -35.78 -7.34 11.25
C ASP D 179 -37.22 -6.83 11.22
N LYS D 180 -37.82 -6.72 10.03
CA LYS D 180 -39.21 -6.30 9.90
C LYS D 180 -40.10 -7.52 9.71
N PRO D 181 -41.26 -7.56 10.36
CA PRO D 181 -42.14 -8.73 10.24
C PRO D 181 -42.54 -9.00 8.80
N CYS D 182 -42.71 -10.29 8.49
CA CYS D 182 -43.00 -10.76 7.13
C CYS D 182 -44.45 -11.20 7.05
N SER D 183 -45.25 -10.42 6.33
CA SER D 183 -46.61 -10.79 5.99
C SER D 183 -46.85 -10.81 4.50
N VAL D 184 -45.87 -10.40 3.70
CA VAL D 184 -45.97 -10.38 2.25
C VAL D 184 -44.55 -10.40 1.69
N GLU D 185 -44.38 -11.04 0.53
CA GLU D 185 -43.07 -11.06 -0.10
C GLU D 185 -42.68 -9.64 -0.50
N GLY D 186 -41.67 -9.08 0.18
CA GLY D 186 -41.27 -7.72 -0.03
C GLY D 186 -39.77 -7.57 -0.18
N PRO D 187 -39.24 -6.45 0.30
CA PRO D 187 -37.80 -6.20 0.14
C PRO D 187 -36.92 -7.27 0.77
N ASP D 188 -37.19 -7.65 2.02
CA ASP D 188 -36.37 -8.63 2.72
C ASP D 188 -37.14 -9.87 3.12
N CYS D 189 -38.39 -10.01 2.69
CA CYS D 189 -39.15 -11.23 2.87
C CYS D 189 -39.18 -11.99 1.55
N TYR D 190 -38.58 -13.18 1.54
CA TYR D 190 -38.43 -13.98 0.34
C TYR D 190 -39.22 -15.27 0.46
N TYR D 191 -39.84 -15.69 -0.63
CA TYR D 191 -40.45 -17.01 -0.69
C TYR D 191 -39.32 -18.04 -0.69
N PRO D 192 -39.32 -19.00 0.24
CA PRO D 192 -38.15 -19.89 0.37
C PRO D 192 -37.91 -20.73 -0.87
N LEU D 193 -38.96 -21.25 -1.47
CA LEU D 193 -38.83 -22.07 -2.66
C LEU D 193 -38.67 -21.19 -3.89
N GLN D 194 -37.80 -21.62 -4.80
CA GLN D 194 -37.68 -21.00 -6.12
C GLN D 194 -37.76 -22.11 -7.16
N SER D 195 -37.87 -21.71 -8.42
CA SER D 195 -38.15 -22.64 -9.50
C SER D 195 -36.91 -22.84 -10.36
N TYR D 196 -36.49 -24.10 -10.51
CA TYR D 196 -35.50 -24.43 -11.53
C TYR D 196 -36.04 -24.06 -12.90
N GLY D 197 -35.19 -23.46 -13.72
CA GLY D 197 -35.52 -23.26 -15.11
C GLY D 197 -34.83 -24.28 -15.98
N PHE D 198 -35.55 -25.32 -16.40
CA PHE D 198 -34.96 -26.41 -17.15
C PHE D 198 -35.35 -26.25 -18.63
N GLN D 199 -34.36 -26.07 -19.48
CA GLN D 199 -34.56 -25.88 -20.91
C GLN D 199 -33.53 -26.69 -21.67
N SER D 200 -33.94 -27.24 -22.81
CA SER D 200 -33.06 -28.11 -23.58
C SER D 200 -31.82 -27.38 -24.09
N THR D 201 -31.87 -26.05 -24.15
CA THR D 201 -30.71 -25.27 -24.58
C THR D 201 -29.72 -25.02 -23.44
N ASN D 202 -30.10 -25.31 -22.20
CA ASN D 202 -29.19 -25.10 -21.06
C ASN D 202 -27.99 -26.02 -21.16
N GLY D 203 -26.88 -25.59 -20.56
CA GLY D 203 -25.69 -26.41 -20.50
C GLY D 203 -25.84 -27.53 -19.48
N VAL D 204 -24.83 -28.40 -19.46
CA VAL D 204 -24.88 -29.61 -18.64
C VAL D 204 -25.11 -29.26 -17.17
N GLY D 205 -24.48 -28.18 -16.70
CA GLY D 205 -24.67 -27.76 -15.32
C GLY D 205 -26.10 -27.39 -15.00
N TYR D 206 -26.80 -26.78 -15.96
CA TYR D 206 -28.18 -26.33 -15.77
C TYR D 206 -29.19 -27.26 -16.43
N GLN D 207 -28.83 -28.52 -16.62
CA GLN D 207 -29.78 -29.49 -17.15
C GLN D 207 -30.33 -30.36 -16.03
N PRO D 208 -31.61 -30.74 -16.08
CA PRO D 208 -32.19 -31.51 -14.98
C PRO D 208 -31.62 -32.92 -14.93
N TYR D 209 -31.25 -33.35 -13.72
CA TYR D 209 -30.78 -34.70 -13.46
C TYR D 209 -31.66 -35.35 -12.40
N ARG D 210 -32.21 -36.51 -12.71
CA ARG D 210 -32.95 -37.28 -11.74
C ARG D 210 -31.96 -38.05 -10.85
N VAL D 211 -32.18 -37.99 -9.54
CA VAL D 211 -31.27 -38.57 -8.56
C VAL D 211 -32.02 -39.59 -7.73
N VAL D 212 -31.48 -40.80 -7.67
CA VAL D 212 -31.99 -41.84 -6.77
C VAL D 212 -30.89 -42.17 -5.77
N VAL D 213 -31.23 -42.13 -4.49
CA VAL D 213 -30.30 -42.42 -3.41
C VAL D 213 -30.79 -43.66 -2.68
N LEU D 214 -29.99 -44.72 -2.74
CA LEU D 214 -30.29 -45.96 -2.05
C LEU D 214 -29.48 -46.02 -0.76
N SER D 215 -30.18 -45.91 0.38
CA SER D 215 -29.56 -46.10 1.67
C SER D 215 -29.86 -47.53 2.16
N PHE D 216 -29.33 -47.85 3.34
CA PHE D 216 -29.58 -49.13 3.96
C PHE D 216 -29.79 -48.92 5.45
N GLU D 217 -30.44 -49.89 6.09
CA GLU D 217 -30.80 -49.76 7.50
C GLU D 217 -30.81 -51.15 8.13
N LEU D 218 -29.80 -51.43 8.95
CA LEU D 218 -29.71 -52.70 9.66
C LEU D 218 -30.29 -52.54 11.06
N LEU D 219 -31.24 -53.41 11.39
CA LEU D 219 -31.89 -53.42 12.70
C LEU D 219 -31.82 -54.83 13.27
N ASN D 220 -32.44 -55.02 14.44
CA ASN D 220 -32.63 -56.36 15.01
C ASN D 220 -33.94 -56.92 14.44
N ALA D 221 -33.83 -57.43 13.22
CA ALA D 221 -34.96 -57.96 12.48
C ALA D 221 -34.44 -58.86 11.37
N PRO D 222 -35.27 -59.76 10.85
CA PRO D 222 -34.82 -60.64 9.76
C PRO D 222 -34.43 -59.84 8.53
N ALA D 223 -33.65 -60.48 7.66
CA ALA D 223 -33.16 -59.84 6.45
C ALA D 223 -34.29 -59.72 5.43
N THR D 224 -35.06 -58.63 5.50
CA THR D 224 -36.19 -58.46 4.60
C THR D 224 -35.73 -58.15 3.18
N VAL D 225 -34.52 -57.65 2.99
CA VAL D 225 -33.92 -57.47 1.67
C VAL D 225 -32.62 -58.28 1.65
N CYS D 226 -32.52 -59.20 0.69
CA CYS D 226 -31.37 -60.09 0.61
C CYS D 226 -30.78 -60.08 -0.80
N GLY D 227 -29.86 -61.00 -1.05
CA GLY D 227 -29.33 -61.22 -2.38
C GLY D 227 -29.84 -62.52 -2.96
N PRO D 228 -29.67 -62.68 -4.28
CA PRO D 228 -30.18 -63.90 -4.93
C PRO D 228 -29.59 -65.19 -4.38
N LYS D 229 -28.34 -65.16 -3.92
CA LYS D 229 -27.71 -66.38 -3.41
C LYS D 229 -28.46 -66.93 -2.20
N LYS D 230 -28.84 -66.07 -1.27
CA LYS D 230 -29.55 -66.49 -0.08
C LYS D 230 -31.06 -66.33 -0.25
C1 NAG E . -17.97 -13.41 0.50
C2 NAG E . -16.88 -14.30 1.07
C3 NAG E . -16.70 -15.55 0.19
C4 NAG E . -18.03 -16.28 0.03
C5 NAG E . -19.09 -15.33 -0.51
C6 NAG E . -20.46 -15.95 -0.58
C7 NAG E . -15.30 -12.88 2.30
C8 NAG E . -13.97 -12.18 2.24
N2 NAG E . -15.63 -13.57 1.20
O3 NAG E . -15.72 -16.40 0.77
O4 NAG E . -17.91 -17.38 -0.86
O5 NAG E . -19.20 -14.17 0.34
O6 NAG E . -21.18 -15.79 0.65
O7 NAG E . -16.03 -12.80 3.27
C1 NAG E . -17.68 -18.62 -0.15
C2 NAG E . -18.65 -19.71 -0.60
C3 NAG E . -18.30 -21.06 0.05
C4 NAG E . -16.84 -21.40 -0.19
C5 NAG E . -15.96 -20.26 0.31
C6 NAG E . -14.49 -20.50 0.02
C7 NAG E . -20.54 -19.15 0.89
C8 NAG E . -22.00 -18.80 0.95
N2 NAG E . -20.04 -19.35 -0.34
O3 NAG E . -19.14 -22.08 -0.50
O4 NAG E . -16.52 -22.59 0.52
O5 NAG E . -16.32 -19.05 -0.37
O6 NAG E . -14.26 -20.77 -1.35
O7 NAG E . -19.86 -19.26 1.91
C1 NAG F . -36.47 -49.32 -17.35
C2 NAG F . -35.67 -50.40 -16.60
C3 NAG F . -34.69 -51.07 -17.57
C4 NAG F . -35.45 -51.65 -18.76
C5 NAG F . -36.23 -50.53 -19.45
C6 NAG F . -37.09 -51.03 -20.59
C7 NAG F . -35.30 -50.09 -14.21
C8 NAG F . -34.48 -49.43 -13.15
N2 NAG F . -34.95 -49.83 -15.47
O3 NAG F . -34.00 -52.11 -16.89
O4 NAG F . -34.55 -52.25 -19.68
O5 NAG F . -37.12 -49.91 -18.50
O6 NAG F . -37.98 -50.02 -21.06
O7 NAG F . -36.25 -50.83 -13.94
C1 NAG F . -34.88 -53.65 -19.82
C2 NAG F . -33.79 -54.43 -20.56
C3 NAG F . -34.20 -55.89 -20.64
C4 NAG F . -34.44 -56.45 -19.24
C5 NAG F . -35.43 -55.58 -18.47
C6 NAG F . -35.55 -55.97 -17.02
C7 NAG F . -32.94 -52.71 -22.12
C8 NAG F . -32.69 -52.37 -23.57
N2 NAG F . -33.51 -53.90 -21.89
O3 NAG F . -33.20 -56.63 -21.35
O4 NAG F . -34.95 -57.76 -19.33
O5 NAG F . -35.03 -54.20 -18.49
O6 NAG F . -36.62 -55.30 -16.40
O7 NAG F . -32.65 -51.93 -21.22
C1 NAG G . -8.03 5.47 12.97
C2 NAG G . -9.02 5.90 14.05
C3 NAG G . -10.20 4.93 14.12
C4 NAG G . -10.84 4.77 12.75
C5 NAG G . -9.77 4.34 11.74
C6 NAG G . -10.30 4.23 10.32
C7 NAG G . -8.17 7.13 16.00
C8 NAG G . -7.48 7.03 17.33
N2 NAG G . -8.36 5.98 15.35
O3 NAG G . -11.17 5.42 15.04
O4 NAG G . -11.87 3.78 12.79
O5 NAG G . -8.72 5.31 11.71
O6 NAG G . -9.25 4.02 9.40
O7 NAG G . -8.54 8.20 15.55
C1 NAG H . 0.74 -3.60 34.27
C2 NAG H . 1.02 -3.58 35.78
C3 NAG H . 2.52 -3.72 36.04
C4 NAG H . 3.07 -4.96 35.34
C5 NAG H . 2.71 -4.93 33.86
C6 NAG H . 3.10 -6.20 33.14
C7 NAG H . -0.25 -2.36 37.48
C8 NAG H . -0.69 -1.01 37.97
N2 NAG H . 0.51 -2.36 36.39
O3 NAG H . 2.76 -3.80 37.43
O4 NAG H . 4.49 -5.01 35.48
O5 NAG H . 1.29 -4.80 33.70
O6 NAG H . 4.51 -6.40 33.16
O7 NAG H . -0.58 -3.39 38.05
C1 NAG I . 35.79 14.36 42.71
C2 NAG I . 36.43 15.76 42.68
C3 NAG I . 37.83 15.70 42.06
C4 NAG I . 38.67 14.60 42.70
C5 NAG I . 37.92 13.28 42.66
C6 NAG I . 38.65 12.15 43.34
C7 NAG I . 35.37 17.95 42.33
C8 NAG I . 34.47 18.76 41.45
N2 NAG I . 35.59 16.68 41.95
O3 NAG I . 38.47 16.95 42.21
O4 NAG I . 39.90 14.46 42.00
O5 NAG I . 36.67 13.44 43.36
O6 NAG I . 39.59 12.62 44.28
O7 NAG I . 35.89 18.42 43.35
C1 NAG J . 29.98 5.82 2.74
C2 NAG J . 31.07 4.81 3.12
C3 NAG J . 31.57 4.08 1.88
C4 NAG J . 30.42 3.49 1.09
C5 NAG J . 29.41 4.58 0.75
C6 NAG J . 28.19 4.07 0.03
C7 NAG J . 32.72 4.99 4.93
C8 NAG J . 33.85 5.79 5.49
N2 NAG J . 32.17 5.47 3.81
O3 NAG J . 32.47 3.04 2.27
O4 NAG J . 30.90 2.90 -0.12
O5 NAG J . 28.95 5.18 1.97
O6 NAG J . 27.01 4.73 0.47
O7 NAG J . 32.32 3.97 5.47
C1 NAG K . 34.59 3.49 33.55
C2 NAG K . 34.77 2.37 34.57
C3 NAG K . 36.22 2.27 35.03
C4 NAG K . 37.17 2.18 33.84
C5 NAG K . 36.92 3.37 32.92
C6 NAG K . 37.78 3.34 31.67
C7 NAG K . 32.58 2.29 35.69
C8 NAG K . 31.83 2.54 36.96
N2 NAG K . 33.88 2.55 35.71
O3 NAG K . 36.38 1.12 35.86
O4 NAG K . 38.52 2.17 34.27
O5 NAG K . 35.56 3.36 32.50
O6 NAG K . 38.23 2.03 31.38
O7 NAG K . 32.02 1.87 34.68
ZN ZN L . 19.59 18.15 23.04
C1 NAG M . 38.81 -24.80 23.33
C2 NAG M . 39.02 -25.45 24.71
C3 NAG M . 40.30 -24.92 25.36
C4 NAG M . 41.49 -25.08 24.43
C5 NAG M . 41.19 -24.41 23.10
C6 NAG M . 42.29 -24.61 22.08
C7 NAG M . 37.27 -26.17 26.28
C8 NAG M . 36.13 -25.74 27.13
N2 NAG M . 37.87 -25.20 25.57
O3 NAG M . 40.53 -25.62 26.58
O4 NAG M . 42.65 -24.50 25.01
O5 NAG M . 40.00 -24.97 22.53
O6 NAG M . 41.76 -24.88 20.79
O7 NAG M . 37.64 -27.34 26.22
C1 NAG N . -38.69 -18.81 -37.74
C2 NAG N . -38.92 -20.31 -37.44
C3 NAG N . -40.40 -20.67 -37.51
C4 NAG N . -41.21 -19.74 -36.62
C5 NAG N . -40.96 -18.30 -37.02
C6 NAG N . -41.65 -17.31 -36.13
C7 NAG N . -36.93 -21.62 -38.08
C8 NAG N . -36.29 -22.46 -39.14
N2 NAG N . -38.15 -21.13 -38.36
O3 NAG N . -40.57 -22.01 -37.10
O4 NAG N . -42.60 -20.03 -36.76
O5 NAG N . -39.55 -18.02 -36.90
O6 NAG N . -40.81 -16.21 -35.80
O7 NAG N . -36.38 -21.40 -37.01
C1 NAG O . -14.54 -32.85 -25.09
C2 NAG O . -15.44 -33.78 -25.89
C3 NAG O . -15.97 -34.89 -24.99
C4 NAG O . -14.82 -35.61 -24.30
C5 NAG O . -13.89 -34.62 -23.59
C6 NAG O . -12.64 -35.27 -23.06
C7 NAG O . -16.93 -33.29 -27.77
C8 NAG O . -18.06 -32.45 -28.27
N2 NAG O . -16.53 -33.06 -26.52
O3 NAG O . -16.74 -35.80 -25.75
O4 NAG O . -15.32 -36.54 -23.34
O5 NAG O . -13.46 -33.59 -24.51
O6 NAG O . -11.62 -35.34 -24.05
O7 NAG O . -16.39 -34.13 -28.49
C1 NAG P . 0.81 -30.16 -31.60
C2 NAG P . 1.33 -29.59 -32.92
C3 NAG P . 0.77 -30.40 -34.10
C4 NAG P . 1.06 -31.88 -33.91
C5 NAG P . 0.53 -32.35 -32.56
C6 NAG P . 0.88 -33.79 -32.26
C7 NAG P . 1.91 -27.24 -33.30
C8 NAG P . 1.39 -25.84 -33.41
N2 NAG P . 1.00 -28.18 -33.05
O3 NAG P . 1.36 -29.93 -35.30
O4 NAG P . 0.43 -32.63 -34.95
O5 NAG P . 1.12 -31.56 -31.52
O6 NAG P . 2.23 -33.94 -31.86
O7 NAG P . 3.11 -27.50 -33.42
ZN ZN Q . -14.78 -9.83 -30.31
#